data_3UAJ
#
_entry.id   3UAJ
#
_cell.length_a   95.110
_cell.length_b   134.750
_cell.length_c   106.080
_cell.angle_alpha   90.000
_cell.angle_beta   106.700
_cell.angle_gamma   90.000
#
_symmetry.space_group_name_H-M   'P 1 21 1'
#
loop_
_entity.id
_entity.type
_entity.pdbx_description
1 polymer 'envelope protein'
2 polymer 'Heavy chain, monoclonal antibody 5H2'
3 polymer 'Light chain, monoclonal antibody 5H2'
4 non-polymer 2-acetamido-2-deoxy-beta-D-glucopyranose
#
loop_
_entity_poly.entity_id
_entity_poly.type
_entity_poly.pdbx_seq_one_letter_code
_entity_poly.pdbx_strand_id
1 'polypeptide(L)'
;MRCVGVGNRDFVEGVSGGAWVDLVLEHGGCVTTMAQGKPTLDFELTKTTAKEVALLRTYCIEASISNITTATRCPTQGEP
YLKEEQDQQYICRRDVVDRGWGNGCGLFGKGGVVTCAKFSCSGKITGNLVQIENLEYTVVVTVHNGDTHAVGNDTSNHGV
TAMITPRSPSVEVKLPDYGELTLDCEPRSGIDFNEMILMKMKKKTWLVHKQWFLDLPLPWTAGADTSEVHWNYKERMVTF
KVPHAKRQDVTVLGSQEGAMHSALAGATEVDSGDGNHMFAGHLKCKVRMEKLRIKGMSYTMCSGKFSIDKEMAETQHGTT
VVKVKYEGAGAPCKVPIEIRDVNKEKVVGRIISSTPLAENTNSVTNIELEPPFGDSYIVIGVGNSALTLHWFRKGPFEDD
DDKAGWSHPQFEKGGGSGGGSGGGSWSHPQFEK
;
B,A
2 'polypeptide(L)'
;EVQLLESGPGLVKPSETLSLTCTVSGGSISDFYWSWLRQSPGKGLEWIGYAHSRVSAYYNPSLKSRVTISVDTSKNQISL
RLSAVTAADTALYYCARQGTGTTGVSEDSFDLWGQGTKVIVSLASTKGPSVFPLAPSSKSTSGGTAALGCLVKDYFPEPV
TVSWNSGALTSGVHTFPAVLQSSGLYSLSSVVTVPSSSLGTQTYICNVDHKPSNTKVDKKVEPKSCDTTSHHHHHH
;
H,C
3 'polypeptide(L)'
;AELQMTQSPSSLSASVGDRVTITCRASQDISIRLNWYQQKPGKAPKLLIYDASTLESGVPSRFSGSGSGTDFTLTISSLQ
PEDFATYYCQQFNSYPLTFGGGTKVEIKRTVAAPSVFIFPPSDEQLKSGTASVACLLNNFYPREAKVQWKVDNALQSGNS
QESVTEQDSKDNTYSLSSTLTLSKADYEKHKVYACEVTHQGLSSPVTKSFNRGEC
;
L,D
#
loop_
_chem_comp.id
_chem_comp.type
_chem_comp.name
_chem_comp.formula
NAG D-saccharide, beta linking 2-acetamido-2-deoxy-beta-D-glucopyranose 'C8 H15 N O6'
#
# COMPACT_ATOMS: atom_id res chain seq x y z
N MET A 1 -33.10 32.20 -14.17
CA MET A 1 -32.05 32.92 -13.44
C MET A 1 -30.77 32.09 -13.26
N ARG A 2 -30.70 30.90 -13.88
CA ARG A 2 -29.55 29.98 -13.81
C ARG A 2 -28.31 30.52 -14.54
N CYS A 3 -28.48 31.01 -15.79
CA CYS A 3 -27.39 31.55 -16.62
C CYS A 3 -26.75 32.83 -16.08
N VAL A 4 -27.44 33.53 -15.15
CA VAL A 4 -26.97 34.76 -14.50
C VAL A 4 -25.76 34.43 -13.62
N GLY A 5 -24.62 35.02 -13.95
CA GLY A 5 -23.36 34.81 -13.25
C GLY A 5 -22.36 33.94 -14.00
N VAL A 6 -22.88 33.09 -14.92
CA VAL A 6 -22.08 32.18 -15.73
C VAL A 6 -21.30 32.98 -16.80
N GLY A 7 -19.99 32.74 -16.89
CA GLY A 7 -19.09 33.39 -17.82
C GLY A 7 -19.41 33.07 -19.27
N ASN A 8 -19.37 31.78 -19.63
CA ASN A 8 -19.68 31.32 -20.99
C ASN A 8 -21.21 31.30 -21.15
N ARG A 9 -21.79 32.45 -21.55
CA ARG A 9 -23.22 32.62 -21.74
C ARG A 9 -23.53 33.19 -23.12
N ASP A 10 -24.52 32.60 -23.80
CA ASP A 10 -24.96 33.00 -25.13
C ASP A 10 -26.43 33.41 -25.12
N PHE A 11 -26.74 34.57 -25.71
CA PHE A 11 -28.10 35.10 -25.81
C PHE A 11 -28.66 34.83 -27.20
N VAL A 12 -29.76 34.05 -27.27
CA VAL A 12 -30.39 33.69 -28.54
C VAL A 12 -31.82 34.26 -28.60
N GLU A 13 -32.09 35.08 -29.63
CA GLU A 13 -33.39 35.72 -29.87
C GLU A 13 -34.15 34.93 -30.95
N GLY A 14 -35.45 34.72 -30.71
CA GLY A 14 -36.33 33.99 -31.62
C GLY A 14 -36.76 34.73 -32.87
N VAL A 15 -37.56 34.05 -33.71
CA VAL A 15 -38.11 34.57 -34.97
C VAL A 15 -39.16 35.65 -34.67
N SER A 16 -39.44 36.55 -35.65
CA SER A 16 -40.41 37.65 -35.56
C SER A 16 -41.75 37.26 -34.95
N GLY A 17 -42.27 36.10 -35.33
CA GLY A 17 -43.52 35.55 -34.82
C GLY A 17 -43.35 34.66 -33.60
N GLY A 18 -42.13 34.16 -33.41
CA GLY A 18 -41.77 33.28 -32.31
C GLY A 18 -41.77 31.81 -32.73
N ALA A 19 -42.54 30.98 -31.99
CA ALA A 19 -42.74 29.53 -32.20
C ALA A 19 -41.52 28.61 -32.11
N TRP A 20 -40.34 29.02 -32.63
CA TRP A 20 -39.13 28.20 -32.59
C TRP A 20 -37.83 28.99 -32.40
N VAL A 21 -36.85 28.40 -31.70
CA VAL A 21 -35.52 28.98 -31.41
C VAL A 21 -34.44 27.92 -31.67
N ASP A 22 -33.43 28.27 -32.50
CA ASP A 22 -32.28 27.40 -32.82
C ASP A 22 -31.13 27.73 -31.86
N LEU A 23 -30.65 26.72 -31.11
CA LEU A 23 -29.57 26.89 -30.14
C LEU A 23 -28.55 25.73 -30.11
N VAL A 24 -27.33 26.01 -29.61
CA VAL A 24 -26.23 25.04 -29.48
C VAL A 24 -25.87 24.91 -27.99
N LEU A 25 -25.92 23.69 -27.45
CA LEU A 25 -25.62 23.40 -26.04
C LEU A 25 -24.34 22.60 -25.84
N GLU A 26 -23.51 23.00 -24.87
CA GLU A 26 -22.27 22.32 -24.50
C GLU A 26 -21.97 22.48 -23.01
N HIS A 27 -21.11 21.60 -22.46
CA HIS A 27 -20.72 21.60 -21.04
C HIS A 27 -19.96 22.86 -20.64
N GLY A 28 -20.43 23.49 -19.57
CA GLY A 28 -19.87 24.73 -19.04
C GLY A 28 -20.65 25.95 -19.50
N GLY A 29 -21.09 25.92 -20.77
CA GLY A 29 -21.86 26.98 -21.39
C GLY A 29 -23.31 27.01 -21.01
N CYS A 30 -23.89 28.22 -20.93
CA CYS A 30 -25.29 28.46 -20.59
C CYS A 30 -25.96 29.28 -21.70
N VAL A 31 -27.21 28.92 -22.06
CA VAL A 31 -27.95 29.60 -23.13
C VAL A 31 -29.25 30.24 -22.61
N THR A 32 -29.43 31.55 -22.89
CA THR A 32 -30.64 32.29 -22.51
C THR A 32 -31.48 32.54 -23.77
N THR A 33 -32.74 32.06 -23.75
CA THR A 33 -33.67 32.18 -24.89
C THR A 33 -34.72 33.27 -24.67
N MET A 34 -34.94 34.10 -25.69
CA MET A 34 -35.92 35.19 -25.68
C MET A 34 -36.81 35.13 -26.90
N ALA A 35 -38.13 35.22 -26.69
CA ALA A 35 -39.14 35.18 -27.76
C ALA A 35 -40.35 36.04 -27.41
N GLN A 36 -40.97 36.65 -28.45
CA GLN A 36 -42.14 37.51 -28.30
C GLN A 36 -43.39 36.72 -27.91
N GLY A 37 -43.97 37.08 -26.78
CA GLY A 37 -45.16 36.42 -26.22
C GLY A 37 -44.87 35.12 -25.51
N LYS A 38 -43.58 34.80 -25.31
CA LYS A 38 -43.09 33.58 -24.67
C LYS A 38 -42.14 33.93 -23.51
N PRO A 39 -42.12 33.14 -22.40
CA PRO A 39 -41.23 33.50 -21.28
C PRO A 39 -39.74 33.25 -21.54
N THR A 40 -38.88 34.02 -20.85
CA THR A 40 -37.42 33.92 -20.95
C THR A 40 -36.95 32.69 -20.18
N LEU A 41 -36.21 31.80 -20.86
CA LEU A 41 -35.72 30.54 -20.29
C LEU A 41 -34.20 30.42 -20.30
N ASP A 42 -33.66 29.52 -19.46
CA ASP A 42 -32.23 29.25 -19.31
C ASP A 42 -31.95 27.78 -19.57
N PHE A 43 -31.25 27.47 -20.68
CA PHE A 43 -30.89 26.12 -21.09
C PHE A 43 -29.42 25.82 -20.78
N GLU A 44 -29.15 24.63 -20.22
CA GLU A 44 -27.80 24.19 -19.86
C GLU A 44 -27.69 22.67 -19.91
N LEU A 45 -26.64 22.16 -20.60
CA LEU A 45 -26.35 20.73 -20.72
C LEU A 45 -25.54 20.32 -19.48
N THR A 46 -26.23 19.71 -18.50
CA THR A 46 -25.64 19.28 -17.23
C THR A 46 -24.72 18.07 -17.39
N LYS A 47 -25.24 16.95 -17.93
CA LYS A 47 -24.45 15.73 -18.10
C LYS A 47 -24.73 14.93 -19.37
N THR A 48 -23.69 14.24 -19.88
CA THR A 48 -23.75 13.35 -21.03
C THR A 48 -23.14 12.02 -20.58
N THR A 49 -23.96 10.96 -20.56
CA THR A 49 -23.54 9.64 -20.11
C THR A 49 -23.83 8.50 -21.09
N ALA A 50 -22.94 7.50 -21.13
CA ALA A 50 -23.08 6.32 -21.96
C ALA A 50 -23.79 5.25 -21.12
N LYS A 51 -25.06 4.97 -21.44
CA LYS A 51 -25.91 4.01 -20.72
C LYS A 51 -25.45 2.56 -20.89
N GLU A 52 -25.61 1.99 -22.11
CA GLU A 52 -25.22 0.61 -22.39
C GLU A 52 -23.89 0.53 -23.14
N VAL A 53 -22.85 0.04 -22.45
CA VAL A 53 -21.50 -0.11 -22.98
C VAL A 53 -21.01 -1.56 -22.86
N ALA A 54 -20.55 -2.13 -23.99
CA ALA A 54 -20.06 -3.51 -24.05
C ALA A 54 -18.56 -3.60 -23.73
N LEU A 55 -18.19 -4.55 -22.86
CA LEU A 55 -16.81 -4.80 -22.45
C LEU A 55 -16.00 -5.46 -23.58
N LEU A 56 -14.83 -4.89 -23.90
CA LEU A 56 -13.95 -5.39 -24.96
C LEU A 56 -12.74 -6.15 -24.40
N ARG A 57 -11.95 -5.50 -23.51
CA ARG A 57 -10.75 -6.08 -22.91
C ARG A 57 -10.44 -5.52 -21.52
N THR A 58 -9.83 -6.36 -20.66
CA THR A 58 -9.45 -6.00 -19.29
C THR A 58 -7.96 -6.35 -19.08
N TYR A 59 -7.12 -5.33 -18.86
CA TYR A 59 -5.68 -5.48 -18.64
C TYR A 59 -5.31 -5.50 -17.15
N CYS A 60 -4.10 -6.01 -16.84
CA CYS A 60 -3.56 -6.09 -15.47
C CYS A 60 -2.39 -5.10 -15.33
N ILE A 61 -2.52 -4.15 -14.38
CA ILE A 61 -1.50 -3.13 -14.11
C ILE A 61 -0.64 -3.42 -12.87
N GLU A 62 -1.24 -4.08 -11.86
CA GLU A 62 -0.56 -4.45 -10.61
C GLU A 62 -0.64 -5.96 -10.41
N ALA A 63 0.53 -6.61 -10.28
CA ALA A 63 0.64 -8.06 -10.10
C ALA A 63 1.66 -8.46 -9.02
N SER A 64 1.60 -9.72 -8.56
CA SER A 64 2.49 -10.29 -7.55
C SER A 64 2.77 -11.78 -7.80
N ILE A 65 4.02 -12.21 -7.54
CA ILE A 65 4.47 -13.60 -7.71
C ILE A 65 4.22 -14.44 -6.45
N SER A 66 3.83 -15.71 -6.66
CA SER A 66 3.54 -16.67 -5.59
C SER A 66 3.97 -18.09 -5.98
N ASN A 67 4.28 -18.94 -4.96
CA ASN A 67 4.68 -20.35 -5.07
C ASN A 67 5.60 -20.69 -6.27
N ILE A 68 6.91 -20.41 -6.12
CA ILE A 68 7.90 -20.65 -7.17
C ILE A 68 8.45 -22.08 -7.07
N THR A 69 8.35 -22.85 -8.17
CA THR A 69 8.83 -24.24 -8.25
C THR A 69 9.84 -24.42 -9.37
N THR A 70 11.04 -24.92 -9.01
CA THR A 70 12.14 -25.15 -9.95
C THR A 70 12.41 -26.65 -10.12
N ALA A 71 12.39 -27.13 -11.38
CA ALA A 71 12.66 -28.53 -11.72
C ALA A 71 13.96 -28.62 -12.52
N THR A 72 14.94 -29.33 -11.96
CA THR A 72 16.28 -29.50 -12.54
C THR A 72 16.52 -30.91 -13.10
N ARG A 73 17.28 -30.99 -14.21
CA ARG A 73 17.64 -32.25 -14.88
C ARG A 73 19.09 -32.23 -15.38
N CYS A 74 19.82 -33.32 -15.13
CA CYS A 74 21.22 -33.53 -15.54
C CYS A 74 21.33 -33.81 -17.06
N PRO A 75 22.53 -33.66 -17.70
CA PRO A 75 22.63 -33.96 -19.15
C PRO A 75 22.31 -35.41 -19.53
N THR A 76 22.04 -35.66 -20.83
CA THR A 76 21.64 -36.96 -21.41
C THR A 76 20.24 -37.45 -20.96
N GLN A 77 19.79 -37.01 -19.77
CA GLN A 77 18.49 -37.34 -19.20
C GLN A 77 17.41 -36.49 -19.89
N GLY A 78 16.14 -36.86 -19.73
CA GLY A 78 14.99 -36.17 -20.32
C GLY A 78 14.77 -34.76 -19.79
N GLU A 79 13.88 -34.02 -20.46
CA GLU A 79 13.54 -32.64 -20.08
C GLU A 79 12.67 -32.59 -18.81
N PRO A 80 12.86 -31.59 -17.90
CA PRO A 80 12.04 -31.56 -16.67
C PRO A 80 10.57 -31.18 -16.91
N TYR A 81 9.65 -31.87 -16.22
CA TYR A 81 8.20 -31.64 -16.33
C TYR A 81 7.57 -31.32 -14.98
N LEU A 82 6.69 -30.31 -14.95
CA LEU A 82 5.97 -29.87 -13.77
C LEU A 82 4.46 -29.90 -14.02
N LYS A 83 3.65 -30.10 -12.95
CA LYS A 83 2.19 -30.11 -13.04
C LYS A 83 1.62 -28.71 -13.29
N GLU A 84 2.38 -27.66 -12.90
CA GLU A 84 2.03 -26.25 -13.06
C GLU A 84 2.10 -25.77 -14.52
N GLU A 85 2.81 -26.52 -15.39
CA GLU A 85 2.97 -26.23 -16.82
C GLU A 85 1.65 -26.24 -17.58
N GLN A 86 0.77 -27.20 -17.26
CA GLN A 86 -0.56 -27.34 -17.89
C GLN A 86 -1.59 -26.39 -17.28
N ASP A 87 -1.39 -25.94 -16.02
CA ASP A 87 -2.27 -25.01 -15.32
C ASP A 87 -2.12 -23.60 -15.88
N GLN A 88 -3.25 -22.98 -16.27
CA GLN A 88 -3.30 -21.64 -16.86
C GLN A 88 -2.94 -20.51 -15.91
N GLN A 89 -3.09 -20.71 -14.59
CA GLN A 89 -2.79 -19.72 -13.55
C GLN A 89 -1.28 -19.52 -13.32
N TYR A 90 -0.44 -20.49 -13.74
CA TYR A 90 1.01 -20.46 -13.58
C TYR A 90 1.76 -20.10 -14.87
N ILE A 91 2.82 -19.27 -14.74
CA ILE A 91 3.69 -18.87 -15.86
C ILE A 91 4.97 -19.71 -15.82
N CYS A 92 5.26 -20.42 -16.93
CA CYS A 92 6.43 -21.29 -17.03
C CYS A 92 7.35 -20.95 -18.22
N ARG A 93 8.67 -21.08 -18.01
CA ARG A 93 9.69 -20.83 -19.03
C ARG A 93 10.77 -21.93 -18.99
N ARG A 94 11.18 -22.40 -20.18
CA ARG A 94 12.19 -23.46 -20.34
C ARG A 94 13.53 -22.90 -20.81
N ASP A 95 14.63 -23.41 -20.22
CA ASP A 95 16.01 -23.00 -20.54
C ASP A 95 17.01 -24.11 -20.22
N VAL A 96 18.29 -23.92 -20.62
CA VAL A 96 19.38 -24.87 -20.39
C VAL A 96 20.56 -24.23 -19.66
N VAL A 97 21.03 -24.87 -18.58
CA VAL A 97 22.16 -24.39 -17.75
C VAL A 97 23.36 -25.34 -17.80
N ASP A 98 24.57 -24.81 -17.58
CA ASP A 98 25.81 -25.59 -17.58
C ASP A 98 25.87 -26.50 -16.34
N ARG A 99 25.69 -27.81 -16.55
CA ARG A 99 25.69 -28.83 -15.50
C ARG A 99 26.93 -29.72 -15.57
N GLY A 100 27.39 -30.16 -14.40
CA GLY A 100 28.55 -31.03 -14.26
C GLY A 100 28.71 -31.60 -12.87
N TRP A 101 29.96 -31.88 -12.48
CA TRP A 101 30.31 -32.46 -11.17
C TRP A 101 30.04 -31.48 -10.01
N GLY A 102 30.26 -30.19 -10.25
CA GLY A 102 30.01 -29.13 -9.29
C GLY A 102 28.54 -28.86 -9.06
N ASN A 103 27.72 -29.06 -10.12
CA ASN A 103 26.27 -28.86 -10.11
C ASN A 103 25.52 -30.06 -9.50
N GLY A 104 26.20 -31.21 -9.44
CA GLY A 104 25.66 -32.45 -8.90
C GLY A 104 25.15 -33.41 -9.96
N CYS A 105 25.93 -33.58 -11.05
CA CYS A 105 25.62 -34.45 -12.18
C CYS A 105 26.81 -35.33 -12.53
N GLY A 106 26.53 -36.55 -13.00
CA GLY A 106 27.54 -37.53 -13.40
C GLY A 106 28.27 -37.16 -14.67
N LEU A 107 27.53 -36.57 -15.64
CA LEU A 107 28.08 -36.15 -16.93
C LEU A 107 28.01 -34.63 -17.11
N PHE A 108 28.96 -34.08 -17.90
CA PHE A 108 29.05 -32.65 -18.20
C PHE A 108 28.24 -32.28 -19.44
N GLY A 109 27.67 -31.09 -19.44
CA GLY A 109 26.88 -30.58 -20.55
C GLY A 109 25.70 -29.72 -20.12
N LYS A 110 24.96 -29.19 -21.11
CA LYS A 110 23.78 -28.34 -20.87
C LYS A 110 22.59 -29.15 -20.39
N GLY A 111 22.14 -28.84 -19.18
CA GLY A 111 21.01 -29.50 -18.52
C GLY A 111 19.75 -28.67 -18.52
N GLY A 112 18.63 -29.29 -18.88
CA GLY A 112 17.31 -28.67 -18.95
C GLY A 112 16.74 -28.25 -17.61
N VAL A 113 16.21 -27.01 -17.54
CA VAL A 113 15.60 -26.43 -16.34
C VAL A 113 14.28 -25.72 -16.67
N VAL A 114 13.29 -25.81 -15.75
CA VAL A 114 11.98 -25.18 -15.90
C VAL A 114 11.51 -24.53 -14.58
N THR A 115 11.13 -23.24 -14.64
CA THR A 115 10.68 -22.45 -13.49
C THR A 115 9.21 -22.05 -13.67
N CYS A 116 8.36 -22.34 -12.67
CA CYS A 116 6.94 -22.04 -12.68
C CYS A 116 6.52 -21.19 -11.46
N ALA A 117 5.83 -20.07 -11.72
CA ALA A 117 5.37 -19.14 -10.69
C ALA A 117 3.89 -18.77 -10.88
N LYS A 118 3.14 -18.68 -9.77
CA LYS A 118 1.72 -18.36 -9.77
C LYS A 118 1.50 -16.86 -10.01
N PHE A 119 0.67 -16.52 -11.00
CA PHE A 119 0.35 -15.13 -11.36
C PHE A 119 -0.95 -14.69 -10.69
N SER A 120 -0.88 -13.62 -9.89
CA SER A 120 -2.02 -13.06 -9.18
C SER A 120 -2.12 -11.55 -9.43
N CYS A 121 -3.26 -11.09 -9.97
CA CYS A 121 -3.51 -9.69 -10.29
C CYS A 121 -4.34 -9.01 -9.20
N SER A 122 -3.84 -7.89 -8.66
CA SER A 122 -4.50 -7.11 -7.62
C SER A 122 -5.16 -5.85 -8.18
N GLY A 123 -4.49 -5.19 -9.12
CA GLY A 123 -4.98 -3.98 -9.79
C GLY A 123 -5.23 -4.22 -11.27
N LYS A 124 -6.51 -4.12 -11.68
CA LYS A 124 -6.92 -4.31 -13.07
C LYS A 124 -7.63 -3.11 -13.68
N ILE A 125 -7.37 -2.86 -14.97
CA ILE A 125 -7.95 -1.75 -15.73
C ILE A 125 -9.03 -2.24 -16.72
N THR A 126 -10.19 -1.57 -16.73
CA THR A 126 -11.35 -1.92 -17.57
C THR A 126 -11.45 -0.99 -18.78
N GLY A 127 -11.83 -1.57 -19.93
CA GLY A 127 -11.99 -0.84 -21.19
C GLY A 127 -13.26 -1.23 -21.93
N ASN A 128 -14.27 -0.34 -21.91
CA ASN A 128 -15.57 -0.54 -22.55
C ASN A 128 -15.68 0.14 -23.91
N LEU A 129 -16.37 -0.50 -24.86
CA LEU A 129 -16.59 0.00 -26.21
C LEU A 129 -17.69 1.07 -26.24
N VAL A 130 -17.41 2.21 -26.90
CA VAL A 130 -18.35 3.34 -27.03
C VAL A 130 -19.15 3.31 -28.33
N GLN A 131 -20.36 3.88 -28.28
CA GLN A 131 -21.29 4.00 -29.41
C GLN A 131 -22.09 5.29 -29.30
N ILE A 132 -22.26 6.00 -30.42
CA ILE A 132 -23.00 7.27 -30.48
C ILE A 132 -24.51 7.09 -30.17
N GLU A 133 -25.09 5.93 -30.54
CA GLU A 133 -26.48 5.56 -30.32
C GLU A 133 -26.88 5.53 -28.84
N ASN A 134 -25.97 5.06 -27.96
CA ASN A 134 -26.20 4.97 -26.52
C ASN A 134 -25.53 6.12 -25.75
N LEU A 135 -26.13 7.32 -25.84
CA LEU A 135 -25.68 8.53 -25.15
C LEU A 135 -26.87 9.34 -24.65
N GLU A 136 -26.97 9.49 -23.32
CA GLU A 136 -28.07 10.21 -22.66
C GLU A 136 -27.65 11.63 -22.28
N TYR A 137 -28.20 12.63 -22.99
CA TYR A 137 -27.94 14.05 -22.79
C TYR A 137 -28.97 14.65 -21.83
N THR A 138 -28.51 15.20 -20.69
CA THR A 138 -29.38 15.81 -19.68
C THR A 138 -29.35 17.34 -19.82
N VAL A 139 -30.50 17.93 -20.19
CA VAL A 139 -30.67 19.37 -20.38
C VAL A 139 -31.61 19.93 -19.30
N VAL A 140 -31.18 21.01 -18.63
CA VAL A 140 -31.95 21.67 -17.58
C VAL A 140 -32.54 23.00 -18.09
N VAL A 141 -33.87 23.12 -18.03
CA VAL A 141 -34.60 24.33 -18.44
C VAL A 141 -35.11 25.09 -17.20
N THR A 142 -34.59 26.31 -16.99
CA THR A 142 -34.93 27.15 -15.83
C THR A 142 -35.55 28.48 -16.29
N VAL A 143 -36.70 28.84 -15.68
CA VAL A 143 -37.42 30.08 -15.98
C VAL A 143 -36.85 31.25 -15.14
N HIS A 144 -37.00 32.49 -15.64
CA HIS A 144 -36.56 33.71 -14.96
C HIS A 144 -37.61 34.14 -13.93
N ASN A 145 -37.27 34.04 -12.63
CA ASN A 145 -38.16 34.40 -11.52
C ASN A 145 -37.36 34.85 -10.30
N HIS A 158 -32.84 25.69 -9.60
CA HIS A 158 -33.72 24.54 -9.65
C HIS A 158 -34.77 24.71 -10.75
N GLY A 159 -34.68 23.88 -11.79
CA GLY A 159 -35.58 23.91 -12.93
C GLY A 159 -36.19 22.56 -13.26
N VAL A 160 -36.27 22.25 -14.56
CA VAL A 160 -36.84 20.99 -15.08
C VAL A 160 -35.78 20.27 -15.96
N THR A 161 -35.48 19.00 -15.65
CA THR A 161 -34.49 18.20 -16.39
C THR A 161 -35.16 17.41 -17.53
N ALA A 162 -34.43 17.24 -18.66
CA ALA A 162 -34.91 16.52 -19.84
C ALA A 162 -33.81 15.64 -20.42
N MET A 163 -34.18 14.39 -20.81
CA MET A 163 -33.24 13.41 -21.39
C MET A 163 -33.35 13.35 -22.92
N ILE A 164 -32.19 13.38 -23.60
CA ILE A 164 -32.07 13.31 -25.06
C ILE A 164 -31.11 12.18 -25.47
N THR A 165 -31.58 11.27 -26.33
CA THR A 165 -30.84 10.12 -26.84
C THR A 165 -31.01 10.08 -28.37
N PRO A 166 -30.00 9.71 -29.20
CA PRO A 166 -30.22 9.68 -30.67
C PRO A 166 -31.42 8.84 -31.13
N ARG A 167 -31.86 7.87 -30.30
CA ARG A 167 -33.02 7.00 -30.53
C ARG A 167 -34.31 7.84 -30.39
N SER A 168 -34.40 8.66 -29.33
CA SER A 168 -35.53 9.56 -29.04
C SER A 168 -34.99 11.01 -28.94
N PRO A 169 -34.72 11.68 -30.09
CA PRO A 169 -34.14 13.04 -30.01
C PRO A 169 -35.10 14.15 -29.59
N SER A 170 -36.37 14.08 -30.03
CA SER A 170 -37.38 15.06 -29.70
C SER A 170 -38.11 14.66 -28.42
N VAL A 171 -38.15 15.57 -27.43
CA VAL A 171 -38.81 15.34 -26.15
C VAL A 171 -39.70 16.52 -25.73
N GLU A 172 -40.96 16.24 -25.38
CA GLU A 172 -41.95 17.22 -24.95
C GLU A 172 -41.71 17.53 -23.48
N VAL A 173 -41.22 18.75 -23.19
CA VAL A 173 -40.88 19.20 -21.83
C VAL A 173 -41.98 20.11 -21.26
N LYS A 174 -42.53 19.72 -20.09
CA LYS A 174 -43.57 20.46 -19.39
C LYS A 174 -42.97 21.40 -18.35
N LEU A 175 -43.38 22.68 -18.38
CA LEU A 175 -42.95 23.69 -17.43
C LEU A 175 -44.17 24.21 -16.65
N PRO A 176 -44.38 23.76 -15.39
CA PRO A 176 -45.55 24.19 -14.62
C PRO A 176 -45.74 25.69 -14.52
N ASP A 177 -47.01 26.15 -14.64
CA ASP A 177 -47.47 27.55 -14.62
C ASP A 177 -47.10 28.32 -15.91
N TYR A 178 -46.17 27.77 -16.72
CA TYR A 178 -45.66 28.36 -17.96
C TYR A 178 -46.05 27.58 -19.23
N GLY A 179 -46.80 26.49 -19.08
CA GLY A 179 -47.24 25.66 -20.19
C GLY A 179 -46.29 24.52 -20.49
N GLU A 180 -45.82 24.43 -21.76
CA GLU A 180 -44.89 23.40 -22.22
C GLU A 180 -44.21 23.71 -23.57
N LEU A 181 -43.03 23.08 -23.80
CA LEU A 181 -42.24 23.21 -25.03
C LEU A 181 -41.88 21.83 -25.61
N THR A 182 -41.55 21.79 -26.91
CA THR A 182 -41.12 20.58 -27.60
C THR A 182 -39.62 20.74 -27.91
N LEU A 183 -38.78 20.03 -27.15
CA LEU A 183 -37.32 20.10 -27.30
C LEU A 183 -36.77 19.04 -28.25
N ASP A 184 -36.55 19.44 -29.52
CA ASP A 184 -36.01 18.59 -30.58
C ASP A 184 -34.51 18.88 -30.67
N CYS A 185 -33.67 17.86 -30.48
CA CYS A 185 -32.21 18.02 -30.50
C CYS A 185 -31.51 17.09 -31.51
N GLU A 186 -30.23 17.35 -31.78
CA GLU A 186 -29.40 16.57 -32.70
C GLU A 186 -27.97 16.45 -32.13
N PRO A 187 -27.51 15.23 -31.76
CA PRO A 187 -26.15 15.10 -31.20
C PRO A 187 -25.06 15.22 -32.26
N ARG A 188 -24.15 16.19 -32.08
CA ARG A 188 -23.04 16.44 -33.01
C ARG A 188 -21.69 16.40 -32.28
N SER A 189 -21.01 15.26 -32.38
CA SER A 189 -19.70 15.04 -31.76
C SER A 189 -18.60 15.02 -32.83
N GLY A 190 -17.54 15.78 -32.58
CA GLY A 190 -16.39 15.90 -33.48
C GLY A 190 -15.37 14.79 -33.36
N ILE A 191 -15.68 13.77 -32.53
CA ILE A 191 -14.82 12.61 -32.30
C ILE A 191 -15.48 11.31 -32.78
N ASP A 192 -14.73 10.49 -33.53
CA ASP A 192 -15.21 9.23 -34.08
C ASP A 192 -15.18 8.14 -33.00
N PHE A 193 -16.37 7.70 -32.55
CA PHE A 193 -16.53 6.68 -31.50
C PHE A 193 -16.07 5.28 -31.92
N ASN A 194 -16.00 5.01 -33.24
CA ASN A 194 -15.54 3.73 -33.80
C ASN A 194 -14.04 3.52 -33.57
N GLU A 195 -13.28 4.62 -33.38
CA GLU A 195 -11.85 4.61 -33.14
C GLU A 195 -11.52 5.00 -31.68
N MET A 196 -12.55 5.03 -30.80
CA MET A 196 -12.39 5.38 -29.38
C MET A 196 -12.85 4.26 -28.44
N ILE A 197 -12.26 4.23 -27.22
CA ILE A 197 -12.53 3.25 -26.16
C ILE A 197 -12.66 3.95 -24.80
N LEU A 198 -13.74 3.64 -24.05
CA LEU A 198 -14.00 4.19 -22.72
C LEU A 198 -13.26 3.36 -21.67
N MET A 199 -12.06 3.81 -21.29
CA MET A 199 -11.19 3.14 -20.34
C MET A 199 -11.40 3.67 -18.92
N LYS A 200 -11.69 2.78 -17.96
CA LYS A 200 -11.96 3.10 -16.56
C LYS A 200 -10.84 2.60 -15.62
N MET A 201 -10.33 3.49 -14.75
CA MET A 201 -9.28 3.20 -13.77
C MET A 201 -9.72 3.67 -12.39
N LYS A 202 -9.81 2.72 -11.42
CA LYS A 202 -10.23 2.94 -10.02
C LYS A 202 -11.64 3.57 -9.92
N LYS A 203 -11.72 4.92 -10.02
CA LYS A 203 -12.97 5.68 -9.96
C LYS A 203 -13.16 6.51 -11.23
N LYS A 204 -12.05 7.02 -11.80
CA LYS A 204 -12.04 7.85 -13.01
C LYS A 204 -12.16 7.03 -14.30
N THR A 205 -12.71 7.67 -15.34
CA THR A 205 -12.91 7.07 -16.68
C THR A 205 -12.41 8.05 -17.75
N TRP A 206 -11.62 7.54 -18.72
CA TRP A 206 -11.04 8.33 -19.81
C TRP A 206 -11.53 7.89 -21.20
N LEU A 207 -11.39 8.79 -22.20
CA LEU A 207 -11.74 8.53 -23.60
C LEU A 207 -10.44 8.44 -24.40
N VAL A 208 -9.96 7.20 -24.64
CA VAL A 208 -8.71 6.92 -25.36
C VAL A 208 -8.96 6.26 -26.73
N HIS A 209 -7.92 6.25 -27.59
CA HIS A 209 -7.97 5.64 -28.93
C HIS A 209 -8.10 4.11 -28.84
N LYS A 210 -8.78 3.50 -29.82
CA LYS A 210 -9.03 2.05 -29.90
C LYS A 210 -7.73 1.26 -30.02
N GLN A 211 -6.87 1.61 -30.99
CA GLN A 211 -5.59 0.94 -31.24
C GLN A 211 -4.59 1.04 -30.10
N TRP A 212 -4.48 2.22 -29.45
CA TRP A 212 -3.58 2.47 -28.31
C TRP A 212 -3.85 1.51 -27.15
N PHE A 213 -5.14 1.31 -26.83
CA PHE A 213 -5.59 0.43 -25.74
C PHE A 213 -5.28 -1.04 -26.07
N LEU A 214 -5.55 -1.46 -27.33
CA LEU A 214 -5.31 -2.83 -27.79
C LEU A 214 -3.82 -3.17 -27.91
N ASP A 215 -2.96 -2.15 -28.13
CA ASP A 215 -1.51 -2.32 -28.27
C ASP A 215 -0.72 -2.14 -26.95
N LEU A 216 -1.43 -2.08 -25.80
CA LEU A 216 -0.80 -1.93 -24.48
C LEU A 216 -0.04 -3.20 -24.09
N PRO A 217 1.26 -3.10 -23.68
CA PRO A 217 2.01 -4.30 -23.33
C PRO A 217 1.79 -4.75 -21.89
N LEU A 218 0.57 -5.29 -21.62
CA LEU A 218 0.16 -5.76 -20.29
C LEU A 218 -0.68 -7.06 -20.42
N PRO A 219 -0.70 -7.96 -19.40
CA PRO A 219 -1.54 -9.18 -19.52
C PRO A 219 -3.03 -8.85 -19.55
N TRP A 220 -3.78 -9.46 -20.49
CA TRP A 220 -5.20 -9.18 -20.68
C TRP A 220 -6.15 -10.39 -20.65
N THR A 221 -7.47 -10.12 -20.54
CA THR A 221 -8.56 -11.10 -20.53
C THR A 221 -9.66 -10.67 -21.50
N ALA A 222 -10.28 -11.67 -22.19
CA ALA A 222 -11.36 -11.43 -23.14
C ALA A 222 -12.67 -11.15 -22.42
N HIS A 230 -7.91 -16.68 -16.16
CA HIS A 230 -6.67 -16.89 -16.89
C HIS A 230 -6.27 -15.66 -17.70
N TRP A 231 -5.03 -15.17 -17.49
CA TRP A 231 -4.50 -13.98 -18.17
C TRP A 231 -3.68 -14.34 -19.41
N ASN A 232 -3.98 -13.68 -20.55
CA ASN A 232 -3.27 -13.88 -21.81
C ASN A 232 -2.03 -12.99 -21.86
N TYR A 233 -0.88 -13.56 -22.26
CA TYR A 233 0.44 -12.91 -22.35
C TYR A 233 0.93 -12.44 -20.97
N LYS A 234 1.23 -13.41 -20.09
CA LYS A 234 1.69 -13.17 -18.71
C LYS A 234 3.14 -12.66 -18.65
N GLU A 235 3.95 -12.92 -19.69
CA GLU A 235 5.37 -12.52 -19.78
C GLU A 235 5.60 -11.00 -19.89
N ARG A 236 4.52 -10.22 -20.14
CA ARG A 236 4.55 -8.76 -20.27
C ARG A 236 4.85 -8.04 -18.93
N MET A 237 4.70 -8.75 -17.80
CA MET A 237 4.97 -8.23 -16.45
C MET A 237 5.95 -9.09 -15.66
N VAL A 238 6.03 -10.41 -15.99
CA VAL A 238 6.91 -11.37 -15.33
C VAL A 238 8.18 -11.59 -16.16
N THR A 239 9.36 -11.37 -15.55
CA THR A 239 10.66 -11.54 -16.21
C THR A 239 11.47 -12.63 -15.51
N PHE A 240 11.97 -13.61 -16.29
CA PHE A 240 12.75 -14.74 -15.80
C PHE A 240 14.25 -14.49 -15.93
N LYS A 241 14.99 -14.60 -14.80
CA LYS A 241 16.44 -14.42 -14.74
C LYS A 241 17.10 -15.79 -14.55
N VAL A 242 17.88 -16.22 -15.55
CA VAL A 242 18.59 -17.51 -15.54
C VAL A 242 19.79 -17.46 -14.57
N PRO A 243 19.83 -18.33 -13.53
CA PRO A 243 20.97 -18.29 -12.59
C PRO A 243 22.18 -19.09 -13.09
N ASP A 249 15.33 -16.96 -11.06
CA ASP A 249 14.80 -15.77 -10.39
C ASP A 249 13.63 -15.15 -11.15
N VAL A 250 12.59 -14.72 -10.42
CA VAL A 250 11.38 -14.09 -10.98
C VAL A 250 11.18 -12.66 -10.48
N THR A 251 10.91 -11.73 -11.41
CA THR A 251 10.70 -10.31 -11.12
C THR A 251 9.39 -9.79 -11.70
N VAL A 252 8.69 -8.92 -10.94
CA VAL A 252 7.43 -8.29 -11.34
C VAL A 252 7.69 -6.84 -11.77
N LEU A 253 6.91 -6.34 -12.76
CA LEU A 253 7.01 -4.98 -13.27
C LEU A 253 6.55 -3.91 -12.26
N GLY A 254 5.83 -4.34 -11.22
CA GLY A 254 5.33 -3.48 -10.16
C GLY A 254 3.90 -3.01 -10.40
N SER A 255 3.67 -1.71 -10.16
CA SER A 255 2.35 -1.08 -10.36
C SER A 255 2.44 -0.09 -11.52
N GLN A 256 1.65 -0.32 -12.57
CA GLN A 256 1.62 0.53 -13.77
C GLN A 256 0.60 1.67 -13.65
N GLU A 257 0.15 1.98 -12.42
CA GLU A 257 -0.81 3.05 -12.12
C GLU A 257 -0.26 4.42 -12.52
N GLY A 258 0.98 4.71 -12.12
CA GLY A 258 1.67 5.95 -12.45
C GLY A 258 2.05 6.07 -13.91
N ALA A 259 2.34 4.91 -14.55
CA ALA A 259 2.70 4.80 -15.97
C ALA A 259 1.54 5.23 -16.88
N MET A 260 0.29 4.92 -16.46
CA MET A 260 -0.92 5.26 -17.21
C MET A 260 -1.22 6.76 -17.11
N HIS A 261 -1.08 7.35 -15.90
CA HIS A 261 -1.31 8.78 -15.62
C HIS A 261 -0.48 9.70 -16.53
N SER A 262 0.76 9.28 -16.85
CA SER A 262 1.68 10.02 -17.73
C SER A 262 1.17 9.98 -19.19
N ALA A 263 0.60 8.84 -19.61
CA ALA A 263 0.03 8.62 -20.95
C ALA A 263 -1.36 9.25 -21.08
N LEU A 264 -2.06 9.45 -19.93
CA LEU A 264 -3.40 10.05 -19.88
C LEU A 264 -3.38 11.58 -19.70
N ALA A 265 -2.19 12.20 -19.84
CA ALA A 265 -1.99 13.64 -19.71
C ALA A 265 -2.73 14.46 -20.78
N GLY A 266 -2.82 13.91 -21.99
CA GLY A 266 -3.50 14.53 -23.12
C GLY A 266 -4.93 14.07 -23.33
N ALA A 267 -5.28 12.90 -22.76
CA ALA A 267 -6.62 12.31 -22.87
C ALA A 267 -7.61 12.98 -21.91
N THR A 268 -8.82 13.28 -22.42
CA THR A 268 -9.89 13.91 -21.66
C THR A 268 -10.64 12.89 -20.81
N GLU A 269 -10.76 13.16 -19.50
CA GLU A 269 -11.46 12.27 -18.58
C GLU A 269 -12.96 12.55 -18.52
N VAL A 270 -13.77 11.49 -18.70
CA VAL A 270 -15.23 11.55 -18.66
C VAL A 270 -15.64 11.70 -17.18
N ASP A 271 -15.72 10.57 -16.44
CA ASP A 271 -16.06 10.58 -15.01
C ASP A 271 -14.80 10.90 -14.20
N SER A 272 -14.94 11.78 -13.20
CA SER A 272 -13.82 12.22 -12.34
C SER A 272 -13.83 11.53 -10.96
N GLY A 273 -14.82 10.69 -10.71
CA GLY A 273 -14.99 9.98 -9.45
C GLY A 273 -15.98 10.65 -8.51
N ASP A 274 -16.27 11.95 -8.79
CA ASP A 274 -17.21 12.78 -8.04
C ASP A 274 -18.65 12.60 -8.56
N GLY A 275 -18.77 12.04 -9.77
CA GLY A 275 -20.05 11.81 -10.42
C GLY A 275 -20.25 12.65 -11.67
N ASN A 276 -19.43 13.71 -11.81
CA ASN A 276 -19.48 14.63 -12.95
C ASN A 276 -18.79 14.02 -14.17
N HIS A 277 -19.60 13.62 -15.17
CA HIS A 277 -19.11 13.01 -16.42
C HIS A 277 -19.58 13.80 -17.63
N MET A 278 -18.63 14.13 -18.54
CA MET A 278 -18.89 14.92 -19.75
C MET A 278 -18.08 14.49 -20.97
N PHE A 279 -18.73 14.56 -22.15
CA PHE A 279 -18.12 14.23 -23.45
C PHE A 279 -17.96 15.50 -24.28
N ALA A 280 -16.81 15.65 -24.96
CA ALA A 280 -16.51 16.81 -25.81
C ALA A 280 -17.33 16.79 -27.10
N GLY A 281 -18.24 17.75 -27.21
CA GLY A 281 -19.14 17.90 -28.35
C GLY A 281 -20.19 18.96 -28.16
N HIS A 282 -21.07 19.12 -29.17
CA HIS A 282 -22.15 20.10 -29.18
C HIS A 282 -23.51 19.45 -29.44
N LEU A 283 -24.55 19.95 -28.76
CA LEU A 283 -25.92 19.46 -28.91
C LEU A 283 -26.80 20.56 -29.53
N LYS A 284 -26.97 20.51 -30.87
CA LYS A 284 -27.78 21.47 -31.63
C LYS A 284 -29.26 21.17 -31.39
N CYS A 285 -29.97 22.14 -30.80
CA CYS A 285 -31.39 22.01 -30.46
C CYS A 285 -32.28 23.06 -31.11
N LYS A 286 -33.54 22.67 -31.41
CA LYS A 286 -34.57 23.51 -32.00
C LYS A 286 -35.80 23.45 -31.09
N VAL A 287 -35.84 24.32 -30.07
CA VAL A 287 -36.92 24.40 -29.09
C VAL A 287 -38.21 24.98 -29.70
N ARG A 288 -39.30 24.18 -29.68
CA ARG A 288 -40.60 24.58 -30.19
C ARG A 288 -41.44 25.21 -29.08
N MET A 289 -41.52 26.55 -29.08
CA MET A 289 -42.21 27.37 -28.09
C MET A 289 -43.68 27.63 -28.45
N GLU A 290 -44.29 26.76 -29.29
CA GLU A 290 -45.68 26.85 -29.75
C GLU A 290 -46.73 26.90 -28.63
N LYS A 291 -46.64 25.98 -27.66
CA LYS A 291 -47.59 25.92 -26.53
C LYS A 291 -47.11 26.61 -25.24
N LEU A 292 -45.98 27.34 -25.31
CA LEU A 292 -45.45 28.08 -24.16
C LEU A 292 -46.23 29.36 -23.91
N ARG A 293 -46.35 29.72 -22.62
CA ARG A 293 -47.06 30.92 -22.16
C ARG A 293 -46.37 31.56 -20.96
N ILE A 294 -46.55 32.87 -20.77
CA ILE A 294 -45.95 33.58 -19.65
C ILE A 294 -46.91 33.56 -18.47
N LYS A 295 -46.42 33.13 -17.28
CA LYS A 295 -47.19 33.08 -16.03
C LYS A 295 -47.56 34.51 -15.64
N GLY A 296 -48.86 34.72 -15.44
CA GLY A 296 -49.39 36.02 -15.07
C GLY A 296 -49.48 37.02 -16.20
N MET A 297 -49.82 36.56 -17.42
CA MET A 297 -50.01 37.44 -18.58
C MET A 297 -51.31 38.26 -18.43
N SER A 298 -52.27 37.73 -17.64
CA SER A 298 -53.55 38.36 -17.35
C SER A 298 -53.54 39.20 -16.06
N TYR A 299 -52.39 39.22 -15.34
CA TYR A 299 -52.22 39.97 -14.09
C TYR A 299 -52.30 41.48 -14.35
N THR A 300 -52.89 42.22 -13.38
CA THR A 300 -53.03 43.67 -13.45
C THR A 300 -51.68 44.34 -13.15
N MET A 301 -51.57 45.66 -13.34
CA MET A 301 -50.33 46.39 -13.05
C MET A 301 -50.29 46.77 -11.57
N CYS A 302 -49.13 46.52 -10.91
CA CYS A 302 -48.94 46.81 -9.49
C CYS A 302 -49.09 48.30 -9.18
N SER A 303 -50.01 48.63 -8.26
CA SER A 303 -50.32 50.01 -7.86
C SER A 303 -49.48 50.48 -6.66
N GLY A 304 -49.12 49.55 -5.78
CA GLY A 304 -48.36 49.82 -4.57
C GLY A 304 -46.90 50.22 -4.77
N LYS A 305 -46.24 50.57 -3.65
CA LYS A 305 -44.84 51.00 -3.58
C LYS A 305 -43.86 49.83 -3.76
N PHE A 306 -42.67 50.13 -4.32
CA PHE A 306 -41.59 49.16 -4.53
C PHE A 306 -40.29 49.64 -3.88
N SER A 307 -39.53 48.71 -3.30
CA SER A 307 -38.25 48.99 -2.64
C SER A 307 -37.19 47.96 -3.03
N ILE A 308 -35.95 48.43 -3.26
CA ILE A 308 -34.82 47.57 -3.64
C ILE A 308 -34.35 46.66 -2.50
N ASP A 309 -34.54 45.35 -2.66
CA ASP A 309 -34.13 44.32 -1.69
C ASP A 309 -32.61 44.14 -1.75
N LYS A 310 -32.05 44.19 -2.97
CA LYS A 310 -30.62 44.08 -3.26
C LYS A 310 -30.28 45.08 -4.37
N GLU A 311 -29.16 45.81 -4.21
CA GLU A 311 -28.68 46.84 -5.15
C GLU A 311 -28.38 46.26 -6.54
N MET A 312 -28.72 47.02 -7.59
CA MET A 312 -28.54 46.66 -8.99
C MET A 312 -27.06 46.53 -9.35
N ALA A 313 -26.67 45.35 -9.87
CA ALA A 313 -25.30 45.03 -10.26
C ALA A 313 -25.21 44.58 -11.72
N GLU A 314 -24.11 44.97 -12.40
CA GLU A 314 -23.86 44.63 -13.81
C GLU A 314 -23.18 43.27 -13.93
N THR A 315 -23.61 42.47 -14.93
CA THR A 315 -23.05 41.15 -15.22
C THR A 315 -21.87 41.26 -16.19
N GLN A 316 -21.26 40.12 -16.55
CA GLN A 316 -20.12 40.04 -17.47
C GLN A 316 -20.50 40.34 -18.94
N HIS A 317 -21.81 40.40 -19.24
CA HIS A 317 -22.35 40.63 -20.58
C HIS A 317 -23.01 42.02 -20.76
N GLY A 318 -22.92 42.86 -19.72
CA GLY A 318 -23.47 44.20 -19.73
C GLY A 318 -24.85 44.34 -19.12
N THR A 319 -25.58 43.21 -19.00
CA THR A 319 -26.94 43.18 -18.43
C THR A 319 -26.92 43.42 -16.92
N THR A 320 -27.99 44.06 -16.39
CA THR A 320 -28.10 44.39 -14.97
C THR A 320 -29.19 43.59 -14.26
N VAL A 321 -28.88 43.08 -13.05
CA VAL A 321 -29.81 42.28 -12.23
C VAL A 321 -30.19 43.06 -10.97
N VAL A 322 -31.50 43.12 -10.65
CA VAL A 322 -32.02 43.84 -9.48
C VAL A 322 -33.17 43.07 -8.76
N LYS A 323 -33.19 43.15 -7.42
CA LYS A 323 -34.20 42.52 -6.56
C LYS A 323 -35.11 43.61 -5.97
N VAL A 324 -36.44 43.50 -6.17
CA VAL A 324 -37.42 44.46 -5.67
C VAL A 324 -38.53 43.81 -4.84
N LYS A 325 -38.95 44.49 -3.75
CA LYS A 325 -40.00 44.04 -2.83
C LYS A 325 -41.27 44.87 -3.03
N TYR A 326 -42.43 44.19 -3.16
CA TYR A 326 -43.73 44.83 -3.33
C TYR A 326 -44.36 45.15 -1.98
N GLU A 327 -44.83 46.39 -1.81
CA GLU A 327 -45.44 46.86 -0.56
C GLU A 327 -46.96 47.09 -0.62
N GLY A 328 -47.55 46.98 -1.82
CA GLY A 328 -48.97 47.16 -2.03
C GLY A 328 -49.84 45.96 -1.71
N ALA A 329 -51.13 46.02 -2.12
CA ALA A 329 -52.12 44.97 -1.88
C ALA A 329 -52.67 44.32 -3.16
N GLY A 330 -52.36 44.89 -4.31
CA GLY A 330 -52.80 44.42 -5.62
C GLY A 330 -52.20 43.09 -6.10
N ALA A 331 -51.39 42.43 -5.25
CA ALA A 331 -50.73 41.16 -5.54
C ALA A 331 -51.74 39.99 -5.64
N PRO A 332 -51.60 39.05 -6.62
CA PRO A 332 -50.56 38.96 -7.65
C PRO A 332 -50.77 39.92 -8.83
N CYS A 333 -49.71 40.72 -9.12
CA CYS A 333 -49.68 41.73 -10.17
C CYS A 333 -48.35 41.78 -10.96
N LYS A 334 -48.30 42.60 -12.03
CA LYS A 334 -47.13 42.80 -12.90
C LYS A 334 -46.30 44.00 -12.41
N VAL A 335 -44.97 43.82 -12.26
CA VAL A 335 -44.07 44.90 -11.84
C VAL A 335 -43.87 45.90 -12.99
N PRO A 336 -44.23 47.20 -12.82
CA PRO A 336 -44.04 48.16 -13.92
C PRO A 336 -42.61 48.70 -13.99
N ILE A 337 -41.79 48.17 -14.93
CA ILE A 337 -40.40 48.58 -15.11
C ILE A 337 -40.17 49.19 -16.50
N GLU A 338 -39.50 50.36 -16.55
CA GLU A 338 -39.18 51.09 -17.78
C GLU A 338 -37.75 51.64 -17.72
N ILE A 339 -36.96 51.43 -18.78
CA ILE A 339 -35.58 51.94 -18.89
C ILE A 339 -35.63 53.18 -19.78
N ARG A 340 -35.78 54.35 -19.15
CA ARG A 340 -35.91 55.65 -19.81
C ARG A 340 -34.55 56.35 -20.01
N ASP A 341 -34.56 57.43 -20.84
CA ASP A 341 -33.38 58.25 -21.16
C ASP A 341 -32.93 59.15 -19.98
N VAL A 342 -31.91 60.01 -20.23
CA VAL A 342 -31.33 60.95 -19.26
C VAL A 342 -32.40 61.93 -18.73
N ASN A 343 -33.29 62.40 -19.62
CA ASN A 343 -34.38 63.32 -19.30
C ASN A 343 -35.66 62.57 -18.87
N LYS A 344 -35.56 61.22 -18.72
CA LYS A 344 -36.64 60.29 -18.34
C LYS A 344 -37.98 60.52 -19.07
N GLU A 345 -37.90 60.57 -20.41
CA GLU A 345 -39.05 60.80 -21.31
C GLU A 345 -39.45 59.53 -22.06
N LYS A 346 -38.61 59.07 -23.00
CA LYS A 346 -38.85 57.89 -23.84
C LYS A 346 -38.06 56.67 -23.37
N VAL A 347 -38.65 55.47 -23.53
CA VAL A 347 -38.02 54.20 -23.15
C VAL A 347 -36.94 53.87 -24.19
N VAL A 348 -35.68 53.69 -23.74
CA VAL A 348 -34.53 53.42 -24.59
C VAL A 348 -33.77 52.11 -24.21
N GLY A 349 -34.42 51.27 -23.42
CA GLY A 349 -33.87 49.99 -22.97
C GLY A 349 -34.89 48.88 -22.90
N ARG A 350 -34.42 47.62 -22.94
CA ARG A 350 -35.28 46.42 -22.90
C ARG A 350 -35.06 45.55 -21.66
N ILE A 351 -36.11 44.80 -21.26
CA ILE A 351 -36.10 43.89 -20.11
C ILE A 351 -35.93 42.45 -20.62
N ILE A 352 -34.94 41.71 -20.07
CA ILE A 352 -34.68 40.32 -20.45
C ILE A 352 -35.75 39.40 -19.84
N SER A 353 -35.97 39.49 -18.51
CA SER A 353 -36.97 38.69 -17.80
C SER A 353 -38.38 39.05 -18.28
N SER A 354 -38.98 38.15 -19.07
CA SER A 354 -40.31 38.32 -19.68
C SER A 354 -41.43 38.34 -18.64
N THR A 355 -42.10 39.50 -18.52
CA THR A 355 -43.23 39.78 -17.62
C THR A 355 -42.95 39.38 -16.15
N PRO A 356 -42.21 40.21 -15.37
CA PRO A 356 -41.94 39.84 -13.97
C PRO A 356 -43.16 40.08 -13.08
N LEU A 357 -43.44 39.12 -12.18
CA LEU A 357 -44.60 39.16 -11.29
C LEU A 357 -44.26 39.25 -9.80
N ALA A 358 -45.15 39.91 -9.04
CA ALA A 358 -45.06 40.05 -7.58
C ALA A 358 -46.15 39.13 -7.03
N GLU A 359 -45.76 37.89 -6.64
CA GLU A 359 -46.63 36.83 -6.15
C GLU A 359 -47.55 37.23 -4.99
N ASN A 360 -46.98 37.71 -3.87
CA ASN A 360 -47.73 38.12 -2.67
C ASN A 360 -47.21 39.46 -2.13
N THR A 361 -47.76 39.90 -0.97
CA THR A 361 -47.34 41.13 -0.29
C THR A 361 -45.99 40.86 0.38
N ASN A 362 -45.03 41.79 0.22
CA ASN A 362 -43.66 41.74 0.75
C ASN A 362 -42.81 40.61 0.10
N SER A 363 -43.11 40.30 -1.18
CA SER A 363 -42.41 39.28 -1.97
C SER A 363 -41.32 39.90 -2.82
N VAL A 364 -40.17 39.21 -2.95
CA VAL A 364 -39.00 39.66 -3.70
C VAL A 364 -39.00 39.05 -5.12
N THR A 365 -38.76 39.90 -6.15
CA THR A 365 -38.73 39.49 -7.56
C THR A 365 -37.36 39.81 -8.20
N ASN A 366 -36.78 38.84 -8.92
CA ASN A 366 -35.50 38.98 -9.62
C ASN A 366 -35.76 39.40 -11.07
N ILE A 367 -35.13 40.50 -11.52
CA ILE A 367 -35.31 41.05 -12.86
C ILE A 367 -33.96 41.34 -13.54
N GLU A 368 -33.79 40.85 -14.79
CA GLU A 368 -32.61 41.08 -15.61
C GLU A 368 -32.95 42.15 -16.66
N LEU A 369 -32.24 43.29 -16.61
CA LEU A 369 -32.45 44.45 -17.49
C LEU A 369 -31.27 44.70 -18.42
N GLU A 370 -31.54 45.27 -19.61
CA GLU A 370 -30.51 45.59 -20.59
C GLU A 370 -30.47 47.12 -20.83
N PRO A 371 -29.70 47.87 -20.00
CA PRO A 371 -29.64 49.33 -20.18
C PRO A 371 -28.74 49.74 -21.35
N PRO A 372 -28.99 50.88 -22.04
CA PRO A 372 -28.11 51.26 -23.16
C PRO A 372 -26.80 51.89 -22.69
N PHE A 373 -25.86 52.09 -23.63
CA PHE A 373 -24.55 52.69 -23.36
C PHE A 373 -24.70 54.16 -22.96
N GLY A 374 -24.20 54.50 -21.77
CA GLY A 374 -24.28 55.84 -21.22
C GLY A 374 -25.28 55.95 -20.09
N ASP A 375 -25.75 57.18 -19.82
CA ASP A 375 -26.71 57.47 -18.74
C ASP A 375 -28.12 56.99 -19.09
N SER A 376 -28.77 56.29 -18.14
CA SER A 376 -30.12 55.74 -18.26
C SER A 376 -30.81 55.66 -16.89
N TYR A 377 -32.12 55.96 -16.85
CA TYR A 377 -32.92 55.93 -15.63
C TYR A 377 -33.91 54.77 -15.63
N ILE A 378 -33.89 53.95 -14.56
CA ILE A 378 -34.77 52.79 -14.39
C ILE A 378 -35.93 53.18 -13.47
N VAL A 379 -37.16 53.14 -13.99
CA VAL A 379 -38.37 53.50 -13.24
C VAL A 379 -39.14 52.23 -12.85
N ILE A 380 -39.20 51.94 -11.53
CA ILE A 380 -39.89 50.78 -10.98
C ILE A 380 -41.07 51.24 -10.12
N GLY A 381 -42.28 51.06 -10.65
CA GLY A 381 -43.53 51.44 -9.99
C GLY A 381 -44.42 52.33 -10.84
N VAL A 382 -45.38 53.02 -10.19
CA VAL A 382 -46.33 53.92 -10.84
C VAL A 382 -46.46 55.28 -10.14
N GLY A 383 -46.59 56.34 -10.93
CA GLY A 383 -46.75 57.71 -10.46
C GLY A 383 -45.52 58.30 -9.78
N ASN A 384 -45.74 59.14 -8.76
CA ASN A 384 -44.69 59.80 -7.99
C ASN A 384 -44.08 58.86 -6.93
N SER A 385 -44.85 57.83 -6.52
CA SER A 385 -44.43 56.81 -5.54
C SER A 385 -43.38 55.85 -6.12
N ALA A 386 -43.25 55.82 -7.46
CA ALA A 386 -42.31 54.97 -8.22
C ALA A 386 -40.86 55.22 -7.85
N LEU A 387 -40.06 54.13 -7.81
CA LEU A 387 -38.64 54.16 -7.48
C LEU A 387 -37.82 54.44 -8.74
N THR A 388 -36.91 55.42 -8.66
CA THR A 388 -36.04 55.82 -9.78
C THR A 388 -34.57 55.50 -9.46
N LEU A 389 -33.90 54.78 -10.38
CA LEU A 389 -32.50 54.38 -10.24
C LEU A 389 -31.65 54.84 -11.43
N HIS A 390 -30.53 55.52 -11.15
CA HIS A 390 -29.61 56.03 -12.16
C HIS A 390 -28.55 54.96 -12.48
N TRP A 391 -28.24 54.77 -13.77
CA TRP A 391 -27.25 53.79 -14.22
C TRP A 391 -26.42 54.27 -15.42
N PHE A 392 -25.13 53.93 -15.41
CA PHE A 392 -24.17 54.27 -16.47
C PHE A 392 -23.48 53.00 -16.98
N ARG A 393 -23.49 52.79 -18.31
CA ARG A 393 -22.89 51.63 -18.95
C ARG A 393 -21.71 52.04 -19.84
N LYS A 394 -20.52 51.50 -19.53
CA LYS A 394 -19.26 51.76 -20.24
C LYS A 394 -19.20 51.10 -21.63
N GLY A 395 -18.57 51.80 -22.58
CA GLY A 395 -18.40 51.34 -23.96
C GLY A 395 -19.10 52.21 -24.98
N GLU B 1 63.32 4.32 5.96
CA GLU B 1 62.40 5.30 6.52
C GLU B 1 61.04 4.69 6.88
N VAL B 2 60.59 3.67 6.11
CA VAL B 2 59.30 2.98 6.30
C VAL B 2 59.22 2.37 7.71
N GLN B 3 58.21 2.77 8.49
CA GLN B 3 58.01 2.32 9.87
C GLN B 3 56.66 1.63 10.10
N LEU B 4 56.66 0.64 11.00
CA LEU B 4 55.47 -0.13 11.38
C LEU B 4 55.21 0.05 12.88
N LEU B 5 54.05 0.64 13.24
CA LEU B 5 53.68 0.88 14.63
C LEU B 5 52.44 0.07 15.02
N GLU B 6 52.58 -0.74 16.09
CA GLU B 6 51.51 -1.60 16.59
C GLU B 6 50.67 -0.91 17.66
N SER B 7 49.34 -1.03 17.56
CA SER B 7 48.38 -0.46 18.50
C SER B 7 47.64 -1.59 19.23
N GLY B 8 47.41 -1.40 20.52
CA GLY B 8 46.76 -2.37 21.40
C GLY B 8 45.25 -2.50 21.23
N PRO B 9 44.49 -2.77 22.31
CA PRO B 9 44.91 -2.97 23.72
C PRO B 9 45.60 -4.31 23.97
N GLY B 10 46.51 -4.32 24.94
CA GLY B 10 47.28 -5.50 25.31
C GLY B 10 46.70 -6.31 26.45
N LEU B 11 45.35 -6.35 26.54
CA LEU B 11 44.61 -7.10 27.57
C LEU B 11 43.22 -7.45 27.06
N VAL B 12 42.97 -8.75 26.84
CA VAL B 12 41.71 -9.28 26.34
C VAL B 12 41.25 -10.46 27.22
N LYS B 13 40.01 -10.40 27.71
CA LYS B 13 39.40 -11.45 28.54
C LYS B 13 39.08 -12.68 27.68
N PRO B 14 39.20 -13.93 28.20
CA PRO B 14 38.89 -15.13 27.37
C PRO B 14 37.49 -15.11 26.76
N SER B 15 37.36 -15.68 25.55
CA SER B 15 36.15 -15.79 24.70
C SER B 15 35.88 -14.52 23.86
N GLU B 16 36.40 -13.35 24.30
CA GLU B 16 36.26 -12.08 23.61
C GLU B 16 37.15 -12.00 22.36
N THR B 17 36.85 -11.05 21.45
CA THR B 17 37.60 -10.86 20.20
C THR B 17 38.72 -9.82 20.36
N LEU B 18 39.96 -10.20 19.98
CA LEU B 18 41.15 -9.36 20.04
C LEU B 18 41.30 -8.54 18.75
N SER B 19 41.51 -7.22 18.89
CA SER B 19 41.68 -6.31 17.76
C SER B 19 42.98 -5.51 17.88
N LEU B 20 43.87 -5.66 16.88
CA LEU B 20 45.17 -4.99 16.82
C LEU B 20 45.37 -4.30 15.47
N THR B 21 45.96 -3.09 15.46
CA THR B 21 46.21 -2.33 14.23
C THR B 21 47.67 -1.97 14.03
N CYS B 22 48.16 -2.07 12.78
CA CYS B 22 49.54 -1.77 12.38
C CYS B 22 49.58 -0.62 11.36
N THR B 23 50.12 0.54 11.78
CA THR B 23 50.19 1.74 10.95
C THR B 23 51.49 1.80 10.12
N VAL B 24 51.36 2.02 8.79
CA VAL B 24 52.48 2.12 7.86
C VAL B 24 52.78 3.59 7.59
N SER B 25 53.92 4.08 8.11
CA SER B 25 54.36 5.47 7.96
C SER B 25 55.64 5.58 7.15
N GLY B 26 55.69 6.59 6.28
CA GLY B 26 56.81 6.86 5.40
C GLY B 26 56.93 5.89 4.24
N GLY B 27 55.78 5.53 3.67
CA GLY B 27 55.66 4.60 2.54
C GLY B 27 54.23 4.22 2.24
N SER B 28 53.95 3.94 0.96
CA SER B 28 52.61 3.56 0.48
C SER B 28 52.22 2.15 0.91
N ILE B 29 51.05 2.01 1.55
CA ILE B 29 50.49 0.75 2.04
C ILE B 29 49.96 -0.15 0.91
N SER B 30 49.43 0.46 -0.17
CA SER B 30 48.83 -0.22 -1.32
C SER B 30 49.78 -0.98 -2.25
N ASP B 31 51.11 -0.95 -1.99
CA ASP B 31 52.10 -1.63 -2.84
C ASP B 31 52.60 -2.96 -2.29
N PHE B 32 52.85 -3.04 -0.98
CA PHE B 32 53.43 -4.21 -0.32
C PHE B 32 52.45 -5.16 0.36
N TYR B 33 52.88 -6.43 0.57
CA TYR B 33 52.13 -7.48 1.26
C TYR B 33 52.46 -7.38 2.75
N TRP B 34 51.43 -7.22 3.59
CA TRP B 34 51.61 -7.08 5.04
C TRP B 34 51.14 -8.31 5.79
N SER B 35 52.01 -8.87 6.64
CA SER B 35 51.73 -10.08 7.42
C SER B 35 51.83 -9.86 8.94
N TRP B 36 51.03 -10.62 9.70
CA TRP B 36 51.01 -10.59 11.16
C TRP B 36 51.65 -11.87 11.70
N LEU B 37 52.52 -11.73 12.72
CA LEU B 37 53.25 -12.83 13.34
C LEU B 37 53.22 -12.72 14.86
N ARG B 38 53.17 -13.87 15.57
CA ARG B 38 53.14 -13.89 17.04
C ARG B 38 54.29 -14.71 17.64
N GLN B 39 54.82 -14.26 18.79
CA GLN B 39 55.91 -14.93 19.48
C GLN B 39 55.61 -15.12 20.97
N SER B 40 55.77 -16.36 21.45
CA SER B 40 55.55 -16.75 22.85
C SER B 40 56.45 -17.93 23.24
N PRO B 41 57.03 -17.95 24.47
CA PRO B 41 57.90 -19.09 24.85
C PRO B 41 57.11 -20.40 24.92
N GLY B 42 57.59 -21.40 24.19
CA GLY B 42 56.96 -22.72 24.09
C GLY B 42 56.30 -22.95 22.74
N LYS B 43 56.11 -21.87 21.96
CA LYS B 43 55.50 -21.89 20.62
C LYS B 43 56.44 -21.25 19.58
N GLY B 44 57.27 -20.31 20.03
CA GLY B 44 58.22 -19.59 19.19
C GLY B 44 57.56 -18.64 18.21
N LEU B 45 58.23 -18.39 17.07
CA LEU B 45 57.69 -17.50 16.02
C LEU B 45 56.61 -18.23 15.22
N GLU B 46 55.38 -17.73 15.30
CA GLU B 46 54.23 -18.31 14.61
C GLU B 46 53.65 -17.30 13.62
N TRP B 47 53.59 -17.70 12.34
CA TRP B 47 53.06 -16.89 11.25
C TRP B 47 51.53 -17.03 11.22
N ILE B 48 50.81 -15.93 11.47
CA ILE B 48 49.34 -15.91 11.49
C ILE B 48 48.77 -15.88 10.06
N GLY B 49 49.23 -14.90 9.27
CA GLY B 49 48.78 -14.73 7.90
C GLY B 49 49.09 -13.37 7.31
N TYR B 50 48.93 -13.24 5.98
CA TYR B 50 49.17 -11.99 5.26
C TYR B 50 47.88 -11.37 4.69
N ALA B 51 47.94 -10.09 4.31
CA ALA B 51 46.83 -9.33 3.72
C ALA B 51 47.37 -8.27 2.75
N HIS B 52 46.62 -8.03 1.66
CA HIS B 52 46.98 -7.05 0.63
C HIS B 52 45.80 -6.13 0.32
N SER B 53 46.10 -4.90 -0.13
CA SER B 53 45.11 -3.86 -0.48
C SER B 53 44.21 -4.26 -1.65
N ARG B 54 44.76 -5.01 -2.62
CA ARG B 54 44.06 -5.44 -3.83
C ARG B 54 43.91 -6.97 -3.93
N VAL B 55 44.83 -7.72 -3.31
CA VAL B 55 44.85 -9.19 -3.31
C VAL B 55 44.24 -9.74 -2.01
N SER B 56 43.47 -10.84 -2.10
CA SER B 56 42.79 -11.49 -0.97
C SER B 56 43.77 -12.04 0.06
N ALA B 57 43.39 -11.93 1.35
CA ALA B 57 44.17 -12.38 2.50
C ALA B 57 44.21 -13.91 2.62
N TYR B 58 45.32 -14.44 3.14
CA TYR B 58 45.54 -15.87 3.36
C TYR B 58 46.05 -16.08 4.79
N TYR B 59 45.52 -17.10 5.50
CA TYR B 59 45.89 -17.38 6.89
C TYR B 59 46.38 -18.81 7.14
N ASN B 60 47.02 -19.02 8.32
CA ASN B 60 47.53 -20.29 8.80
C ASN B 60 46.33 -21.18 9.19
N PRO B 61 46.31 -22.50 8.82
CA PRO B 61 45.15 -23.35 9.18
C PRO B 61 44.83 -23.45 10.67
N SER B 62 45.81 -23.19 11.55
CA SER B 62 45.67 -23.21 13.00
C SER B 62 44.80 -22.07 13.53
N LEU B 63 44.78 -20.93 12.81
CA LEU B 63 44.02 -19.73 13.22
C LEU B 63 42.98 -19.25 12.19
N LYS B 64 43.03 -19.78 10.93
CA LYS B 64 42.14 -19.44 9.80
C LYS B 64 40.65 -19.31 10.16
N SER B 65 40.12 -20.26 10.96
CA SER B 65 38.72 -20.30 11.40
C SER B 65 38.32 -19.13 12.31
N ARG B 66 39.31 -18.53 13.02
CA ARG B 66 39.10 -17.44 13.97
C ARG B 66 39.66 -16.08 13.54
N VAL B 67 40.78 -16.09 12.79
CA VAL B 67 41.46 -14.85 12.37
C VAL B 67 40.96 -14.21 11.06
N THR B 68 41.00 -12.85 11.01
CA THR B 68 40.62 -12.03 9.86
C THR B 68 41.59 -10.84 9.79
N ILE B 69 42.33 -10.72 8.66
CA ILE B 69 43.30 -9.64 8.44
C ILE B 69 42.91 -8.84 7.19
N SER B 70 42.77 -7.51 7.35
CA SER B 70 42.39 -6.60 6.27
C SER B 70 43.29 -5.36 6.19
N VAL B 71 43.41 -4.79 4.98
CA VAL B 71 44.23 -3.60 4.71
C VAL B 71 43.32 -2.39 4.46
N ASP B 72 43.47 -1.33 5.27
CA ASP B 72 42.71 -0.10 5.17
C ASP B 72 43.60 0.99 4.56
N THR B 73 43.43 1.25 3.25
CA THR B 73 44.21 2.24 2.48
C THR B 73 43.95 3.68 2.91
N SER B 74 42.69 4.00 3.25
CA SER B 74 42.26 5.33 3.68
C SER B 74 42.86 5.73 5.04
N LYS B 75 43.01 4.75 5.95
CA LYS B 75 43.56 4.95 7.29
C LYS B 75 45.05 4.58 7.41
N ASN B 76 45.63 3.96 6.35
CA ASN B 76 47.03 3.50 6.25
C ASN B 76 47.39 2.51 7.38
N GLN B 77 46.47 1.57 7.67
CA GLN B 77 46.65 0.57 8.73
C GLN B 77 46.13 -0.83 8.39
N ILE B 78 46.77 -1.85 8.96
CA ILE B 78 46.41 -3.27 8.78
C ILE B 78 45.77 -3.75 10.09
N SER B 79 44.49 -4.17 10.03
CA SER B 79 43.75 -4.63 11.19
C SER B 79 43.74 -6.16 11.33
N LEU B 80 44.09 -6.64 12.53
CA LEU B 80 44.11 -8.06 12.89
C LEU B 80 42.93 -8.33 13.83
N ARG B 81 42.09 -9.31 13.49
CA ARG B 81 40.93 -9.67 14.31
C ARG B 81 40.85 -11.16 14.59
N LEU B 82 41.22 -11.55 15.81
CA LEU B 82 41.20 -12.93 16.29
C LEU B 82 40.03 -13.12 17.26
N SER B 83 39.10 -14.02 16.92
CA SER B 83 37.91 -14.33 17.72
C SER B 83 38.14 -15.58 18.59
N ALA B 84 37.26 -15.78 19.60
CA ALA B 84 37.29 -16.91 20.57
C ALA B 84 38.68 -17.13 21.17
N VAL B 85 39.28 -16.03 21.67
CA VAL B 85 40.62 -15.97 22.25
C VAL B 85 40.73 -16.77 23.56
N THR B 86 41.72 -17.68 23.62
CA THR B 86 42.02 -18.53 24.77
C THR B 86 43.36 -18.14 25.40
N ALA B 87 43.76 -18.82 26.50
CA ALA B 87 45.01 -18.59 27.23
C ALA B 87 46.27 -18.86 26.38
N ALA B 88 46.16 -19.73 25.36
CA ALA B 88 47.23 -20.09 24.44
C ALA B 88 47.61 -18.94 23.49
N ASP B 89 46.69 -17.98 23.27
CA ASP B 89 46.88 -16.83 22.40
C ASP B 89 47.74 -15.70 23.01
N THR B 90 48.17 -15.88 24.29
CA THR B 90 49.02 -14.94 25.01
C THR B 90 50.42 -14.92 24.37
N ALA B 91 50.65 -13.93 23.48
CA ALA B 91 51.90 -13.77 22.73
C ALA B 91 52.22 -12.32 22.38
N LEU B 92 53.45 -12.08 21.90
CA LEU B 92 53.94 -10.78 21.45
C LEU B 92 53.68 -10.71 19.94
N TYR B 93 52.69 -9.89 19.53
CA TYR B 93 52.26 -9.74 18.15
C TYR B 93 53.07 -8.72 17.36
N TYR B 94 53.64 -9.16 16.24
CA TYR B 94 54.45 -8.36 15.31
C TYR B 94 53.75 -8.22 13.96
N CYS B 95 53.92 -7.07 13.29
CA CYS B 95 53.42 -6.87 11.94
C CYS B 95 54.63 -6.63 11.03
N ALA B 96 54.77 -7.47 9.99
CA ALA B 96 55.93 -7.42 9.10
C ALA B 96 55.58 -7.37 7.62
N ARG B 97 56.51 -6.84 6.81
CA ARG B 97 56.37 -6.72 5.36
C ARG B 97 56.84 -8.02 4.71
N GLN B 98 55.90 -8.80 4.14
CA GLN B 98 56.21 -10.06 3.47
C GLN B 98 56.68 -9.75 2.04
N GLY B 99 57.92 -10.14 1.74
CA GLY B 99 58.56 -9.92 0.45
C GLY B 99 57.94 -10.66 -0.71
N THR B 100 58.18 -10.17 -1.94
CA THR B 100 57.65 -10.75 -3.17
C THR B 100 58.73 -11.08 -4.21
N GLY B 101 59.61 -10.13 -4.46
CA GLY B 101 60.68 -10.22 -5.45
C GLY B 101 60.98 -8.84 -6.00
N THR B 102 59.91 -8.07 -6.30
CA THR B 102 59.99 -6.70 -6.77
C THR B 102 59.94 -5.76 -5.56
N THR B 103 59.31 -6.24 -4.46
CA THR B 103 59.15 -5.50 -3.21
C THR B 103 59.66 -6.27 -1.98
N GLY B 104 60.45 -5.59 -1.16
CA GLY B 104 61.01 -6.10 0.09
C GLY B 104 61.93 -7.30 0.02
N VAL B 105 63.19 -7.07 -0.41
CA VAL B 105 64.28 -8.06 -0.49
C VAL B 105 64.02 -9.30 -1.38
N SER B 106 63.27 -10.31 -0.89
CA SER B 106 62.99 -11.55 -1.63
C SER B 106 61.62 -12.15 -1.30
N GLU B 107 61.15 -13.14 -2.12
CA GLU B 107 59.86 -13.82 -1.97
C GLU B 107 59.69 -14.44 -0.58
N ASP B 108 58.61 -14.05 0.13
CA ASP B 108 58.23 -14.51 1.46
C ASP B 108 59.34 -14.43 2.53
N SER B 109 59.97 -13.24 2.64
CA SER B 109 61.03 -12.96 3.60
C SER B 109 60.73 -11.60 4.26
N PHE B 110 60.48 -11.63 5.57
CA PHE B 110 60.14 -10.45 6.37
C PHE B 110 61.38 -9.58 6.64
N ASP B 111 61.53 -8.51 5.85
CA ASP B 111 62.66 -7.57 5.96
C ASP B 111 62.36 -6.45 6.96
N LEU B 112 61.17 -5.83 6.85
CA LEU B 112 60.71 -4.74 7.70
C LEU B 112 59.78 -5.30 8.78
N TRP B 113 60.18 -5.15 10.06
CA TRP B 113 59.44 -5.64 11.22
C TRP B 113 58.94 -4.48 12.10
N GLY B 114 57.84 -4.71 12.80
CA GLY B 114 57.26 -3.74 13.71
C GLY B 114 57.90 -3.76 15.08
N GLN B 115 57.44 -2.89 15.99
CA GLN B 115 57.96 -2.80 17.36
C GLN B 115 57.54 -4.02 18.21
N GLY B 116 56.28 -4.43 18.06
CA GLY B 116 55.70 -5.56 18.77
C GLY B 116 54.74 -5.14 19.86
N THR B 117 53.60 -5.84 19.95
CA THR B 117 52.56 -5.58 20.96
C THR B 117 52.29 -6.80 21.85
N LYS B 118 52.54 -6.66 23.16
CA LYS B 118 52.33 -7.72 24.15
C LYS B 118 50.85 -7.86 24.47
N VAL B 119 50.29 -9.05 24.21
CA VAL B 119 48.88 -9.36 24.47
C VAL B 119 48.77 -10.43 25.56
N ILE B 120 48.09 -10.09 26.67
CA ILE B 120 47.88 -10.97 27.82
C ILE B 120 46.39 -11.38 27.87
N VAL B 121 46.12 -12.70 28.00
CA VAL B 121 44.77 -13.25 28.04
C VAL B 121 44.44 -13.82 29.43
N SER B 122 43.61 -13.09 30.21
CA SER B 122 43.18 -13.47 31.56
C SER B 122 41.95 -12.66 32.03
N LEU B 123 41.17 -13.24 32.96
CA LEU B 123 39.99 -12.61 33.57
C LEU B 123 40.40 -11.79 34.82
N ALA B 124 41.69 -11.89 35.21
CA ALA B 124 42.28 -11.20 36.37
C ALA B 124 42.13 -9.69 36.34
N SER B 125 41.75 -9.10 37.49
CA SER B 125 41.56 -7.67 37.67
C SER B 125 42.89 -6.95 37.89
N THR B 126 42.96 -5.65 37.52
CA THR B 126 44.17 -4.84 37.68
C THR B 126 44.42 -4.56 39.16
N LYS B 127 45.49 -5.15 39.70
CA LYS B 127 45.88 -5.03 41.11
C LYS B 127 47.27 -4.42 41.24
N GLY B 128 47.43 -3.52 42.22
CA GLY B 128 48.68 -2.86 42.53
C GLY B 128 49.67 -3.80 43.18
N PRO B 129 50.99 -3.58 43.04
CA PRO B 129 51.96 -4.51 43.66
C PRO B 129 52.17 -4.29 45.15
N SER B 130 52.19 -5.41 45.90
CA SER B 130 52.43 -5.41 47.34
C SER B 130 53.92 -5.66 47.56
N VAL B 131 54.68 -4.58 47.80
CA VAL B 131 56.13 -4.62 47.97
C VAL B 131 56.50 -4.98 49.41
N PHE B 132 57.31 -6.04 49.57
CA PHE B 132 57.79 -6.52 50.86
C PHE B 132 59.33 -6.56 50.88
N PRO B 133 59.99 -6.11 51.99
CA PRO B 133 61.46 -6.11 51.99
C PRO B 133 62.10 -7.46 52.30
N LEU B 134 63.20 -7.77 51.60
CA LEU B 134 63.99 -8.99 51.78
C LEU B 134 65.26 -8.58 52.55
N ALA B 135 65.12 -8.45 53.88
CA ALA B 135 66.16 -8.02 54.82
C ALA B 135 67.44 -8.87 54.80
N PRO B 136 68.64 -8.23 54.86
CA PRO B 136 69.88 -9.01 54.85
C PRO B 136 70.19 -9.66 56.19
N SER B 137 70.68 -10.92 56.16
CA SER B 137 71.04 -11.68 57.35
C SER B 137 72.43 -11.32 57.86
N SER B 138 72.66 -11.47 59.18
CA SER B 138 73.93 -11.18 59.85
C SER B 138 75.01 -12.20 59.49
N GLY B 143 80.63 -13.65 51.73
CA GLY B 143 81.78 -13.31 52.56
C GLY B 143 81.72 -11.89 53.09
N GLY B 144 82.44 -10.98 52.42
CA GLY B 144 82.52 -9.58 52.78
C GLY B 144 81.34 -8.75 52.32
N THR B 145 80.53 -9.28 51.37
CA THR B 145 79.35 -8.62 50.82
C THR B 145 78.05 -9.33 51.20
N ALA B 146 77.00 -8.55 51.51
CA ALA B 146 75.68 -9.06 51.90
C ALA B 146 74.62 -8.68 50.87
N ALA B 147 73.60 -9.55 50.70
CA ALA B 147 72.52 -9.33 49.73
C ALA B 147 71.19 -8.95 50.38
N LEU B 148 70.46 -8.03 49.73
CA LEU B 148 69.14 -7.53 50.15
C LEU B 148 68.28 -7.21 48.93
N GLY B 149 66.96 -7.41 49.05
CA GLY B 149 66.04 -7.16 47.95
C GLY B 149 64.64 -6.73 48.31
N CYS B 150 63.75 -6.72 47.30
CA CYS B 150 62.33 -6.36 47.40
C CYS B 150 61.48 -7.40 46.70
N LEU B 151 60.41 -7.86 47.37
CA LEU B 151 59.48 -8.85 46.82
C LEU B 151 58.23 -8.16 46.27
N VAL B 152 58.18 -8.01 44.94
CA VAL B 152 57.06 -7.39 44.22
C VAL B 152 56.04 -8.53 44.00
N LYS B 153 55.15 -8.72 44.98
CA LYS B 153 54.16 -9.79 44.96
C LYS B 153 52.74 -9.33 44.65
N ASP B 154 52.00 -10.18 43.90
CA ASP B 154 50.60 -10.02 43.48
C ASP B 154 50.28 -8.71 42.75
N TYR B 155 50.49 -8.71 41.42
CA TYR B 155 50.22 -7.58 40.54
C TYR B 155 49.84 -8.06 39.14
N PHE B 156 48.90 -7.37 38.49
CA PHE B 156 48.44 -7.71 37.15
C PHE B 156 47.99 -6.46 36.38
N PRO B 157 48.37 -6.28 35.10
CA PRO B 157 49.22 -7.13 34.25
C PRO B 157 50.69 -6.69 34.24
N GLU B 158 51.48 -7.20 33.28
CA GLU B 158 52.89 -6.86 33.09
C GLU B 158 53.00 -5.54 32.27
N PRO B 159 54.10 -4.74 32.39
CA PRO B 159 55.32 -4.93 33.16
C PRO B 159 55.38 -4.13 34.47
N VAL B 160 56.57 -4.10 35.11
CA VAL B 160 56.85 -3.37 36.35
C VAL B 160 58.28 -2.77 36.32
N THR B 161 58.44 -1.53 36.81
CA THR B 161 59.73 -0.83 36.81
C THR B 161 60.30 -0.76 38.23
N VAL B 162 61.38 -1.52 38.49
CA VAL B 162 62.05 -1.55 39.79
C VAL B 162 63.47 -0.97 39.69
N SER B 163 63.75 0.05 40.52
CA SER B 163 65.05 0.73 40.59
C SER B 163 65.47 0.93 42.05
N TRP B 164 66.78 0.99 42.32
CA TRP B 164 67.30 1.16 43.68
C TRP B 164 67.88 2.54 43.95
N ASN B 165 67.48 3.14 45.10
CA ASN B 165 67.86 4.47 45.58
C ASN B 165 67.61 5.58 44.55
N SER B 166 66.41 5.54 43.91
CA SER B 166 65.92 6.47 42.89
C SER B 166 66.84 6.59 41.65
N GLY B 167 67.36 5.44 41.22
CA GLY B 167 68.24 5.33 40.05
C GLY B 167 69.73 5.47 40.30
N ALA B 168 70.11 5.85 41.54
CA ALA B 168 71.52 6.03 41.93
C ALA B 168 72.28 4.70 42.02
N LEU B 169 71.66 3.67 42.63
CA LEU B 169 72.24 2.34 42.78
C LEU B 169 71.91 1.48 41.56
N THR B 170 72.97 1.07 40.81
CA THR B 170 72.84 0.27 39.59
C THR B 170 73.72 -0.99 39.64
N SER B 171 74.94 -0.87 40.20
CA SER B 171 75.90 -1.98 40.33
C SER B 171 75.43 -3.01 41.36
N GLY B 172 75.33 -4.26 40.93
CA GLY B 172 74.89 -5.37 41.77
C GLY B 172 73.40 -5.68 41.70
N VAL B 173 72.61 -4.78 41.07
CA VAL B 173 71.15 -4.89 40.92
C VAL B 173 70.81 -6.02 39.94
N HIS B 174 69.93 -6.95 40.38
CA HIS B 174 69.45 -8.08 39.58
C HIS B 174 67.93 -8.19 39.64
N THR B 175 67.24 -7.60 38.65
CA THR B 175 65.78 -7.63 38.56
C THR B 175 65.36 -8.88 37.77
N PHE B 176 64.87 -9.89 38.49
CA PHE B 176 64.45 -11.18 37.96
C PHE B 176 63.14 -11.10 37.16
N PRO B 177 62.98 -11.86 36.04
CA PRO B 177 61.73 -11.81 35.28
C PRO B 177 60.51 -12.30 36.08
N ALA B 178 59.34 -11.71 35.83
CA ALA B 178 58.09 -12.03 36.52
C ALA B 178 57.59 -13.46 36.26
N VAL B 179 57.00 -14.07 37.30
CA VAL B 179 56.43 -15.42 37.25
C VAL B 179 54.93 -15.39 37.52
N LEU B 180 54.13 -16.00 36.61
CA LEU B 180 52.67 -16.05 36.73
C LEU B 180 52.26 -17.10 37.77
N GLN B 181 51.70 -16.62 38.90
CA GLN B 181 51.24 -17.45 40.01
C GLN B 181 49.90 -18.15 39.68
N SER B 182 49.49 -19.12 40.53
CA SER B 182 48.24 -19.88 40.37
C SER B 182 46.99 -18.99 40.48
N SER B 183 47.09 -17.88 41.23
CA SER B 183 46.02 -16.90 41.43
C SER B 183 45.76 -16.03 40.19
N GLY B 184 46.69 -16.05 39.23
CA GLY B 184 46.61 -15.29 37.99
C GLY B 184 47.39 -13.98 38.04
N LEU B 185 48.02 -13.69 39.20
CA LEU B 185 48.82 -12.49 39.45
C LEU B 185 50.31 -12.79 39.28
N TYR B 186 51.13 -11.74 39.03
CA TYR B 186 52.57 -11.89 38.84
C TYR B 186 53.38 -11.68 40.12
N SER B 187 54.53 -12.36 40.21
CA SER B 187 55.47 -12.28 41.33
C SER B 187 56.86 -11.95 40.79
N LEU B 188 57.49 -10.91 41.36
CA LEU B 188 58.80 -10.42 40.94
C LEU B 188 59.72 -10.15 42.14
N SER B 189 61.04 -10.26 41.93
CA SER B 189 62.07 -10.02 42.95
C SER B 189 63.26 -9.30 42.33
N SER B 190 63.78 -8.28 43.03
CA SER B 190 64.94 -7.50 42.61
C SER B 190 65.93 -7.44 43.76
N VAL B 191 67.07 -8.14 43.63
CA VAL B 191 68.10 -8.25 44.68
C VAL B 191 69.39 -7.49 44.29
N VAL B 192 70.02 -6.84 45.28
CA VAL B 192 71.26 -6.07 45.11
C VAL B 192 72.39 -6.56 46.06
N THR B 193 73.63 -6.65 45.54
CA THR B 193 74.81 -7.07 46.28
C THR B 193 75.61 -5.82 46.73
N VAL B 194 75.70 -5.61 48.04
CA VAL B 194 76.39 -4.46 48.67
C VAL B 194 77.33 -4.92 49.81
N PRO B 195 78.42 -4.18 50.14
CA PRO B 195 79.31 -4.63 51.23
C PRO B 195 78.67 -4.62 52.61
N SER B 196 79.19 -5.46 53.53
CA SER B 196 78.71 -5.60 54.91
C SER B 196 78.90 -4.33 55.74
N SER B 197 79.98 -3.56 55.45
CA SER B 197 80.31 -2.30 56.12
C SER B 197 79.32 -1.19 55.78
N SER B 198 78.72 -1.25 54.57
CA SER B 198 77.73 -0.28 54.08
C SER B 198 76.39 -0.37 54.82
N LEU B 199 76.09 -1.55 55.43
CA LEU B 199 74.87 -1.80 56.19
C LEU B 199 74.87 -0.97 57.48
N GLY B 200 73.79 -0.22 57.68
CA GLY B 200 73.62 0.66 58.83
C GLY B 200 73.94 2.10 58.50
N THR B 201 75.04 2.32 57.75
CA THR B 201 75.50 3.65 57.31
C THR B 201 74.73 4.13 56.08
N GLN B 202 74.47 3.23 55.11
CA GLN B 202 73.75 3.53 53.88
C GLN B 202 72.31 2.98 53.94
N THR B 203 71.34 3.84 53.58
CA THR B 203 69.91 3.48 53.55
C THR B 203 69.52 3.00 52.15
N TYR B 204 68.86 1.83 52.07
CA TYR B 204 68.44 1.24 50.79
C TYR B 204 66.93 1.22 50.63
N ILE B 205 66.43 1.88 49.58
CA ILE B 205 64.99 1.97 49.25
C ILE B 205 64.79 1.55 47.79
N CYS B 206 63.84 0.64 47.53
CA CYS B 206 63.51 0.19 46.18
C CYS B 206 62.31 0.97 45.63
N ASN B 207 62.45 1.49 44.40
CA ASN B 207 61.41 2.28 43.74
C ASN B 207 60.66 1.42 42.73
N VAL B 208 59.49 0.91 43.13
CA VAL B 208 58.63 0.05 42.31
C VAL B 208 57.53 0.88 41.66
N ASP B 209 57.49 0.87 40.31
CA ASP B 209 56.51 1.62 39.52
C ASP B 209 55.69 0.68 38.63
N HIS B 210 54.36 0.71 38.83
CA HIS B 210 53.42 -0.10 38.06
C HIS B 210 52.40 0.83 37.39
N LYS B 211 52.62 1.11 36.11
CA LYS B 211 51.80 2.01 35.28
C LYS B 211 50.33 1.58 35.06
N PRO B 212 49.97 0.28 34.83
CA PRO B 212 48.55 -0.05 34.63
C PRO B 212 47.65 0.19 35.85
N SER B 213 48.23 0.14 37.08
CA SER B 213 47.50 0.40 38.32
C SER B 213 47.77 1.82 38.85
N ASN B 214 48.67 2.58 38.18
CA ASN B 214 49.09 3.95 38.49
C ASN B 214 49.60 4.07 39.95
N THR B 215 50.44 3.10 40.35
CA THR B 215 50.99 3.03 41.71
C THR B 215 52.51 3.10 41.73
N LYS B 216 53.05 3.90 42.65
CA LYS B 216 54.49 4.08 42.87
C LYS B 216 54.75 3.76 44.35
N VAL B 217 55.26 2.55 44.62
CA VAL B 217 55.54 2.08 45.98
C VAL B 217 57.04 2.12 46.27
N ASP B 218 57.43 2.87 47.32
CA ASP B 218 58.81 3.00 47.77
C ASP B 218 58.94 2.34 49.14
N LYS B 219 59.69 1.22 49.21
CA LYS B 219 59.89 0.45 50.43
C LYS B 219 61.35 0.42 50.84
N LYS B 220 61.63 0.75 52.11
CA LYS B 220 62.98 0.76 52.68
C LYS B 220 63.36 -0.61 53.25
N VAL B 221 64.56 -1.11 52.88
CA VAL B 221 65.07 -2.41 53.32
C VAL B 221 66.08 -2.21 54.45
N GLU B 222 65.83 -2.87 55.59
CA GLU B 222 66.67 -2.82 56.79
C GLU B 222 66.54 -4.12 57.63
N PRO B 223 67.64 -4.63 58.25
CA PRO B 223 67.52 -5.88 59.03
C PRO B 223 66.72 -5.71 60.33
N GLU C 2 51.92 -30.50 7.09
CA GLU C 2 52.58 -31.53 7.88
C GLU C 2 54.12 -31.34 7.97
N LEU C 3 54.68 -30.37 7.22
CA LEU C 3 56.11 -30.05 7.20
C LEU C 3 56.54 -29.45 8.54
N GLN C 4 57.54 -30.09 9.18
CA GLN C 4 58.08 -29.67 10.47
C GLN C 4 59.52 -29.17 10.35
N MET C 5 59.81 -28.00 10.95
CA MET C 5 61.13 -27.40 10.95
C MET C 5 61.82 -27.59 12.30
N THR C 6 62.86 -28.44 12.33
CA THR C 6 63.61 -28.75 13.55
C THR C 6 65.07 -28.27 13.44
N GLN C 7 65.45 -27.31 14.29
CA GLN C 7 66.83 -26.79 14.32
C GLN C 7 67.61 -27.19 15.57
N SER C 8 68.84 -27.68 15.37
CA SER C 8 69.74 -28.14 16.43
C SER C 8 71.03 -27.31 16.48
N PRO C 9 71.55 -26.95 17.68
CA PRO C 9 71.03 -27.25 19.03
C PRO C 9 70.02 -26.23 19.54
N SER C 10 69.49 -26.45 20.77
CA SER C 10 68.54 -25.54 21.41
C SER C 10 69.27 -24.32 21.96
N SER C 11 70.48 -24.53 22.52
CA SER C 11 71.36 -23.51 23.08
C SER C 11 72.82 -23.86 22.79
N LEU C 12 73.66 -22.83 22.55
CA LEU C 12 75.07 -23.02 22.24
C LEU C 12 75.97 -22.05 23.02
N SER C 13 77.04 -22.57 23.65
CA SER C 13 78.00 -21.79 24.43
C SER C 13 79.33 -21.70 23.67
N ALA C 14 79.76 -20.45 23.34
CA ALA C 14 80.99 -20.18 22.59
C ALA C 14 81.64 -18.83 22.94
N SER C 15 82.98 -18.75 22.79
CA SER C 15 83.77 -17.54 23.05
C SER C 15 83.87 -16.63 21.82
N VAL C 16 84.36 -15.38 22.03
CA VAL C 16 84.54 -14.39 20.97
C VAL C 16 85.72 -14.78 20.06
N GLY C 17 85.44 -14.98 18.78
CA GLY C 17 86.41 -15.37 17.77
C GLY C 17 86.23 -16.78 17.23
N ASP C 18 85.45 -17.62 17.95
CA ASP C 18 85.16 -19.01 17.61
C ASP C 18 84.26 -19.14 16.37
N ARG C 19 84.32 -20.32 15.71
CA ARG C 19 83.50 -20.63 14.53
C ARG C 19 82.29 -21.46 14.97
N VAL C 20 81.08 -20.88 14.84
CA VAL C 20 79.83 -21.53 15.24
C VAL C 20 79.05 -22.13 14.06
N THR C 21 78.38 -23.26 14.29
CA THR C 21 77.60 -23.97 13.28
C THR C 21 76.17 -24.22 13.77
N ILE C 22 75.19 -23.58 13.12
CA ILE C 22 73.77 -23.70 13.44
C ILE C 22 73.12 -24.53 12.33
N THR C 23 72.50 -25.68 12.68
CA THR C 23 71.87 -26.57 11.72
C THR C 23 70.35 -26.55 11.79
N CYS C 24 69.69 -26.39 10.62
CA CYS C 24 68.23 -26.35 10.47
C CYS C 24 67.82 -27.52 9.57
N ARG C 25 66.95 -28.42 10.08
CA ARG C 25 66.49 -29.60 9.34
C ARG C 25 65.00 -29.53 9.00
N ALA C 26 64.66 -29.93 7.76
CA ALA C 26 63.29 -29.96 7.23
C ALA C 26 62.86 -31.40 6.96
N SER C 27 61.58 -31.73 7.27
CA SER C 27 61.01 -33.06 7.08
C SER C 27 60.78 -33.41 5.59
N GLN C 28 60.67 -32.39 4.72
CA GLN C 28 60.46 -32.53 3.28
C GLN C 28 61.45 -31.65 2.50
N ASP C 29 61.61 -31.92 1.17
CA ASP C 29 62.50 -31.16 0.29
C ASP C 29 61.92 -29.76 0.06
N ILE C 30 62.70 -28.73 0.44
CA ILE C 30 62.31 -27.32 0.30
C ILE C 30 63.26 -26.51 -0.61
N SER C 31 64.29 -27.18 -1.18
CA SER C 31 65.33 -26.63 -2.07
C SER C 31 66.08 -25.43 -1.44
N ILE C 32 66.30 -24.34 -2.20
CA ILE C 32 66.99 -23.14 -1.69
C ILE C 32 66.05 -22.17 -0.96
N ARG C 33 64.77 -22.55 -0.80
CA ARG C 33 63.75 -21.71 -0.15
C ARG C 33 63.81 -21.75 1.38
N LEU C 34 64.73 -20.95 1.97
CA LEU C 34 64.94 -20.83 3.42
C LEU C 34 65.51 -19.45 3.80
N ASN C 35 65.11 -18.94 4.98
CA ASN C 35 65.55 -17.64 5.52
C ASN C 35 66.07 -17.75 6.95
N TRP C 36 67.16 -17.02 7.27
CA TRP C 36 67.80 -16.99 8.59
C TRP C 36 67.55 -15.65 9.29
N TYR C 37 67.20 -15.69 10.59
CA TYR C 37 66.90 -14.51 11.39
C TYR C 37 67.70 -14.42 12.69
N GLN C 38 67.97 -13.19 13.14
CA GLN C 38 68.69 -12.87 14.38
C GLN C 38 67.75 -12.09 15.30
N GLN C 39 67.62 -12.52 16.57
CA GLN C 39 66.75 -11.85 17.53
C GLN C 39 67.39 -11.65 18.91
N LYS C 40 67.54 -10.37 19.30
CA LYS C 40 68.06 -9.96 20.61
C LYS C 40 66.89 -9.79 21.59
N PRO C 41 67.07 -10.03 22.92
CA PRO C 41 65.92 -9.89 23.84
C PRO C 41 65.32 -8.49 23.89
N GLY C 42 64.01 -8.42 23.68
CA GLY C 42 63.25 -7.18 23.66
C GLY C 42 63.02 -6.61 22.28
N LYS C 43 64.00 -6.81 21.36
CA LYS C 43 63.96 -6.32 19.98
C LYS C 43 63.38 -7.34 18.99
N ALA C 44 62.81 -6.83 17.88
CA ALA C 44 62.19 -7.60 16.80
C ALA C 44 63.23 -8.39 15.98
N PRO C 45 62.86 -9.52 15.33
CA PRO C 45 63.85 -10.29 14.53
C PRO C 45 64.42 -9.50 13.34
N LYS C 46 65.67 -9.85 12.95
CA LYS C 46 66.40 -9.21 11.86
C LYS C 46 66.88 -10.27 10.86
N LEU C 47 66.52 -10.11 9.56
CA LEU C 47 66.90 -11.03 8.50
C LEU C 47 68.38 -10.87 8.14
N LEU C 48 69.12 -12.00 8.11
CA LEU C 48 70.54 -12.02 7.77
C LEU C 48 70.79 -12.68 6.42
N ILE C 49 70.30 -13.92 6.26
CA ILE C 49 70.47 -14.71 5.03
C ILE C 49 69.12 -15.13 4.44
N TYR C 50 68.90 -14.76 3.17
CA TYR C 50 67.70 -15.10 2.41
C TYR C 50 68.08 -16.05 1.26
N ASP C 51 67.13 -16.86 0.77
CA ASP C 51 67.33 -17.86 -0.29
C ASP C 51 68.48 -18.84 0.04
N ALA C 52 68.49 -19.32 1.31
CA ALA C 52 69.44 -20.28 1.91
C ALA C 52 70.93 -19.90 1.95
N SER C 53 71.40 -18.99 1.07
CA SER C 53 72.82 -18.60 1.02
C SER C 53 73.09 -17.10 0.81
N THR C 54 72.18 -16.39 0.10
CA THR C 54 72.33 -14.97 -0.22
C THR C 54 72.23 -14.08 1.04
N LEU C 55 73.24 -13.21 1.25
CA LEU C 55 73.32 -12.31 2.39
C LEU C 55 72.57 -11.00 2.16
N GLU C 56 71.91 -10.49 3.22
CA GLU C 56 71.17 -9.22 3.21
C GLU C 56 72.14 -8.04 3.30
N SER C 57 71.74 -6.87 2.77
CA SER C 57 72.54 -5.65 2.78
C SER C 57 72.85 -5.16 4.19
N GLY C 58 74.14 -4.97 4.49
CA GLY C 58 74.62 -4.52 5.78
C GLY C 58 75.13 -5.63 6.68
N VAL C 59 74.74 -6.89 6.41
CA VAL C 59 75.14 -8.07 7.18
C VAL C 59 76.64 -8.38 6.94
N PRO C 60 77.46 -8.46 8.01
CA PRO C 60 78.90 -8.73 7.83
C PRO C 60 79.27 -10.03 7.12
N SER C 61 80.47 -10.05 6.50
CA SER C 61 81.04 -11.17 5.74
C SER C 61 81.20 -12.47 6.53
N ARG C 62 81.31 -12.37 7.87
CA ARG C 62 81.45 -13.52 8.78
C ARG C 62 80.26 -14.49 8.71
N PHE C 63 79.03 -13.96 8.54
CA PHE C 63 77.80 -14.74 8.40
C PHE C 63 77.76 -15.41 7.03
N SER C 64 77.43 -16.71 6.98
CA SER C 64 77.35 -17.48 5.74
C SER C 64 76.25 -18.52 5.76
N GLY C 65 75.56 -18.66 4.63
CA GLY C 65 74.45 -19.60 4.46
C GLY C 65 74.81 -20.80 3.61
N SER C 66 74.40 -22.00 4.06
CA SER C 66 74.65 -23.27 3.39
C SER C 66 73.44 -24.21 3.50
N GLY C 67 73.38 -25.20 2.60
CA GLY C 67 72.33 -26.20 2.59
C GLY C 67 71.34 -26.09 1.44
N SER C 68 70.76 -27.25 1.06
CA SER C 68 69.76 -27.39 -0.01
C SER C 68 68.97 -28.68 0.19
N GLY C 69 67.65 -28.58 0.09
CA GLY C 69 66.74 -29.72 0.23
C GLY C 69 66.15 -29.90 1.61
N THR C 70 66.90 -30.58 2.51
CA THR C 70 66.46 -30.87 3.88
C THR C 70 67.39 -30.31 4.96
N ASP C 71 68.71 -30.56 4.86
CA ASP C 71 69.71 -30.10 5.83
C ASP C 71 70.26 -28.73 5.44
N PHE C 72 70.24 -27.78 6.40
CA PHE C 72 70.71 -26.40 6.20
C PHE C 72 71.71 -25.98 7.28
N THR C 73 72.61 -25.02 6.95
CA THR C 73 73.66 -24.55 7.85
C THR C 73 73.83 -23.02 7.87
N LEU C 74 74.01 -22.45 9.07
CA LEU C 74 74.30 -21.03 9.33
C LEU C 74 75.67 -21.00 10.04
N THR C 75 76.66 -20.37 9.40
CA THR C 75 78.03 -20.31 9.93
C THR C 75 78.56 -18.91 10.10
N ILE C 76 79.11 -18.62 11.30
CA ILE C 76 79.75 -17.36 11.65
C ILE C 76 81.23 -17.69 11.85
N SER C 77 82.08 -17.37 10.86
CA SER C 77 83.52 -17.65 10.83
C SER C 77 84.27 -17.20 12.08
N SER C 78 84.01 -15.95 12.53
CA SER C 78 84.60 -15.37 13.72
C SER C 78 83.50 -14.70 14.54
N LEU C 79 83.17 -15.29 15.70
CA LEU C 79 82.11 -14.79 16.59
C LEU C 79 82.51 -13.46 17.22
N GLN C 80 81.53 -12.54 17.36
CA GLN C 80 81.72 -11.20 17.91
C GLN C 80 80.73 -10.92 19.05
N PRO C 81 80.98 -9.94 19.96
CA PRO C 81 80.01 -9.66 21.04
C PRO C 81 78.61 -9.22 20.57
N GLU C 82 78.54 -8.67 19.34
CA GLU C 82 77.31 -8.20 18.70
C GLU C 82 76.46 -9.39 18.22
N ASP C 83 77.12 -10.53 17.91
CA ASP C 83 76.50 -11.76 17.40
C ASP C 83 75.76 -12.62 18.44
N PHE C 84 75.94 -12.35 19.74
CA PHE C 84 75.27 -13.11 20.80
C PHE C 84 73.77 -12.80 20.90
N ALA C 85 72.96 -13.62 20.20
CA ALA C 85 71.50 -13.52 20.12
C ALA C 85 70.88 -14.87 19.73
N THR C 86 69.54 -14.95 19.74
CA THR C 86 68.79 -16.16 19.36
C THR C 86 68.63 -16.19 17.83
N TYR C 87 68.94 -17.35 17.20
CA TYR C 87 68.86 -17.53 15.76
C TYR C 87 67.72 -18.46 15.34
N TYR C 88 66.91 -18.00 14.36
CA TYR C 88 65.76 -18.74 13.84
C TYR C 88 65.87 -19.00 12.34
N CYS C 89 65.28 -20.12 11.87
CA CYS C 89 65.24 -20.51 10.46
C CYS C 89 63.79 -20.73 10.00
N GLN C 90 63.43 -20.19 8.83
CA GLN C 90 62.08 -20.34 8.28
C GLN C 90 62.05 -20.79 6.83
N GLN C 91 61.02 -21.55 6.45
CA GLN C 91 60.82 -22.07 5.09
C GLN C 91 59.76 -21.28 4.32
N PHE C 92 59.85 -21.28 2.98
CA PHE C 92 58.88 -20.60 2.11
C PHE C 92 58.52 -21.37 0.84
N ASN C 93 58.80 -22.69 0.82
CA ASN C 93 58.48 -23.58 -0.30
C ASN C 93 57.00 -23.98 -0.27
N SER C 94 56.46 -24.26 0.92
CA SER C 94 55.08 -24.65 1.12
C SER C 94 54.43 -23.90 2.29
N TYR C 95 53.12 -23.61 2.16
CA TYR C 95 52.34 -22.89 3.16
C TYR C 95 51.67 -23.83 4.18
N PRO C 96 51.53 -23.46 5.47
CA PRO C 96 51.90 -22.19 6.12
C PRO C 96 53.40 -22.03 6.36
N LEU C 97 53.86 -20.76 6.49
CA LEU C 97 55.26 -20.42 6.73
C LEU C 97 55.61 -20.80 8.16
N THR C 98 56.49 -21.80 8.34
CA THR C 98 56.88 -22.30 9.65
C THR C 98 58.31 -21.92 10.03
N PHE C 99 58.50 -21.58 11.32
CA PHE C 99 59.79 -21.20 11.90
C PHE C 99 60.36 -22.33 12.76
N GLY C 100 61.68 -22.32 12.93
CA GLY C 100 62.41 -23.30 13.73
C GLY C 100 62.27 -23.08 15.22
N GLY C 101 62.84 -23.99 15.99
CA GLY C 101 62.83 -23.97 17.45
C GLY C 101 63.55 -22.78 18.07
N GLY C 102 64.72 -22.44 17.51
CA GLY C 102 65.55 -21.34 17.96
C GLY C 102 66.84 -21.80 18.60
N THR C 103 67.94 -21.11 18.29
CA THR C 103 69.27 -21.41 18.84
C THR C 103 69.86 -20.17 19.51
N LYS C 104 69.93 -20.19 20.86
CA LYS C 104 70.47 -19.09 21.65
C LYS C 104 71.99 -19.24 21.77
N VAL C 105 72.74 -18.26 21.25
CA VAL C 105 74.20 -18.25 21.29
C VAL C 105 74.64 -17.44 22.53
N GLU C 106 75.19 -18.13 23.53
CA GLU C 106 75.63 -17.54 24.80
C GLU C 106 77.16 -17.51 24.96
N ILE C 107 77.68 -16.54 25.73
CA ILE C 107 79.11 -16.31 25.98
C ILE C 107 79.71 -17.40 26.87
N LYS C 108 80.82 -18.02 26.42
CA LYS C 108 81.54 -19.05 27.17
C LYS C 108 82.34 -18.36 28.28
N ARG C 109 82.10 -18.76 29.54
CA ARG C 109 82.70 -18.19 30.75
C ARG C 109 83.34 -19.30 31.61
N THR C 110 84.32 -18.92 32.46
CA THR C 110 85.00 -19.84 33.38
C THR C 110 84.01 -20.21 34.50
N VAL C 111 83.96 -21.51 34.85
CA VAL C 111 83.06 -22.06 35.88
C VAL C 111 83.12 -21.33 37.24
N ALA C 112 82.00 -20.70 37.63
CA ALA C 112 81.87 -19.93 38.87
C ALA C 112 80.73 -20.43 39.75
N ALA C 113 81.00 -20.59 41.06
CA ALA C 113 80.04 -21.06 42.06
C ALA C 113 79.05 -19.96 42.47
N PRO C 114 77.75 -20.29 42.68
CA PRO C 114 76.78 -19.25 43.07
C PRO C 114 76.87 -18.81 44.52
N SER C 115 76.67 -17.50 44.76
CA SER C 115 76.66 -16.91 46.11
C SER C 115 75.22 -17.04 46.62
N VAL C 116 74.97 -18.08 47.43
CA VAL C 116 73.64 -18.41 47.96
C VAL C 116 73.23 -17.58 49.18
N PHE C 117 72.01 -17.00 49.13
CA PHE C 117 71.42 -16.18 50.18
C PHE C 117 69.96 -16.59 50.42
N ILE C 118 69.56 -16.73 51.70
CA ILE C 118 68.19 -17.08 52.07
C ILE C 118 67.49 -15.86 52.72
N PHE C 119 66.24 -15.60 52.29
CA PHE C 119 65.46 -14.46 52.80
C PHE C 119 64.18 -14.90 53.52
N PRO C 120 64.03 -14.56 54.83
CA PRO C 120 62.80 -14.95 55.55
C PRO C 120 61.60 -14.06 55.21
N PRO C 121 60.34 -14.56 55.26
CA PRO C 121 59.19 -13.70 54.93
C PRO C 121 58.98 -12.58 55.95
N SER C 122 58.77 -11.35 55.45
CA SER C 122 58.55 -10.15 56.26
C SER C 122 57.26 -10.21 57.08
N ASP C 123 57.21 -9.46 58.20
CA ASP C 123 56.06 -9.37 59.10
C ASP C 123 54.83 -8.75 58.42
N GLU C 124 55.07 -7.90 57.41
CA GLU C 124 54.04 -7.22 56.60
C GLU C 124 53.28 -8.25 55.76
N GLN C 125 53.99 -9.25 55.21
CA GLN C 125 53.41 -10.32 54.40
C GLN C 125 52.63 -11.30 55.28
N LEU C 126 53.17 -11.60 56.49
CA LEU C 126 52.56 -12.51 57.47
C LEU C 126 51.19 -12.03 57.96
N LYS C 127 50.96 -10.69 57.95
CA LYS C 127 49.71 -10.06 58.35
C LYS C 127 48.60 -10.37 57.33
N SER C 128 48.96 -10.49 56.04
CA SER C 128 48.04 -10.80 54.94
C SER C 128 47.54 -12.26 54.99
N GLY C 129 48.39 -13.16 55.49
CA GLY C 129 48.07 -14.59 55.61
C GLY C 129 48.94 -15.50 54.77
N THR C 130 49.91 -14.94 54.03
CA THR C 130 50.82 -15.68 53.16
C THR C 130 52.29 -15.41 53.51
N ALA C 131 53.14 -16.43 53.37
CA ALA C 131 54.58 -16.35 53.65
C ALA C 131 55.39 -16.86 52.46
N SER C 132 56.30 -16.02 51.96
CA SER C 132 57.15 -16.34 50.81
C SER C 132 58.62 -16.33 51.20
N VAL C 133 59.32 -17.46 50.95
CA VAL C 133 60.74 -17.61 51.27
C VAL C 133 61.53 -17.55 49.96
N ALA C 134 62.33 -16.48 49.78
CA ALA C 134 63.14 -16.27 48.58
C ALA C 134 64.58 -16.74 48.78
N CYS C 135 65.10 -17.50 47.79
CA CYS C 135 66.46 -18.03 47.80
C CYS C 135 67.24 -17.50 46.60
N LEU C 136 68.23 -16.63 46.86
CA LEU C 136 69.06 -16.01 45.83
C LEU C 136 70.28 -16.87 45.49
N LEU C 137 70.61 -16.94 44.19
CA LEU C 137 71.76 -17.64 43.63
C LEU C 137 72.48 -16.61 42.75
N ASN C 138 73.15 -15.64 43.39
CA ASN C 138 73.83 -14.54 42.70
C ASN C 138 75.13 -14.92 42.00
N ASN C 139 75.24 -14.53 40.71
CA ASN C 139 76.38 -14.71 39.80
C ASN C 139 76.99 -16.12 39.71
N PHE C 140 76.61 -16.89 38.68
CA PHE C 140 77.10 -18.25 38.45
C PHE C 140 77.15 -18.65 36.97
N TYR C 141 78.01 -19.63 36.64
CA TYR C 141 78.18 -20.19 35.30
C TYR C 141 78.58 -21.68 35.41
N PRO C 142 77.95 -22.62 34.66
CA PRO C 142 76.86 -22.44 33.68
C PRO C 142 75.47 -22.26 34.29
N ARG C 143 74.44 -22.04 33.44
CA ARG C 143 73.03 -21.84 33.78
C ARG C 143 72.44 -23.03 34.57
N GLU C 144 72.94 -24.25 34.32
CA GLU C 144 72.50 -25.50 34.95
C GLU C 144 72.70 -25.51 36.47
N ALA C 145 71.60 -25.35 37.22
CA ALA C 145 71.60 -25.32 38.68
C ALA C 145 70.32 -25.93 39.25
N LYS C 146 70.44 -26.69 40.35
CA LYS C 146 69.31 -27.35 41.02
C LYS C 146 69.05 -26.76 42.40
N VAL C 147 67.77 -26.39 42.66
CA VAL C 147 67.34 -25.80 43.94
C VAL C 147 66.29 -26.72 44.59
N GLN C 148 66.54 -27.15 45.83
CA GLN C 148 65.65 -28.01 46.61
C GLN C 148 65.24 -27.35 47.92
N TRP C 149 63.92 -27.34 48.22
CA TRP C 149 63.36 -26.73 49.42
C TRP C 149 63.09 -27.75 50.53
N LYS C 150 63.37 -27.35 51.78
CA LYS C 150 63.17 -28.17 52.97
C LYS C 150 62.39 -27.41 54.05
N VAL C 151 61.12 -27.79 54.27
CA VAL C 151 60.20 -27.17 55.23
C VAL C 151 60.63 -27.42 56.70
N ASP C 152 61.11 -28.65 56.99
CA ASP C 152 61.61 -29.13 58.28
C ASP C 152 62.30 -30.47 58.00
N ASN C 153 63.38 -30.42 57.19
CA ASN C 153 64.20 -31.54 56.71
C ASN C 153 63.48 -32.41 55.65
N ALA C 154 62.19 -32.11 55.37
CA ALA C 154 61.37 -32.81 54.38
C ALA C 154 61.38 -32.05 53.06
N LEU C 155 61.68 -32.78 51.96
CA LEU C 155 61.77 -32.22 50.59
C LEU C 155 60.42 -31.69 50.10
N GLN C 156 60.43 -30.47 49.53
CA GLN C 156 59.23 -29.82 49.01
C GLN C 156 59.18 -29.89 47.49
N SER C 157 58.08 -30.46 46.96
CA SER C 157 57.86 -30.63 45.51
C SER C 157 57.11 -29.45 44.89
N GLY C 158 55.95 -29.10 45.47
CA GLY C 158 55.13 -27.99 45.02
C GLY C 158 55.50 -26.67 45.66
N ASN C 159 54.69 -25.62 45.40
CA ASN C 159 54.84 -24.25 45.91
C ASN C 159 56.15 -23.53 45.53
N SER C 160 57.00 -24.16 44.71
CA SER C 160 58.28 -23.62 44.25
C SER C 160 58.19 -23.05 42.84
N GLN C 161 58.73 -21.83 42.66
CA GLN C 161 58.76 -21.14 41.36
C GLN C 161 60.15 -20.54 41.13
N GLU C 162 60.84 -21.03 40.08
CA GLU C 162 62.18 -20.58 39.72
C GLU C 162 62.16 -19.54 38.59
N SER C 163 63.08 -18.56 38.68
CA SER C 163 63.22 -17.48 37.70
C SER C 163 64.70 -17.17 37.48
N VAL C 164 65.15 -17.25 36.21
CA VAL C 164 66.55 -17.02 35.83
C VAL C 164 66.70 -15.76 34.97
N THR C 165 67.66 -14.89 35.33
CA THR C 165 67.98 -13.66 34.59
C THR C 165 68.83 -14.01 33.38
N GLU C 166 68.84 -13.14 32.36
CA GLU C 166 69.64 -13.30 31.14
C GLU C 166 71.13 -13.06 31.47
N GLN C 167 72.03 -13.62 30.64
CA GLN C 167 73.49 -13.50 30.81
C GLN C 167 73.93 -12.05 30.93
N ASP C 168 74.55 -11.70 32.08
CA ASP C 168 75.01 -10.35 32.43
C ASP C 168 76.02 -9.78 31.43
N SER C 169 75.98 -8.46 31.22
CA SER C 169 76.86 -7.74 30.30
C SER C 169 78.29 -7.61 30.82
N LYS C 170 78.46 -7.46 32.15
CA LYS C 170 79.76 -7.27 32.79
C LYS C 170 80.55 -8.56 33.03
N ASP C 171 80.04 -9.47 33.89
CA ASP C 171 80.73 -10.72 34.25
C ASP C 171 80.29 -11.99 33.49
N ASN C 172 79.25 -11.89 32.63
CA ASN C 172 78.68 -12.99 31.82
C ASN C 172 78.18 -14.18 32.65
N THR C 173 77.55 -13.88 33.81
CA THR C 173 77.01 -14.88 34.74
C THR C 173 75.50 -14.77 34.88
N TYR C 174 74.86 -15.88 35.31
CA TYR C 174 73.41 -15.99 35.50
C TYR C 174 73.06 -15.85 36.99
N SER C 175 71.77 -15.58 37.29
CA SER C 175 71.25 -15.47 38.64
C SER C 175 69.89 -16.15 38.75
N LEU C 176 69.65 -16.89 39.85
CA LEU C 176 68.41 -17.62 40.09
C LEU C 176 67.74 -17.19 41.39
N SER C 177 66.40 -17.10 41.37
CA SER C 177 65.59 -16.73 42.53
C SER C 177 64.37 -17.66 42.69
N SER C 178 64.46 -18.61 43.62
CA SER C 178 63.39 -19.57 43.90
C SER C 178 62.54 -19.07 45.07
N THR C 179 61.21 -19.09 44.88
CA THR C 179 60.26 -18.63 45.89
C THR C 179 59.33 -19.75 46.35
N LEU C 180 59.34 -20.05 47.67
CA LEU C 180 58.51 -21.06 48.30
C LEU C 180 57.34 -20.35 48.98
N THR C 181 56.12 -20.48 48.40
CA THR C 181 54.91 -19.83 48.90
C THR C 181 54.07 -20.75 49.80
N LEU C 182 54.02 -20.42 51.10
CA LEU C 182 53.26 -21.16 52.11
C LEU C 182 52.30 -20.23 52.85
N SER C 183 51.19 -20.78 53.38
CA SER C 183 50.20 -20.01 54.15
C SER C 183 50.74 -19.70 55.55
N LYS C 184 50.08 -18.74 56.26
CA LYS C 184 50.45 -18.31 57.62
C LYS C 184 50.41 -19.48 58.62
N ALA C 185 49.38 -20.35 58.50
CA ALA C 185 49.20 -21.52 59.36
C ALA C 185 50.27 -22.58 59.10
N ASP C 186 50.64 -22.80 57.82
CA ASP C 186 51.67 -23.76 57.41
C ASP C 186 53.08 -23.29 57.77
N TYR C 187 53.33 -21.96 57.73
CA TYR C 187 54.63 -21.37 58.05
C TYR C 187 54.93 -21.45 59.55
N GLU C 188 53.95 -21.11 60.40
CA GLU C 188 54.08 -21.12 61.86
C GLU C 188 54.10 -22.54 62.45
N LYS C 189 53.76 -23.56 61.63
CA LYS C 189 53.74 -24.98 62.00
C LYS C 189 55.14 -25.62 61.98
N HIS C 190 56.09 -25.02 61.22
CA HIS C 190 57.46 -25.53 61.08
C HIS C 190 58.53 -24.56 61.60
N LYS C 191 59.74 -25.07 61.92
CA LYS C 191 60.84 -24.28 62.46
C LYS C 191 61.97 -23.94 61.47
N VAL C 192 62.84 -24.93 61.15
CA VAL C 192 63.98 -24.73 60.25
C VAL C 192 63.67 -24.82 58.74
N TYR C 193 63.87 -23.70 58.02
CA TYR C 193 63.64 -23.59 56.59
C TYR C 193 64.98 -23.56 55.86
N ALA C 194 65.23 -24.58 55.02
CA ALA C 194 66.48 -24.74 54.29
C ALA C 194 66.34 -24.65 52.76
N CYS C 195 67.40 -24.19 52.10
CA CYS C 195 67.50 -24.04 50.65
C CYS C 195 68.78 -24.72 50.16
N GLU C 196 68.65 -25.92 49.57
CA GLU C 196 69.78 -26.69 49.05
C GLU C 196 70.07 -26.32 47.59
N VAL C 197 71.33 -25.95 47.30
CA VAL C 197 71.77 -25.55 45.96
C VAL C 197 72.83 -26.51 45.42
N THR C 198 72.55 -27.09 44.24
CA THR C 198 73.45 -28.02 43.54
C THR C 198 73.95 -27.33 42.25
N HIS C 199 75.29 -27.15 42.14
CA HIS C 199 75.92 -26.51 40.99
C HIS C 199 77.31 -27.10 40.71
N GLN C 200 77.76 -26.99 39.43
CA GLN C 200 79.05 -27.48 38.92
C GLN C 200 80.25 -26.84 39.62
N GLY C 201 80.15 -25.54 39.92
CA GLY C 201 81.18 -24.76 40.59
C GLY C 201 81.43 -25.15 42.04
N LEU C 202 80.37 -25.60 42.73
CA LEU C 202 80.43 -26.04 44.13
C LEU C 202 80.90 -27.49 44.20
N SER C 203 81.67 -27.82 45.26
CA SER C 203 82.20 -29.17 45.50
C SER C 203 81.04 -30.11 45.87
N SER C 204 80.34 -29.80 46.97
CA SER C 204 79.17 -30.54 47.46
C SER C 204 77.97 -29.57 47.59
N PRO C 205 76.70 -30.03 47.54
CA PRO C 205 75.57 -29.08 47.63
C PRO C 205 75.53 -28.21 48.88
N VAL C 206 75.65 -26.89 48.70
CA VAL C 206 75.62 -25.90 49.79
C VAL C 206 74.17 -25.64 50.23
N THR C 207 73.94 -25.54 51.55
CA THR C 207 72.61 -25.32 52.11
C THR C 207 72.59 -24.11 53.04
N LYS C 208 71.79 -23.09 52.68
CA LYS C 208 71.58 -21.88 53.47
C LYS C 208 70.24 -22.01 54.19
N SER C 209 70.27 -21.95 55.54
CA SER C 209 69.06 -22.13 56.34
C SER C 209 68.89 -21.11 57.48
N PHE C 210 67.66 -21.01 58.00
CA PHE C 210 67.28 -20.14 59.11
C PHE C 210 66.18 -20.79 59.96
N ASN C 211 66.10 -20.39 61.24
CA ASN C 211 65.09 -20.88 62.19
C ASN C 211 64.00 -19.81 62.38
N ARG C 212 62.73 -20.24 62.52
CA ARG C 212 61.58 -19.34 62.69
C ARG C 212 61.64 -18.54 64.00
N GLY C 213 61.69 -17.21 63.85
CA GLY C 213 61.75 -16.26 64.96
C GLY C 213 63.03 -16.29 65.75
N GLU C 214 64.17 -16.06 65.07
CA GLU C 214 65.50 -16.05 65.71
C GLU C 214 66.40 -14.92 65.21
N MET D 1 40.38 -25.75 -11.02
CA MET D 1 39.22 -26.60 -11.32
C MET D 1 37.91 -25.80 -11.43
N ARG D 2 38.00 -24.45 -11.38
CA ARG D 2 36.86 -23.53 -11.47
C ARG D 2 36.21 -23.51 -12.85
N CYS D 3 37.02 -23.39 -13.92
CA CYS D 3 36.54 -23.34 -15.31
C CYS D 3 35.89 -24.64 -15.81
N VAL D 4 36.14 -25.77 -15.10
CA VAL D 4 35.58 -27.09 -15.42
C VAL D 4 34.06 -27.06 -15.20
N GLY D 5 33.31 -27.28 -16.27
CA GLY D 5 31.85 -27.27 -16.25
C GLY D 5 31.24 -26.04 -16.89
N VAL D 6 32.01 -24.93 -16.94
CA VAL D 6 31.59 -23.65 -17.51
C VAL D 6 31.55 -23.77 -19.05
N GLY D 7 30.42 -23.36 -19.64
CA GLY D 7 30.18 -23.39 -21.08
C GLY D 7 31.11 -22.48 -21.85
N ASN D 8 31.08 -21.17 -21.54
CA ASN D 8 31.94 -20.17 -22.18
C ASN D 8 33.34 -20.27 -21.57
N ARG D 9 34.18 -21.17 -22.11
CA ARG D 9 35.54 -21.41 -21.63
C ARG D 9 36.55 -21.30 -22.77
N ASP D 10 37.66 -20.59 -22.53
CA ASP D 10 38.74 -20.38 -23.49
C ASP D 10 40.06 -20.93 -22.96
N PHE D 11 40.76 -21.72 -23.78
CA PHE D 11 42.06 -22.31 -23.44
C PHE D 11 43.17 -21.49 -24.08
N VAL D 12 44.06 -20.91 -23.24
CA VAL D 12 45.18 -20.09 -23.71
C VAL D 12 46.51 -20.74 -23.33
N GLU D 13 47.35 -21.02 -24.33
CA GLU D 13 48.67 -21.63 -24.15
C GLU D 13 49.76 -20.57 -24.27
N GLY D 14 50.72 -20.63 -23.35
CA GLY D 14 51.83 -19.69 -23.27
C GLY D 14 52.90 -19.82 -24.34
N VAL D 15 53.91 -18.94 -24.26
CA VAL D 15 55.06 -18.89 -25.18
C VAL D 15 55.96 -20.12 -24.93
N SER D 16 56.79 -20.50 -25.93
CA SER D 16 57.72 -21.64 -25.90
C SER D 16 58.54 -21.74 -24.60
N GLY D 17 59.04 -20.60 -24.13
CA GLY D 17 59.80 -20.51 -22.89
C GLY D 17 58.96 -20.25 -21.66
N GLY D 18 57.73 -19.74 -21.87
CA GLY D 18 56.78 -19.42 -20.82
C GLY D 18 56.80 -17.94 -20.47
N ALA D 19 57.01 -17.64 -19.16
CA ALA D 19 57.09 -16.30 -18.57
C ALA D 19 55.86 -15.38 -18.66
N TRP D 20 55.15 -15.35 -19.82
CA TRP D 20 53.97 -14.51 -20.00
C TRP D 20 52.85 -15.12 -20.84
N VAL D 21 51.59 -14.79 -20.52
CA VAL D 21 50.38 -15.27 -21.21
C VAL D 21 49.42 -14.08 -21.45
N ASP D 22 48.99 -13.89 -22.71
CA ASP D 22 48.05 -12.84 -23.10
C ASP D 22 46.62 -13.41 -23.10
N LEU D 23 45.71 -12.81 -22.30
CA LEU D 23 44.33 -13.27 -22.17
C LEU D 23 43.29 -12.14 -22.12
N VAL D 24 42.03 -12.46 -22.46
CA VAL D 24 40.89 -11.53 -22.45
C VAL D 24 39.84 -12.07 -21.45
N LEU D 25 39.46 -11.24 -20.46
CA LEU D 25 38.50 -11.61 -19.43
C LEU D 25 37.18 -10.84 -19.55
N GLU D 26 36.06 -11.57 -19.44
CA GLU D 26 34.69 -11.05 -19.52
C GLU D 26 33.75 -11.77 -18.54
N HIS D 27 32.59 -11.15 -18.21
CA HIS D 27 31.59 -11.71 -17.31
C HIS D 27 30.92 -12.93 -17.93
N GLY D 28 30.88 -14.03 -17.18
CA GLY D 28 30.31 -15.30 -17.62
C GLY D 28 31.36 -16.26 -18.14
N GLY D 29 32.34 -15.70 -18.87
CA GLY D 29 33.45 -16.44 -19.45
C GLY D 29 34.54 -16.83 -18.47
N CYS D 30 35.16 -18.00 -18.69
CA CYS D 30 36.24 -18.55 -17.86
C CYS D 30 37.46 -18.82 -18.74
N VAL D 31 38.67 -18.50 -18.24
CA VAL D 31 39.92 -18.70 -19.00
C VAL D 31 40.86 -19.65 -18.27
N THR D 32 41.34 -20.69 -18.99
CA THR D 32 42.29 -21.67 -18.47
C THR D 32 43.66 -21.42 -19.10
N THR D 33 44.68 -21.16 -18.26
CA THR D 33 46.05 -20.86 -18.72
C THR D 33 46.99 -22.05 -18.55
N MET D 34 47.78 -22.34 -19.58
CA MET D 34 48.77 -23.43 -19.60
C MET D 34 50.13 -22.92 -20.05
N ALA D 35 51.19 -23.26 -19.30
CA ALA D 35 52.57 -22.86 -19.59
C ALA D 35 53.56 -23.93 -19.14
N GLN D 36 54.67 -24.07 -19.87
CA GLN D 36 55.72 -25.06 -19.59
C GLN D 36 56.52 -24.69 -18.34
N GLY D 37 56.52 -25.60 -17.37
CA GLY D 37 57.21 -25.42 -16.09
C GLY D 37 56.45 -24.56 -15.11
N LYS D 38 55.19 -24.22 -15.44
CA LYS D 38 54.29 -23.38 -14.63
C LYS D 38 52.96 -24.11 -14.37
N PRO D 39 52.30 -23.92 -13.21
CA PRO D 39 51.03 -24.64 -12.96
C PRO D 39 49.85 -24.11 -13.77
N THR D 40 48.86 -24.99 -14.02
CA THR D 40 47.64 -24.67 -14.76
C THR D 40 46.69 -23.89 -13.86
N LEU D 41 46.27 -22.69 -14.31
CA LEU D 41 45.40 -21.79 -13.55
C LEU D 41 44.06 -21.50 -14.24
N ASP D 42 43.08 -21.04 -13.46
CA ASP D 42 41.74 -20.68 -13.92
C ASP D 42 41.41 -19.23 -13.57
N PHE D 43 41.31 -18.37 -14.59
CA PHE D 43 41.02 -16.94 -14.44
C PHE D 43 39.56 -16.64 -14.79
N GLU D 44 38.90 -15.83 -13.96
CA GLU D 44 37.49 -15.43 -14.14
C GLU D 44 37.23 -14.05 -13.54
N LEU D 45 36.59 -13.16 -14.32
CA LEU D 45 36.21 -11.82 -13.89
C LEU D 45 34.86 -11.91 -13.17
N THR D 46 34.90 -11.92 -11.82
CA THR D 46 33.72 -12.05 -10.97
C THR D 46 32.85 -10.79 -10.97
N LYS D 47 33.41 -9.63 -10.59
CA LYS D 47 32.65 -8.37 -10.53
C LYS D 47 33.40 -7.12 -10.95
N THR D 48 32.64 -6.12 -11.46
CA THR D 48 33.12 -4.80 -11.88
C THR D 48 32.20 -3.77 -11.22
N THR D 49 32.77 -2.93 -10.33
CA THR D 49 32.01 -1.91 -9.59
C THR D 49 32.66 -0.51 -9.60
N ALA D 50 31.81 0.53 -9.62
CA ALA D 50 32.25 1.92 -9.59
C ALA D 50 32.32 2.38 -8.13
N LYS D 51 33.56 2.63 -7.66
CA LYS D 51 33.83 3.02 -6.27
C LYS D 51 33.37 4.44 -5.93
N GLU D 52 34.05 5.47 -6.50
CA GLU D 52 33.72 6.87 -6.25
C GLU D 52 32.91 7.48 -7.38
N VAL D 53 31.62 7.78 -7.09
CA VAL D 53 30.68 8.36 -8.04
C VAL D 53 30.06 9.65 -7.49
N ALA D 54 30.14 10.74 -8.28
CA ALA D 54 29.61 12.06 -7.91
C ALA D 54 28.13 12.20 -8.27
N LEU D 55 27.32 12.65 -7.30
CA LEU D 55 25.88 12.85 -7.46
C LEU D 55 25.59 14.04 -8.37
N LEU D 56 24.72 13.83 -9.39
CA LEU D 56 24.34 14.86 -10.35
C LEU D 56 22.93 15.41 -10.08
N ARG D 57 21.90 14.53 -10.05
CA ARG D 57 20.51 14.91 -9.84
C ARG D 57 19.70 13.81 -9.16
N THR D 58 18.71 14.20 -8.33
CA THR D 58 17.83 13.29 -7.62
C THR D 58 16.37 13.63 -7.96
N TYR D 59 15.65 12.69 -8.60
CA TYR D 59 14.25 12.85 -9.02
C TYR D 59 13.27 12.22 -8.03
N CYS D 60 12.01 12.71 -8.05
CA CYS D 60 10.93 12.19 -7.20
C CYS D 60 9.95 11.38 -8.04
N ILE D 61 9.77 10.08 -7.70
CA ILE D 61 8.87 9.17 -8.41
C ILE D 61 7.55 8.92 -7.69
N GLU D 62 7.57 8.96 -6.34
CA GLU D 62 6.39 8.75 -5.50
C GLU D 62 6.19 9.97 -4.59
N ALA D 63 4.99 10.61 -4.69
CA ALA D 63 4.64 11.80 -3.91
C ALA D 63 3.22 11.73 -3.33
N SER D 64 2.92 12.61 -2.36
CA SER D 64 1.63 12.71 -1.68
C SER D 64 1.30 14.15 -1.30
N ILE D 65 0.02 14.53 -1.43
CA ILE D 65 -0.47 15.88 -1.11
C ILE D 65 -0.96 16.00 0.33
N SER D 66 -0.55 17.08 1.02
CA SER D 66 -0.92 17.39 2.41
C SER D 66 -1.32 18.86 2.57
N ASN D 67 -2.11 19.17 3.62
CA ASN D 67 -2.60 20.51 4.02
C ASN D 67 -3.00 21.43 2.85
N ILE D 68 -4.21 21.22 2.28
CA ILE D 68 -4.71 22.03 1.16
C ILE D 68 -5.44 23.27 1.68
N THR D 69 -5.00 24.46 1.23
CA THR D 69 -5.59 25.74 1.62
C THR D 69 -6.07 26.53 0.40
N THR D 70 -7.37 26.90 0.39
CA THR D 70 -8.00 27.63 -0.70
C THR D 70 -8.40 29.04 -0.24
N ALA D 71 -7.94 30.07 -0.97
CA ALA D 71 -8.25 31.47 -0.68
C ALA D 71 -9.10 32.05 -1.82
N THR D 72 -10.32 32.48 -1.48
CA THR D 72 -11.30 33.03 -2.45
C THR D 72 -11.48 34.54 -2.30
N ARG D 73 -11.70 35.23 -3.44
CA ARG D 73 -11.93 36.68 -3.51
C ARG D 73 -13.00 37.04 -4.53
N CYS D 74 -13.91 37.94 -4.14
CA CYS D 74 -15.02 38.44 -4.98
C CYS D 74 -14.51 39.45 -6.04
N PRO D 75 -15.28 39.74 -7.13
CA PRO D 75 -14.79 40.72 -8.13
C PRO D 75 -14.57 42.13 -7.57
N THR D 76 -13.81 42.97 -8.33
CA THR D 76 -13.41 44.34 -7.96
C THR D 76 -12.44 44.42 -6.78
N GLN D 77 -12.47 43.42 -5.88
CA GLN D 77 -11.59 43.29 -4.71
C GLN D 77 -10.20 42.80 -5.17
N GLY D 78 -9.21 42.94 -4.30
CA GLY D 78 -7.83 42.52 -4.57
C GLY D 78 -7.63 41.03 -4.74
N GLU D 79 -6.45 40.62 -5.23
CA GLU D 79 -6.10 39.21 -5.46
C GLU D 79 -5.86 38.47 -4.13
N PRO D 80 -6.27 37.18 -4.00
CA PRO D 80 -6.04 36.47 -2.72
C PRO D 80 -4.58 36.11 -2.45
N TYR D 81 -4.17 36.23 -1.18
CA TYR D 81 -2.80 35.93 -0.75
C TYR D 81 -2.76 34.92 0.39
N LEU D 82 -1.78 34.00 0.35
CA LEU D 82 -1.54 32.98 1.36
C LEU D 82 -0.05 32.99 1.77
N LYS D 83 0.23 32.62 3.03
CA LYS D 83 1.59 32.54 3.59
C LYS D 83 2.39 31.39 2.96
N GLU D 84 1.69 30.36 2.44
CA GLU D 84 2.27 29.19 1.79
C GLU D 84 2.87 29.49 0.42
N GLU D 85 2.49 30.63 -0.19
CA GLU D 85 2.97 31.08 -1.51
C GLU D 85 4.48 31.35 -1.53
N GLN D 86 5.02 31.93 -0.43
CA GLN D 86 6.44 32.23 -0.30
C GLN D 86 7.26 31.00 0.15
N ASP D 87 6.60 30.03 0.83
CA ASP D 87 7.24 28.81 1.30
C ASP D 87 7.52 27.87 0.13
N GLN D 88 8.78 27.41 0.02
CA GLN D 88 9.26 26.52 -1.05
C GLN D 88 8.69 25.10 -1.01
N GLN D 89 8.26 24.64 0.18
CA GLN D 89 7.68 23.29 0.36
C GLN D 89 6.26 23.14 -0.19
N TYR D 90 5.55 24.27 -0.41
CA TYR D 90 4.19 24.32 -0.91
C TYR D 90 4.11 24.68 -2.41
N ILE D 91 3.21 24.00 -3.15
CA ILE D 91 2.95 24.27 -4.57
C ILE D 91 1.66 25.12 -4.70
N CYS D 92 1.77 26.29 -5.34
CA CYS D 92 0.65 27.21 -5.50
C CYS D 92 0.35 27.58 -6.96
N ARG D 93 -0.95 27.73 -7.28
CA ARG D 93 -1.44 28.08 -8.62
C ARG D 93 -2.54 29.14 -8.53
N ARG D 94 -2.45 30.17 -9.39
CA ARG D 94 -3.42 31.27 -9.46
C ARG D 94 -4.34 31.13 -10.67
N ASP D 95 -5.66 31.37 -10.45
CA ASP D 95 -6.69 31.29 -11.50
C ASP D 95 -7.88 32.21 -11.17
N VAL D 96 -8.83 32.35 -12.13
CA VAL D 96 -10.04 33.16 -11.97
C VAL D 96 -11.31 32.34 -12.26
N VAL D 97 -12.28 32.42 -11.33
CA VAL D 97 -13.56 31.71 -11.43
C VAL D 97 -14.75 32.67 -11.54
N ASP D 98 -15.86 32.20 -12.17
CA ASP D 98 -17.07 33.00 -12.35
C ASP D 98 -17.79 33.19 -11.01
N ARG D 99 -17.73 34.42 -10.47
CA ARG D 99 -18.33 34.77 -9.19
C ARG D 99 -19.54 35.71 -9.36
N GLY D 100 -20.52 35.55 -8.47
CA GLY D 100 -21.74 36.36 -8.47
C GLY D 100 -22.56 36.18 -7.21
N TRP D 101 -23.89 36.36 -7.33
CA TRP D 101 -24.85 36.25 -6.24
C TRP D 101 -24.96 34.81 -5.70
N GLY D 102 -24.86 33.84 -6.60
CA GLY D 102 -24.91 32.41 -6.26
C GLY D 102 -23.66 31.93 -5.57
N ASN D 103 -22.51 32.54 -5.91
CA ASN D 103 -21.19 32.23 -5.34
C ASN D 103 -20.96 32.90 -3.98
N GLY D 104 -21.76 33.93 -3.68
CA GLY D 104 -21.68 34.69 -2.44
C GLY D 104 -20.91 35.98 -2.56
N CYS D 105 -21.16 36.73 -3.65
CA CYS D 105 -20.52 38.01 -3.96
C CYS D 105 -21.55 39.06 -4.33
N GLY D 106 -21.28 40.32 -3.97
CA GLY D 106 -22.15 41.46 -4.26
C GLY D 106 -22.20 41.83 -5.72
N LEU D 107 -21.05 41.74 -6.41
CA LEU D 107 -20.91 42.05 -7.83
C LEU D 107 -20.55 40.82 -8.67
N PHE D 108 -20.97 40.82 -9.94
CA PHE D 108 -20.72 39.73 -10.89
C PHE D 108 -19.42 39.96 -11.65
N GLY D 109 -18.73 38.86 -11.97
CA GLY D 109 -17.46 38.88 -12.69
C GLY D 109 -16.48 37.82 -12.26
N LYS D 110 -15.33 37.77 -12.93
CA LYS D 110 -14.25 36.82 -12.65
C LYS D 110 -13.51 37.16 -11.34
N GLY D 111 -13.59 36.25 -10.38
CA GLY D 111 -12.96 36.40 -9.07
C GLY D 111 -11.72 35.55 -8.91
N GLY D 112 -10.65 36.18 -8.39
CA GLY D 112 -9.36 35.55 -8.16
C GLY D 112 -9.36 34.48 -7.09
N VAL D 113 -8.73 33.33 -7.40
CA VAL D 113 -8.60 32.17 -6.50
C VAL D 113 -7.18 31.60 -6.49
N VAL D 114 -6.70 31.15 -5.33
CA VAL D 114 -5.37 30.56 -5.16
C VAL D 114 -5.41 29.31 -4.26
N THR D 115 -4.85 28.19 -4.76
CA THR D 115 -4.80 26.91 -4.04
C THR D 115 -3.36 26.52 -3.75
N CYS D 116 -3.06 26.19 -2.48
CA CYS D 116 -1.74 25.80 -2.02
C CYS D 116 -1.76 24.45 -1.31
N ALA D 117 -0.88 23.52 -1.75
CA ALA D 117 -0.76 22.17 -1.20
C ALA D 117 0.69 21.81 -0.87
N LYS D 118 0.92 21.13 0.26
CA LYS D 118 2.25 20.70 0.71
C LYS D 118 2.73 19.49 -0.09
N PHE D 119 3.94 19.60 -0.65
CA PHE D 119 4.56 18.53 -1.45
C PHE D 119 5.50 17.70 -0.57
N SER D 120 5.24 16.39 -0.50
CA SER D 120 6.03 15.44 0.28
C SER D 120 6.40 14.24 -0.58
N CYS D 121 7.72 13.98 -0.72
CA CYS D 121 8.25 12.88 -1.52
C CYS D 121 8.62 11.69 -0.64
N SER D 122 8.08 10.50 -0.98
CA SER D 122 8.33 9.25 -0.25
C SER D 122 9.32 8.34 -0.99
N GLY D 123 9.20 8.29 -2.31
CA GLY D 123 10.06 7.51 -3.19
C GLY D 123 10.88 8.38 -4.11
N LYS D 124 12.22 8.36 -3.93
CA LYS D 124 13.15 9.16 -4.73
C LYS D 124 14.21 8.32 -5.46
N ILE D 125 14.60 8.77 -6.67
CA ILE D 125 15.59 8.11 -7.53
C ILE D 125 16.83 8.98 -7.71
N THR D 126 18.01 8.40 -7.43
CA THR D 126 19.31 9.08 -7.56
C THR D 126 20.06 8.69 -8.84
N GLY D 127 20.81 9.65 -9.39
CA GLY D 127 21.61 9.48 -10.60
C GLY D 127 23.01 10.04 -10.44
N ASN D 128 24.00 9.14 -10.33
CA ASN D 128 25.41 9.49 -10.15
C ASN D 128 26.21 9.46 -11.46
N LEU D 129 27.19 10.37 -11.59
CA LEU D 129 28.08 10.46 -12.75
C LEU D 129 29.09 9.31 -12.73
N VAL D 130 29.21 8.59 -13.85
CA VAL D 130 30.12 7.46 -13.99
C VAL D 130 31.25 7.74 -15.01
N GLN D 131 32.49 7.37 -14.65
CA GLN D 131 33.68 7.53 -15.47
C GLN D 131 34.56 6.28 -15.44
N ILE D 132 35.40 6.08 -16.48
CA ILE D 132 36.29 4.94 -16.62
C ILE D 132 37.37 4.85 -15.52
N GLU D 133 37.86 6.02 -15.03
CA GLU D 133 38.90 6.13 -13.99
C GLU D 133 38.58 5.37 -12.69
N ASN D 134 37.33 5.46 -12.21
CA ASN D 134 36.90 4.79 -10.97
C ASN D 134 36.08 3.52 -11.24
N LEU D 135 36.78 2.41 -11.54
CA LEU D 135 36.20 1.10 -11.80
C LEU D 135 37.10 0.00 -11.22
N GLU D 136 36.56 -0.80 -10.28
CA GLU D 136 37.28 -1.88 -9.62
C GLU D 136 36.92 -3.26 -10.19
N TYR D 137 37.86 -3.87 -10.92
CA TYR D 137 37.71 -5.18 -11.56
C TYR D 137 38.22 -6.28 -10.62
N THR D 138 37.34 -7.23 -10.27
CA THR D 138 37.70 -8.35 -9.39
C THR D 138 37.93 -9.62 -10.21
N VAL D 139 39.18 -10.12 -10.20
CA VAL D 139 39.61 -11.32 -10.93
C VAL D 139 39.97 -12.42 -9.92
N VAL D 140 39.42 -13.64 -10.13
CA VAL D 140 39.67 -14.79 -9.27
C VAL D 140 40.60 -15.79 -9.98
N VAL D 141 41.74 -16.10 -9.36
CA VAL D 141 42.73 -17.06 -9.86
C VAL D 141 42.67 -18.36 -9.05
N THR D 142 42.28 -19.47 -9.70
CA THR D 142 42.13 -20.78 -9.05
C THR D 142 43.04 -21.82 -9.69
N VAL D 143 43.80 -22.55 -8.86
CA VAL D 143 44.71 -23.60 -9.30
C VAL D 143 43.97 -24.94 -9.49
N HIS D 144 44.52 -25.82 -10.35
CA HIS D 144 43.96 -27.15 -10.63
C HIS D 144 44.43 -28.13 -9.55
N ASN D 145 43.50 -28.60 -8.70
CA ASN D 145 43.77 -29.54 -7.62
C ASN D 145 42.55 -30.40 -7.30
N HIS D 158 36.86 -19.56 -3.96
CA HIS D 158 37.62 -20.78 -3.71
C HIS D 158 39.13 -20.60 -3.92
N GLY D 159 39.50 -19.67 -4.81
CA GLY D 159 40.89 -19.37 -5.12
C GLY D 159 41.39 -18.11 -4.43
N VAL D 160 42.04 -17.22 -5.21
CA VAL D 160 42.61 -15.96 -4.74
C VAL D 160 42.03 -14.80 -5.58
N THR D 161 41.45 -13.78 -4.91
CA THR D 161 40.86 -12.61 -5.56
C THR D 161 41.87 -11.48 -5.73
N ALA D 162 41.77 -10.73 -6.84
CA ALA D 162 42.66 -9.60 -7.16
C ALA D 162 41.87 -8.41 -7.71
N MET D 163 42.22 -7.19 -7.26
CA MET D 163 41.57 -5.95 -7.69
C MET D 163 42.39 -5.20 -8.74
N ILE D 164 41.71 -4.75 -9.81
CA ILE D 164 42.30 -4.01 -10.93
C ILE D 164 41.52 -2.72 -11.17
N THR D 165 42.23 -1.58 -11.16
CA THR D 165 41.67 -0.23 -11.36
C THR D 165 42.56 0.49 -12.41
N PRO D 166 42.03 1.34 -13.33
CA PRO D 166 42.91 2.02 -14.30
C PRO D 166 44.08 2.82 -13.69
N ARG D 167 43.94 3.22 -12.40
CA ARG D 167 44.95 3.94 -11.63
C ARG D 167 46.11 2.98 -11.29
N SER D 168 45.78 1.75 -10.84
CA SER D 168 46.73 0.69 -10.50
C SER D 168 46.40 -0.56 -11.35
N PRO D 169 46.80 -0.59 -12.65
CA PRO D 169 46.45 -1.74 -13.50
C PRO D 169 47.21 -3.02 -13.23
N SER D 170 48.52 -2.92 -12.93
CA SER D 170 49.38 -4.07 -12.63
C SER D 170 49.33 -4.40 -11.14
N VAL D 171 49.02 -5.66 -10.81
CA VAL D 171 48.93 -6.14 -9.43
C VAL D 171 49.65 -7.47 -9.23
N GLU D 172 50.55 -7.53 -8.23
CA GLU D 172 51.32 -8.72 -7.88
C GLU D 172 50.44 -9.65 -7.05
N VAL D 173 50.04 -10.80 -7.63
CA VAL D 173 49.15 -11.77 -6.99
C VAL D 173 49.94 -12.96 -6.45
N LYS D 174 49.80 -13.23 -5.14
CA LYS D 174 50.47 -14.34 -4.45
C LYS D 174 49.56 -15.57 -4.39
N LEU D 175 50.10 -16.73 -4.81
CA LEU D 175 49.39 -18.01 -4.77
C LEU D 175 50.14 -18.97 -3.84
N PRO D 176 49.65 -19.17 -2.60
CA PRO D 176 50.36 -20.05 -1.65
C PRO D 176 50.66 -21.45 -2.17
N ASP D 177 51.89 -21.94 -1.86
CA ASP D 177 52.45 -23.25 -2.27
C ASP D 177 52.85 -23.28 -3.76
N TYR D 178 52.37 -22.31 -4.56
CA TYR D 178 52.61 -22.19 -6.00
C TYR D 178 53.45 -20.97 -6.41
N GLY D 179 53.89 -20.19 -5.42
CA GLY D 179 54.71 -18.99 -5.66
C GLY D 179 53.87 -17.74 -5.82
N GLU D 180 54.07 -17.01 -6.95
CA GLU D 180 53.35 -15.77 -7.28
C GLU D 180 53.45 -15.34 -8.75
N LEU D 181 52.47 -14.54 -9.20
CA LEU D 181 52.38 -13.98 -10.55
C LEU D 181 52.17 -12.47 -10.53
N THR D 182 52.51 -11.79 -11.64
CA THR D 182 52.30 -10.35 -11.80
C THR D 182 51.19 -10.15 -12.84
N LEU D 183 49.98 -9.78 -12.36
CA LEU D 183 48.81 -9.60 -13.20
C LEU D 183 48.65 -8.15 -13.68
N ASP D 184 49.13 -7.89 -14.91
CA ASP D 184 49.05 -6.59 -15.58
C ASP D 184 47.84 -6.62 -16.51
N CYS D 185 46.87 -5.70 -16.30
CA CYS D 185 45.65 -5.64 -17.08
C CYS D 185 45.41 -4.27 -17.74
N GLU D 186 44.45 -4.21 -18.69
CA GLU D 186 44.07 -3.00 -19.40
C GLU D 186 42.54 -2.98 -19.60
N PRO D 187 41.80 -2.02 -18.98
CA PRO D 187 40.35 -2.00 -19.14
C PRO D 187 39.91 -1.46 -20.50
N ARG D 188 39.15 -2.29 -21.25
CA ARG D 188 38.66 -1.93 -22.58
C ARG D 188 37.13 -2.01 -22.66
N SER D 189 36.46 -0.86 -22.47
CA SER D 189 35.01 -0.75 -22.49
C SER D 189 34.55 -0.05 -23.78
N GLY D 190 33.55 -0.64 -24.42
CA GLY D 190 32.97 -0.13 -25.66
C GLY D 190 31.88 0.91 -25.49
N ILE D 191 31.66 1.38 -24.23
CA ILE D 191 30.64 2.38 -23.91
C ILE D 191 31.26 3.71 -23.43
N ASP D 192 30.74 4.85 -23.95
CA ASP D 192 31.22 6.19 -23.60
C ASP D 192 30.58 6.65 -22.29
N PHE D 193 31.39 6.71 -21.22
CA PHE D 193 30.96 7.10 -19.87
C PHE D 193 30.58 8.59 -19.74
N ASN D 194 31.03 9.43 -20.69
CA ASN D 194 30.71 10.86 -20.74
C ASN D 194 29.24 11.10 -21.12
N GLU D 195 28.62 10.11 -21.81
CA GLU D 195 27.22 10.15 -22.24
C GLU D 195 26.35 9.18 -21.43
N MET D 196 26.89 8.64 -20.32
CA MET D 196 26.19 7.68 -19.44
C MET D 196 26.05 8.18 -18.00
N ILE D 197 24.98 7.72 -17.31
CA ILE D 197 24.66 8.06 -15.92
C ILE D 197 24.29 6.80 -15.14
N LEU D 198 24.91 6.60 -13.95
CA LEU D 198 24.65 5.47 -13.09
C LEU D 198 23.44 5.78 -12.19
N MET D 199 22.23 5.41 -12.68
CA MET D 199 20.96 5.64 -12.01
C MET D 199 20.62 4.49 -11.06
N LYS D 200 20.24 4.82 -9.81
CA LYS D 200 19.88 3.83 -8.79
C LYS D 200 18.42 3.94 -8.36
N MET D 201 17.73 2.78 -8.35
CA MET D 201 16.32 2.65 -7.95
C MET D 201 16.22 1.59 -6.82
N LYS D 202 15.87 2.06 -5.60
CA LYS D 202 15.73 1.26 -4.38
C LYS D 202 17.06 0.57 -3.99
N LYS D 203 17.31 -0.64 -4.51
CA LYS D 203 18.52 -1.43 -4.26
C LYS D 203 19.28 -1.73 -5.56
N LYS D 204 18.57 -1.68 -6.71
CA LYS D 204 19.12 -1.94 -8.05
C LYS D 204 19.65 -0.68 -8.72
N THR D 205 20.75 -0.81 -9.48
CA THR D 205 21.35 0.31 -10.23
C THR D 205 21.53 -0.02 -11.71
N TRP D 206 21.13 0.91 -12.59
CA TRP D 206 21.20 0.77 -14.05
C TRP D 206 22.18 1.76 -14.69
N LEU D 207 22.60 1.45 -15.94
CA LEU D 207 23.49 2.29 -16.74
C LEU D 207 22.66 2.89 -17.89
N VAL D 208 22.20 4.13 -17.71
CA VAL D 208 21.35 4.86 -18.68
C VAL D 208 22.07 6.03 -19.33
N HIS D 209 21.52 6.58 -20.45
CA HIS D 209 22.05 7.74 -21.16
C HIS D 209 21.99 8.99 -20.28
N LYS D 210 22.93 9.94 -20.51
CA LYS D 210 23.01 11.20 -19.76
C LYS D 210 21.79 12.11 -20.04
N GLN D 211 21.48 12.34 -21.33
CA GLN D 211 20.37 13.20 -21.76
C GLN D 211 18.98 12.69 -21.35
N TRP D 212 18.75 11.36 -21.44
CA TRP D 212 17.48 10.72 -21.07
C TRP D 212 17.12 10.98 -19.60
N PHE D 213 18.11 10.86 -18.70
CA PHE D 213 17.93 11.08 -17.25
C PHE D 213 17.64 12.55 -16.97
N LEU D 214 18.37 13.48 -17.62
CA LEU D 214 18.20 14.92 -17.46
C LEU D 214 16.88 15.44 -18.03
N ASP D 215 16.32 14.75 -19.04
CA ASP D 215 15.05 15.12 -19.69
C ASP D 215 13.81 14.44 -19.09
N LEU D 216 13.95 13.78 -17.92
CA LEU D 216 12.84 13.10 -17.25
C LEU D 216 11.82 14.12 -16.69
N PRO D 217 10.50 13.97 -16.98
CA PRO D 217 9.52 14.95 -16.47
C PRO D 217 9.04 14.63 -15.06
N LEU D 218 9.94 14.82 -14.07
CA LEU D 218 9.69 14.59 -12.64
C LEU D 218 10.33 15.69 -11.78
N PRO D 219 9.81 15.98 -10.55
CA PRO D 219 10.45 17.03 -9.72
C PRO D 219 11.84 16.59 -9.26
N TRP D 220 12.83 17.50 -9.38
CA TRP D 220 14.22 17.20 -9.04
C TRP D 220 14.91 18.15 -8.05
N THR D 221 16.08 17.71 -7.52
CA THR D 221 16.93 18.45 -6.59
C THR D 221 18.38 18.43 -7.06
N ALA D 222 19.10 19.54 -6.89
CA ALA D 222 20.52 19.67 -7.26
C ALA D 222 21.43 18.92 -6.28
N GLY D 223 21.02 18.89 -5.00
CA GLY D 223 21.74 18.20 -3.94
C GLY D 223 21.13 16.85 -3.59
N ALA D 224 21.24 16.44 -2.32
CA ALA D 224 20.72 15.16 -1.80
C ALA D 224 20.38 15.22 -0.30
N ASP D 225 19.84 16.39 0.16
CA ASP D 225 19.46 16.61 1.56
C ASP D 225 18.20 15.84 1.92
N THR D 226 18.27 15.02 2.99
CA THR D 226 17.16 14.19 3.47
C THR D 226 16.39 14.90 4.57
N HIS D 230 13.43 21.20 -0.72
CA HIS D 230 12.85 21.98 -1.81
C HIS D 230 13.06 21.29 -3.16
N TRP D 231 11.95 20.94 -3.84
CA TRP D 231 11.94 20.29 -5.14
C TRP D 231 11.68 21.27 -6.28
N ASN D 232 12.50 21.20 -7.34
CA ASN D 232 12.39 22.05 -8.54
C ASN D 232 11.41 21.41 -9.51
N TYR D 233 10.48 22.23 -10.05
CA TYR D 233 9.41 21.83 -10.99
C TYR D 233 8.45 20.81 -10.36
N LYS D 234 7.68 21.27 -9.36
CA LYS D 234 6.71 20.45 -8.62
C LYS D 234 5.45 20.13 -9.42
N GLU D 235 5.13 20.95 -10.45
CA GLU D 235 3.95 20.78 -11.32
C GLU D 235 3.98 19.52 -12.22
N ARG D 236 5.14 18.85 -12.31
CA ARG D 236 5.36 17.64 -13.11
C ARG D 236 4.62 16.41 -12.55
N MET D 237 4.18 16.48 -11.28
CA MET D 237 3.44 15.41 -10.60
C MET D 237 2.11 15.90 -9.99
N VAL D 238 2.01 17.20 -9.68
CA VAL D 238 0.82 17.82 -9.09
C VAL D 238 0.02 18.53 -10.19
N THR D 239 -1.28 18.18 -10.32
CA THR D 239 -2.18 18.77 -11.30
C THR D 239 -3.34 19.48 -10.60
N PHE D 240 -3.58 20.75 -10.94
CA PHE D 240 -4.64 21.59 -10.37
C PHE D 240 -5.88 21.57 -11.26
N LYS D 241 -7.06 21.37 -10.65
CA LYS D 241 -8.35 21.32 -11.35
C LYS D 241 -9.16 22.61 -11.12
N VAL D 242 -10.19 22.84 -11.96
CA VAL D 242 -11.09 24.01 -11.93
C VAL D 242 -11.70 24.24 -10.54
N GLN D 248 -8.96 24.34 -7.14
CA GLN D 248 -9.97 23.78 -6.25
C GLN D 248 -9.65 22.34 -5.85
N ASP D 249 -9.27 21.50 -6.83
CA ASP D 249 -8.92 20.08 -6.62
C ASP D 249 -7.48 19.79 -7.00
N VAL D 250 -6.79 18.97 -6.18
CA VAL D 250 -5.39 18.58 -6.40
C VAL D 250 -5.23 17.07 -6.60
N THR D 251 -4.49 16.67 -7.64
CA THR D 251 -4.23 15.27 -7.98
C THR D 251 -2.74 14.97 -8.11
N VAL D 252 -2.33 13.78 -7.64
CA VAL D 252 -0.94 13.29 -7.69
C VAL D 252 -0.81 12.25 -8.80
N LEU D 253 0.36 12.21 -9.47
CA LEU D 253 0.66 11.26 -10.55
C LEU D 253 0.77 9.80 -10.07
N GLY D 254 0.91 9.62 -8.76
CA GLY D 254 1.03 8.30 -8.12
C GLY D 254 2.45 7.86 -7.92
N SER D 255 2.73 6.59 -8.24
CA SER D 255 4.07 6.00 -8.14
C SER D 255 4.60 5.69 -9.52
N GLN D 256 5.74 6.32 -9.89
CA GLN D 256 6.37 6.13 -11.20
C GLN D 256 7.38 4.97 -11.21
N GLU D 257 7.30 4.06 -10.21
CA GLU D 257 8.15 2.89 -10.08
C GLU D 257 8.00 1.94 -11.27
N GLY D 258 6.75 1.63 -11.63
CA GLY D 258 6.41 0.78 -12.75
C GLY D 258 6.71 1.41 -14.10
N ALA D 259 6.59 2.76 -14.17
CA ALA D 259 6.86 3.56 -15.37
C ALA D 259 8.34 3.49 -15.77
N MET D 260 9.25 3.42 -14.77
CA MET D 260 10.69 3.35 -14.99
C MET D 260 11.08 1.96 -15.49
N HIS D 261 10.51 0.88 -14.89
CA HIS D 261 10.77 -0.53 -15.25
C HIS D 261 10.53 -0.81 -16.74
N SER D 262 9.50 -0.16 -17.33
CA SER D 262 9.15 -0.28 -18.75
C SER D 262 10.23 0.38 -19.63
N ALA D 263 10.78 1.51 -19.17
CA ALA D 263 11.84 2.26 -19.86
C ALA D 263 13.22 1.62 -19.65
N LEU D 264 13.37 0.84 -18.56
CA LEU D 264 14.62 0.15 -18.21
C LEU D 264 14.71 -1.28 -18.80
N ALA D 265 13.78 -1.63 -19.71
CA ALA D 265 13.70 -2.94 -20.38
C ALA D 265 14.93 -3.22 -21.26
N GLY D 266 15.47 -2.19 -21.89
CA GLY D 266 16.64 -2.28 -22.76
C GLY D 266 17.95 -1.94 -22.08
N ALA D 267 17.89 -1.22 -20.95
CA ALA D 267 19.06 -0.81 -20.16
C ALA D 267 19.61 -1.95 -19.31
N THR D 268 20.95 -2.10 -19.30
CA THR D 268 21.66 -3.13 -18.52
C THR D 268 21.86 -2.68 -17.08
N GLU D 269 21.52 -3.56 -16.11
CA GLU D 269 21.66 -3.27 -14.69
C GLU D 269 23.01 -3.73 -14.12
N VAL D 270 23.67 -2.81 -13.37
CA VAL D 270 24.98 -3.06 -12.74
C VAL D 270 24.79 -3.98 -11.52
N ASP D 271 24.14 -3.47 -10.46
CA ASP D 271 23.87 -4.21 -9.23
C ASP D 271 22.40 -4.63 -9.17
N SER D 272 22.16 -5.92 -8.86
CA SER D 272 20.81 -6.50 -8.75
C SER D 272 20.24 -6.38 -7.33
N GLY D 273 21.04 -5.82 -6.41
CA GLY D 273 20.67 -5.65 -5.01
C GLY D 273 21.13 -6.80 -4.13
N ASP D 274 21.29 -7.99 -4.74
CA ASP D 274 21.73 -9.22 -4.08
C ASP D 274 23.23 -9.19 -3.78
N GLY D 275 24.02 -8.72 -4.75
CA GLY D 275 25.47 -8.62 -4.62
C GLY D 275 26.23 -8.73 -5.92
N ASN D 276 25.55 -9.05 -7.04
CA ASN D 276 26.16 -9.19 -8.36
C ASN D 276 26.34 -7.86 -9.07
N HIS D 277 27.60 -7.40 -9.20
CA HIS D 277 27.98 -6.15 -9.86
C HIS D 277 28.64 -6.49 -11.21
N MET D 278 28.19 -5.85 -12.30
CA MET D 278 28.74 -6.09 -13.64
C MET D 278 28.63 -4.92 -14.62
N PHE D 279 29.60 -4.84 -15.56
CA PHE D 279 29.68 -3.84 -16.62
C PHE D 279 30.04 -4.52 -17.95
N ALA D 280 29.40 -4.09 -19.04
CA ALA D 280 29.63 -4.64 -20.39
C ALA D 280 30.98 -4.14 -20.94
N GLY D 281 31.91 -5.08 -21.12
CA GLY D 281 33.25 -4.80 -21.63
C GLY D 281 34.22 -5.96 -21.46
N HIS D 282 35.46 -5.78 -21.95
CA HIS D 282 36.53 -6.77 -21.88
C HIS D 282 37.76 -6.27 -21.12
N LEU D 283 38.41 -7.18 -20.37
CA LEU D 283 39.62 -6.85 -19.60
C LEU D 283 40.82 -7.65 -20.14
N LYS D 284 41.60 -7.00 -21.03
CA LYS D 284 42.79 -7.59 -21.65
C LYS D 284 43.92 -7.63 -20.61
N CYS D 285 44.39 -8.85 -20.29
CA CYS D 285 45.44 -9.06 -19.29
C CYS D 285 46.66 -9.80 -19.83
N LYS D 286 47.84 -9.47 -19.27
CA LYS D 286 49.13 -10.07 -19.60
C LYS D 286 49.75 -10.59 -18.29
N VAL D 287 49.40 -11.84 -17.92
CA VAL D 287 49.88 -12.49 -16.71
C VAL D 287 51.37 -12.88 -16.80
N ARG D 288 52.19 -12.33 -15.89
CA ARG D 288 53.62 -12.61 -15.83
C ARG D 288 53.89 -13.78 -14.88
N MET D 289 54.13 -14.95 -15.46
CA MET D 289 54.36 -16.22 -14.77
C MET D 289 55.85 -16.49 -14.44
N GLU D 290 56.67 -15.40 -14.37
CA GLU D 290 58.11 -15.44 -14.10
C GLU D 290 58.48 -16.13 -12.78
N LYS D 291 57.81 -15.76 -11.67
CA LYS D 291 58.09 -16.34 -10.35
C LYS D 291 57.14 -17.48 -9.93
N LEU D 292 56.29 -17.96 -10.86
CA LEU D 292 55.37 -19.05 -10.60
C LEU D 292 56.09 -20.40 -10.62
N ARG D 293 55.64 -21.34 -9.77
CA ARG D 293 56.19 -22.69 -9.62
C ARG D 293 55.09 -23.72 -9.35
N ILE D 294 55.32 -24.99 -9.72
CA ILE D 294 54.35 -26.05 -9.49
C ILE D 294 54.60 -26.69 -8.13
N LYS D 295 53.53 -26.80 -7.31
CA LYS D 295 53.59 -27.41 -5.98
C LYS D 295 53.92 -28.90 -6.14
N GLY D 296 54.97 -29.33 -5.46
CA GLY D 296 55.42 -30.71 -5.50
C GLY D 296 56.19 -31.09 -6.74
N MET D 297 57.02 -30.17 -7.26
CA MET D 297 57.86 -30.43 -8.43
C MET D 297 59.02 -31.37 -8.06
N SER D 298 59.39 -31.39 -6.76
CA SER D 298 60.44 -32.24 -6.20
C SER D 298 59.90 -33.57 -5.65
N TYR D 299 58.57 -33.78 -5.69
CA TYR D 299 57.90 -35.00 -5.20
C TYR D 299 58.30 -36.22 -6.04
N THR D 300 58.44 -37.37 -5.38
CA THR D 300 58.77 -38.64 -6.03
C THR D 300 57.56 -39.20 -6.77
N MET D 301 57.73 -40.25 -7.58
CA MET D 301 56.62 -40.87 -8.31
C MET D 301 55.91 -41.87 -7.40
N CYS D 302 54.55 -41.82 -7.36
CA CYS D 302 53.74 -42.71 -6.53
C CYS D 302 53.92 -44.18 -6.92
N SER D 303 54.33 -45.01 -5.93
CA SER D 303 54.57 -46.44 -6.11
C SER D 303 53.33 -47.30 -5.86
N GLY D 304 52.47 -46.85 -4.95
CA GLY D 304 51.26 -47.56 -4.55
C GLY D 304 50.14 -47.63 -5.58
N LYS D 305 49.08 -48.37 -5.24
CA LYS D 305 47.90 -48.60 -6.07
C LYS D 305 46.97 -47.38 -6.14
N PHE D 306 46.26 -47.23 -7.28
CA PHE D 306 45.30 -46.16 -7.52
C PHE D 306 43.93 -46.71 -7.90
N SER D 307 42.86 -46.07 -7.40
CA SER D 307 41.48 -46.47 -7.67
C SER D 307 40.60 -45.25 -8.00
N ILE D 308 39.71 -45.40 -8.99
CA ILE D 308 38.81 -44.33 -9.43
C ILE D 308 37.72 -44.01 -8.40
N ASP D 309 37.79 -42.80 -7.82
CA ASP D 309 36.83 -42.30 -6.83
C ASP D 309 35.53 -41.93 -7.54
N LYS D 310 35.64 -41.32 -8.74
CA LYS D 310 34.53 -40.92 -9.60
C LYS D 310 34.91 -41.25 -11.05
N GLU D 311 33.95 -41.83 -11.81
CA GLU D 311 34.13 -42.24 -13.21
C GLU D 311 34.47 -41.06 -14.12
N MET D 312 35.39 -41.29 -15.09
CA MET D 312 35.87 -40.29 -16.05
C MET D 312 34.73 -39.83 -16.98
N ALA D 313 34.49 -38.51 -17.02
CA ALA D 313 33.45 -37.88 -17.83
C ALA D 313 34.02 -36.79 -18.75
N GLU D 314 33.46 -36.68 -19.97
CA GLU D 314 33.87 -35.71 -20.98
C GLU D 314 33.15 -34.38 -20.78
N THR D 315 33.91 -33.27 -20.93
CA THR D 315 33.39 -31.89 -20.80
C THR D 315 32.85 -31.39 -22.15
N GLN D 316 32.33 -30.15 -22.19
CA GLN D 316 31.79 -29.51 -23.39
C GLN D 316 32.86 -29.14 -24.43
N HIS D 317 34.15 -29.22 -24.04
CA HIS D 317 35.30 -28.87 -24.90
C HIS D 317 36.14 -30.08 -25.34
N GLY D 318 35.68 -31.28 -25.00
CA GLY D 318 36.34 -32.54 -25.36
C GLY D 318 37.26 -33.11 -24.30
N THR D 319 37.68 -32.27 -23.33
CA THR D 319 38.58 -32.66 -22.24
C THR D 319 37.87 -33.58 -21.24
N THR D 320 38.62 -34.51 -20.61
CA THR D 320 38.06 -35.47 -19.66
C THR D 320 38.56 -35.24 -18.22
N VAL D 321 37.64 -35.31 -17.25
CA VAL D 321 37.93 -35.10 -15.83
C VAL D 321 37.76 -36.42 -15.06
N VAL D 322 38.74 -36.78 -14.22
CA VAL D 322 38.72 -38.02 -13.42
C VAL D 322 39.27 -37.82 -11.98
N LYS D 323 38.64 -38.50 -11.00
CA LYS D 323 39.02 -38.48 -9.58
C LYS D 323 39.65 -39.82 -9.20
N VAL D 324 40.89 -39.78 -8.65
CA VAL D 324 41.62 -40.99 -8.24
C VAL D 324 42.09 -40.93 -6.78
N LYS D 325 42.01 -42.09 -6.09
CA LYS D 325 42.40 -42.24 -4.69
C LYS D 325 43.72 -43.04 -4.59
N TYR D 326 44.69 -42.53 -3.81
CA TYR D 326 45.99 -43.17 -3.60
C TYR D 326 45.93 -44.15 -2.44
N GLU D 327 46.42 -45.38 -2.65
CA GLU D 327 46.39 -46.44 -1.64
C GLU D 327 47.76 -46.81 -1.05
N GLY D 328 48.84 -46.22 -1.60
CA GLY D 328 50.20 -46.46 -1.14
C GLY D 328 50.63 -45.66 0.07
N ALA D 329 51.95 -45.69 0.37
CA ALA D 329 52.55 -45.01 1.52
C ALA D 329 53.56 -43.91 1.14
N GLY D 330 53.93 -43.83 -0.14
CA GLY D 330 54.88 -42.86 -0.67
C GLY D 330 54.43 -41.42 -0.71
N ALA D 331 53.21 -41.12 -0.18
CA ALA D 331 52.62 -39.79 -0.12
C ALA D 331 53.38 -38.84 0.82
N PRO D 332 53.61 -37.55 0.47
CA PRO D 332 53.20 -36.87 -0.77
C PRO D 332 54.08 -37.18 -1.99
N CYS D 333 53.42 -37.62 -3.08
CA CYS D 333 54.05 -38.02 -4.34
C CYS D 333 53.28 -37.54 -5.60
N LYS D 334 53.86 -37.75 -6.80
CA LYS D 334 53.30 -37.39 -8.11
C LYS D 334 52.51 -38.56 -8.70
N VAL D 335 51.25 -38.31 -9.16
CA VAL D 335 50.41 -39.35 -9.76
C VAL D 335 50.93 -39.67 -11.18
N PRO D 336 51.34 -40.92 -11.49
CA PRO D 336 51.84 -41.23 -12.83
C PRO D 336 50.71 -41.50 -13.82
N ILE D 337 50.40 -40.51 -14.69
CA ILE D 337 49.33 -40.61 -15.69
C ILE D 337 49.89 -40.47 -17.12
N GLU D 338 49.50 -41.39 -18.01
CA GLU D 338 49.90 -41.42 -19.42
C GLU D 338 48.71 -41.77 -20.32
N ILE D 339 48.51 -40.98 -21.40
CA ILE D 339 47.45 -41.21 -22.38
C ILE D 339 48.09 -41.90 -23.60
N ARG D 340 48.07 -43.24 -23.59
CA ARG D 340 48.67 -44.09 -24.62
C ARG D 340 47.70 -44.45 -25.75
N ASP D 341 48.24 -45.01 -26.86
CA ASP D 341 47.49 -45.44 -28.03
C ASP D 341 46.65 -46.71 -27.80
N VAL D 342 46.01 -47.24 -28.87
CA VAL D 342 45.16 -48.44 -28.87
C VAL D 342 45.97 -49.68 -28.39
N ASN D 343 47.22 -49.78 -28.84
CA ASN D 343 48.14 -50.87 -28.48
C ASN D 343 48.94 -50.57 -27.19
N LYS D 344 48.60 -49.45 -26.51
CA LYS D 344 49.23 -48.92 -25.27
C LYS D 344 50.78 -48.93 -25.26
N GLU D 345 51.36 -48.38 -26.34
CA GLU D 345 52.81 -48.30 -26.55
C GLU D 345 53.35 -46.89 -26.33
N LYS D 346 53.01 -45.95 -27.24
CA LYS D 346 53.47 -44.56 -27.20
C LYS D 346 52.39 -43.61 -26.68
N VAL D 347 52.82 -42.55 -25.96
CA VAL D 347 51.92 -41.52 -25.40
C VAL D 347 51.45 -40.62 -26.55
N VAL D 348 50.13 -40.53 -26.74
CA VAL D 348 49.50 -39.75 -27.82
C VAL D 348 48.48 -38.68 -27.31
N GLY D 349 48.54 -38.39 -26.01
CA GLY D 349 47.68 -37.40 -25.36
C GLY D 349 48.39 -36.58 -24.28
N ARG D 350 47.83 -35.39 -23.98
CA ARG D 350 48.38 -34.48 -22.98
C ARG D 350 47.47 -34.25 -21.76
N ILE D 351 48.09 -33.91 -20.61
CA ILE D 351 47.40 -33.64 -19.34
C ILE D 351 47.31 -32.13 -19.15
N ILE D 352 46.09 -31.62 -18.88
CA ILE D 352 45.87 -30.18 -18.65
C ILE D 352 46.38 -29.79 -17.26
N SER D 353 45.93 -30.50 -16.20
CA SER D 353 46.35 -30.25 -14.81
C SER D 353 47.85 -30.53 -14.65
N SER D 354 48.64 -29.45 -14.55
CA SER D 354 50.10 -29.49 -14.42
C SER D 354 50.57 -30.12 -13.12
N THR D 355 51.25 -31.28 -13.23
CA THR D 355 51.82 -32.08 -12.15
C THR D 355 50.81 -32.37 -11.00
N PRO D 356 49.91 -33.36 -11.16
CA PRO D 356 48.94 -33.65 -10.08
C PRO D 356 49.60 -34.42 -8.94
N LEU D 357 49.27 -34.03 -7.70
CA LEU D 357 49.84 -34.62 -6.48
C LEU D 357 48.85 -35.34 -5.57
N ALA D 358 49.33 -36.39 -4.89
CA ALA D 358 48.57 -37.16 -3.91
C ALA D 358 49.11 -36.75 -2.54
N GLU D 359 48.42 -35.80 -1.88
CA GLU D 359 48.80 -35.20 -0.60
C GLU D 359 49.08 -36.20 0.53
N ASN D 360 48.09 -37.06 0.86
CA ASN D 360 48.22 -38.06 1.92
C ASN D 360 47.69 -39.44 1.46
N THR D 361 47.65 -40.42 2.39
CA THR D 361 47.14 -41.76 2.12
C THR D 361 45.60 -41.67 2.09
N ASN D 362 44.98 -42.31 1.07
CA ASN D 362 43.53 -42.32 0.82
C ASN D 362 42.97 -40.93 0.44
N SER D 363 43.80 -40.10 -0.22
CA SER D 363 43.45 -38.75 -0.68
C SER D 363 43.00 -38.78 -2.14
N VAL D 364 41.97 -37.97 -2.47
CA VAL D 364 41.40 -37.88 -3.81
C VAL D 364 42.00 -36.69 -4.58
N THR D 365 42.41 -36.92 -5.85
CA THR D 365 43.00 -35.91 -6.73
C THR D 365 42.17 -35.74 -8.01
N ASN D 366 41.90 -34.47 -8.39
CA ASN D 366 41.15 -34.11 -9.60
C ASN D 366 42.13 -33.83 -10.74
N ILE D 367 41.95 -34.53 -11.88
CA ILE D 367 42.83 -34.41 -13.05
C ILE D 367 42.03 -34.18 -14.34
N GLU D 368 42.43 -33.15 -15.13
CA GLU D 368 41.83 -32.84 -16.41
C GLU D 368 42.78 -33.33 -17.52
N LEU D 369 42.30 -34.26 -18.36
CA LEU D 369 43.06 -34.90 -19.43
C LEU D 369 42.52 -34.53 -20.82
N GLU D 370 43.41 -34.52 -21.83
CA GLU D 370 43.03 -34.23 -23.22
C GLU D 370 43.31 -35.46 -24.11
N PRO D 371 42.35 -36.41 -24.21
CA PRO D 371 42.59 -37.59 -25.04
C PRO D 371 42.42 -37.29 -26.54
N PRO D 372 43.14 -38.01 -27.45
CA PRO D 372 42.98 -37.72 -28.89
C PRO D 372 41.70 -38.33 -29.48
N PHE D 373 41.36 -37.95 -30.73
CA PHE D 373 40.18 -38.45 -31.43
C PHE D 373 40.32 -39.94 -31.75
N GLY D 374 39.36 -40.72 -31.26
CA GLY D 374 39.33 -42.16 -31.42
C GLY D 374 39.67 -42.91 -30.15
N ASP D 375 40.11 -44.17 -30.28
CA ASP D 375 40.46 -45.03 -29.14
C ASP D 375 41.78 -44.64 -28.49
N SER D 376 41.78 -44.54 -27.15
CA SER D 376 42.94 -44.17 -26.33
C SER D 376 42.86 -44.82 -24.94
N TYR D 377 44.01 -45.26 -24.41
CA TYR D 377 44.11 -45.89 -23.09
C TYR D 377 44.81 -44.99 -22.08
N ILE D 378 44.16 -44.78 -20.92
CA ILE D 378 44.68 -43.95 -19.84
C ILE D 378 45.28 -44.86 -18.76
N VAL D 379 46.61 -44.72 -18.54
CA VAL D 379 47.33 -45.54 -17.55
C VAL D 379 47.63 -44.70 -16.30
N ILE D 380 47.01 -45.06 -15.17
CA ILE D 380 47.18 -44.37 -13.88
C ILE D 380 47.85 -45.33 -12.87
N GLY D 381 49.12 -45.08 -12.59
CA GLY D 381 49.92 -45.87 -11.68
C GLY D 381 51.23 -46.37 -12.28
N VAL D 382 51.84 -47.38 -11.64
CA VAL D 382 53.10 -48.00 -12.08
C VAL D 382 53.05 -49.53 -12.11
N GLY D 383 53.69 -50.11 -13.13
CA GLY D 383 53.78 -51.55 -13.34
C GLY D 383 52.48 -52.23 -13.71
N ASN D 384 52.29 -53.46 -13.21
CA ASN D 384 51.09 -54.27 -13.45
C ASN D 384 49.92 -53.86 -12.55
N SER D 385 50.24 -53.25 -11.39
CA SER D 385 49.27 -52.76 -10.41
C SER D 385 48.52 -51.51 -10.90
N ALA D 386 49.05 -50.84 -11.95
CA ALA D 386 48.50 -49.64 -12.58
C ALA D 386 47.09 -49.84 -13.13
N LEU D 387 46.24 -48.82 -12.99
CA LEU D 387 44.86 -48.81 -13.45
C LEU D 387 44.79 -48.37 -14.91
N THR D 388 44.10 -49.16 -15.76
CA THR D 388 43.95 -48.89 -17.19
C THR D 388 42.48 -48.56 -17.52
N LEU D 389 42.25 -47.43 -18.20
CA LEU D 389 40.92 -46.97 -18.59
C LEU D 389 40.83 -46.72 -20.10
N HIS D 390 39.81 -47.31 -20.75
CA HIS D 390 39.57 -47.17 -22.18
C HIS D 390 38.66 -45.96 -22.45
N TRP D 391 39.00 -45.16 -23.47
CA TRP D 391 38.24 -43.98 -23.84
C TRP D 391 38.17 -43.74 -25.35
N PHE D 392 36.99 -43.29 -25.83
CA PHE D 392 36.73 -42.98 -27.23
C PHE D 392 36.20 -41.54 -27.36
N ARG D 393 36.84 -40.75 -28.25
CA ARG D 393 36.47 -39.35 -28.49
C ARG D 393 35.93 -39.15 -29.91
N LYS D 394 34.67 -38.68 -30.02
CA LYS D 394 33.99 -38.43 -31.29
C LYS D 394 34.50 -37.20 -32.02
N GLY D 395 34.51 -37.29 -33.36
CA GLY D 395 34.96 -36.23 -34.24
C GLY D 395 36.18 -36.58 -35.05
N GLU E 1 -56.09 -1.51 -27.28
CA GLU E 1 -56.48 -0.43 -26.38
C GLU E 1 -55.44 -0.20 -25.29
N VAL E 2 -55.18 1.08 -24.94
CA VAL E 2 -54.23 1.45 -23.90
C VAL E 2 -54.94 1.32 -22.55
N GLN E 3 -54.42 0.44 -21.67
CA GLN E 3 -55.01 0.18 -20.36
C GLN E 3 -54.07 0.49 -19.20
N LEU E 4 -54.64 0.94 -18.06
CA LEU E 4 -53.91 1.28 -16.84
C LEU E 4 -54.42 0.40 -15.70
N LEU E 5 -53.54 -0.44 -15.13
CA LEU E 5 -53.88 -1.35 -14.04
C LEU E 5 -53.13 -0.97 -12.76
N GLU E 6 -53.88 -0.74 -11.67
CA GLU E 6 -53.33 -0.36 -10.36
C GLU E 6 -53.06 -1.58 -9.48
N SER E 7 -51.88 -1.59 -8.83
CA SER E 7 -51.43 -2.64 -7.93
C SER E 7 -51.36 -2.09 -6.50
N GLY E 8 -51.76 -2.91 -5.53
CA GLY E 8 -51.79 -2.55 -4.12
C GLY E 8 -50.43 -2.57 -3.41
N PRO E 9 -50.36 -2.93 -2.11
CA PRO E 9 -51.45 -3.35 -1.22
C PRO E 9 -52.34 -2.21 -0.75
N GLY E 10 -53.61 -2.52 -0.51
CA GLY E 10 -54.61 -1.54 -0.07
C GLY E 10 -54.79 -1.43 1.44
N LEU E 11 -53.69 -1.63 2.20
CA LEU E 11 -53.68 -1.56 3.66
C LEU E 11 -52.28 -1.21 4.15
N VAL E 12 -52.13 0.00 4.71
CA VAL E 12 -50.86 0.51 5.24
C VAL E 12 -51.06 1.09 6.65
N LYS E 13 -50.24 0.64 7.61
CA LYS E 13 -50.29 1.10 9.00
C LYS E 13 -49.73 2.53 9.10
N PRO E 14 -50.25 3.40 10.00
CA PRO E 14 -49.71 4.78 10.10
C PRO E 14 -48.21 4.86 10.35
N SER E 15 -47.56 5.90 9.79
CA SER E 15 -46.12 6.21 9.81
C SER E 15 -45.29 5.44 8.75
N GLU E 16 -45.82 4.29 8.28
CA GLU E 16 -45.18 3.45 7.25
C GLU E 16 -45.31 4.08 5.87
N THR E 17 -44.48 3.62 4.91
CA THR E 17 -44.45 4.13 3.53
C THR E 17 -45.36 3.31 2.62
N LEU E 18 -46.26 4.01 1.88
CA LEU E 18 -47.21 3.42 0.93
C LEU E 18 -46.57 3.32 -0.46
N SER E 19 -46.66 2.13 -1.08
CA SER E 19 -46.12 1.87 -2.41
C SER E 19 -47.20 1.30 -3.35
N LEU E 20 -47.47 2.02 -4.45
CA LEU E 20 -48.46 1.63 -5.45
C LEU E 20 -47.86 1.66 -6.87
N THR E 21 -48.27 0.70 -7.71
CA THR E 21 -47.80 0.50 -9.09
C THR E 21 -48.92 0.65 -10.12
N CYS E 22 -48.62 1.26 -11.28
CA CYS E 22 -49.56 1.45 -12.39
C CYS E 22 -48.95 0.90 -13.69
N THR E 23 -49.45 -0.25 -14.18
CA THR E 23 -48.95 -0.90 -15.40
C THR E 23 -49.64 -0.38 -16.66
N VAL E 24 -48.83 0.01 -17.67
CA VAL E 24 -49.31 0.52 -18.97
C VAL E 24 -49.24 -0.62 -19.99
N SER E 25 -50.41 -1.12 -20.40
CA SER E 25 -50.53 -2.22 -21.37
C SER E 25 -51.19 -1.77 -22.66
N GLY E 26 -50.67 -2.25 -23.78
CA GLY E 26 -51.16 -1.92 -25.13
C GLY E 26 -50.79 -0.52 -25.59
N GLY E 27 -49.58 -0.10 -25.26
CA GLY E 27 -49.04 1.21 -25.60
C GLY E 27 -47.71 1.49 -24.93
N SER E 28 -46.86 2.30 -25.60
CA SER E 28 -45.53 2.66 -25.11
C SER E 28 -45.60 3.66 -23.94
N ILE E 29 -44.92 3.31 -22.83
CA ILE E 29 -44.86 4.11 -21.60
C ILE E 29 -43.95 5.36 -21.76
N SER E 30 -42.88 5.24 -22.56
CA SER E 30 -41.87 6.28 -22.80
C SER E 30 -42.33 7.52 -23.61
N ASP E 31 -43.59 7.55 -24.09
CA ASP E 31 -44.10 8.66 -24.89
C ASP E 31 -44.97 9.67 -24.13
N PHE E 32 -45.86 9.16 -23.24
CA PHE E 32 -46.84 9.96 -22.51
C PHE E 32 -46.45 10.35 -21.08
N TYR E 33 -47.08 11.42 -20.56
CA TYR E 33 -46.92 11.93 -19.19
C TYR E 33 -47.94 11.20 -18.31
N TRP E 34 -47.47 10.53 -17.25
CA TRP E 34 -48.32 9.77 -16.34
C TRP E 34 -48.45 10.44 -14.98
N SER E 35 -49.70 10.65 -14.54
CA SER E 35 -50.01 11.31 -13.28
C SER E 35 -50.82 10.45 -12.31
N TRP E 36 -50.61 10.65 -11.01
CA TRP E 36 -51.33 9.95 -9.94
C TRP E 36 -52.31 10.92 -9.27
N LEU E 37 -53.54 10.44 -9.03
CA LEU E 37 -54.62 11.23 -8.42
C LEU E 37 -55.35 10.42 -7.34
N ARG E 38 -55.81 11.09 -6.27
CA ARG E 38 -56.53 10.44 -5.17
C ARG E 38 -57.91 11.04 -4.93
N GLN E 39 -58.89 10.19 -4.56
CA GLN E 39 -60.26 10.61 -4.30
C GLN E 39 -60.77 10.05 -2.97
N SER E 40 -61.32 10.94 -2.11
CA SER E 40 -61.87 10.60 -0.80
C SER E 40 -63.00 11.59 -0.43
N PRO E 41 -64.11 11.12 0.20
CA PRO E 41 -65.18 12.06 0.57
C PRO E 41 -64.72 13.07 1.62
N GLY E 42 -64.89 14.35 1.30
CA GLY E 42 -64.47 15.47 2.15
C GLY E 42 -63.27 16.20 1.60
N LYS E 43 -62.56 15.58 0.63
CA LYS E 43 -61.38 16.13 -0.04
C LYS E 43 -61.57 16.18 -1.55
N GLY E 44 -62.38 15.26 -2.08
CA GLY E 44 -62.69 15.15 -3.51
C GLY E 44 -61.51 14.67 -4.34
N LEU E 45 -61.47 15.06 -5.62
CA LEU E 45 -60.38 14.70 -6.53
C LEU E 45 -59.15 15.56 -6.24
N GLU E 46 -58.06 14.92 -5.79
CA GLU E 46 -56.80 15.58 -5.44
C GLU E 46 -55.68 15.08 -6.35
N TRP E 47 -55.04 16.00 -7.08
CA TRP E 47 -53.93 15.72 -7.98
C TRP E 47 -52.64 15.65 -7.17
N ILE E 48 -52.00 14.46 -7.15
CA ILE E 48 -50.75 14.23 -6.40
C ILE E 48 -49.54 14.77 -7.18
N GLY E 49 -49.40 14.35 -8.43
CA GLY E 49 -48.31 14.76 -9.30
C GLY E 49 -48.11 13.89 -10.51
N TYR E 50 -47.28 14.36 -11.47
CA TYR E 50 -46.97 13.63 -12.70
C TYR E 50 -45.51 13.18 -12.76
N ALA E 51 -45.21 12.23 -13.66
CA ALA E 51 -43.86 11.69 -13.89
C ALA E 51 -43.70 11.27 -15.36
N HIS E 52 -42.48 11.47 -15.90
CA HIS E 52 -42.15 11.12 -17.28
C HIS E 52 -40.86 10.30 -17.35
N SER E 53 -40.72 9.47 -18.40
CA SER E 53 -39.58 8.59 -18.64
C SER E 53 -38.28 9.35 -18.87
N ARG E 54 -38.36 10.53 -19.52
CA ARG E 54 -37.21 11.38 -19.85
C ARG E 54 -37.23 12.74 -19.13
N VAL E 55 -38.42 13.24 -18.80
CA VAL E 55 -38.62 14.53 -18.13
C VAL E 55 -38.83 14.33 -16.61
N SER E 56 -38.26 15.24 -15.78
CA SER E 56 -38.33 15.20 -14.32
C SER E 56 -39.76 15.32 -13.79
N ALA E 57 -40.06 14.58 -12.71
CA ALA E 57 -41.37 14.56 -12.05
C ALA E 57 -41.65 15.84 -11.27
N TYR E 58 -42.93 16.23 -11.20
CA TYR E 58 -43.42 17.41 -10.48
C TYR E 58 -44.59 17.01 -9.59
N TYR E 59 -44.62 17.51 -8.34
CA TYR E 59 -45.67 17.15 -7.37
C TYR E 59 -46.40 18.36 -6.76
N ASN E 60 -47.56 18.08 -6.13
CA ASN E 60 -48.42 19.06 -5.44
C ASN E 60 -47.70 19.50 -4.14
N PRO E 61 -47.66 20.81 -3.79
CA PRO E 61 -46.96 21.24 -2.56
C PRO E 61 -47.45 20.60 -1.26
N SER E 62 -48.70 20.10 -1.24
CA SER E 62 -49.31 19.44 -0.08
C SER E 62 -48.68 18.07 0.21
N LEU E 63 -48.15 17.39 -0.83
CA LEU E 63 -47.55 16.05 -0.72
C LEU E 63 -46.08 15.96 -1.17
N LYS E 64 -45.56 17.00 -1.86
CA LYS E 64 -44.20 17.11 -2.40
C LYS E 64 -43.08 16.63 -1.46
N SER E 65 -43.16 17.02 -0.17
CA SER E 65 -42.18 16.67 0.87
C SER E 65 -42.14 15.17 1.19
N ARG E 66 -43.25 14.44 0.96
CA ARG E 66 -43.35 13.02 1.26
C ARG E 66 -43.72 12.09 0.08
N VAL E 67 -43.89 12.66 -1.14
CA VAL E 67 -44.24 11.86 -2.32
C VAL E 67 -43.12 11.79 -3.38
N THR E 68 -42.95 10.61 -4.00
CA THR E 68 -41.96 10.34 -5.05
C THR E 68 -42.61 9.48 -6.14
N ILE E 69 -42.66 10.01 -7.37
CA ILE E 69 -43.25 9.30 -8.52
C ILE E 69 -42.18 9.11 -9.62
N SER E 70 -41.97 7.86 -10.04
CA SER E 70 -40.99 7.50 -11.07
C SER E 70 -41.56 6.58 -12.15
N VAL E 71 -40.98 6.66 -13.36
CA VAL E 71 -41.40 5.84 -14.52
C VAL E 71 -40.33 4.77 -14.80
N ASP E 72 -40.74 3.50 -14.78
CA ASP E 72 -39.87 2.35 -15.05
C ASP E 72 -40.19 1.80 -16.44
N THR E 73 -39.36 2.16 -17.44
CA THR E 73 -39.52 1.74 -18.84
C THR E 73 -39.32 0.24 -19.07
N SER E 74 -38.36 -0.37 -18.33
CA SER E 74 -38.05 -1.79 -18.42
C SER E 74 -39.19 -2.68 -17.91
N LYS E 75 -39.90 -2.21 -16.86
CA LYS E 75 -41.02 -2.93 -16.24
C LYS E 75 -42.40 -2.46 -16.73
N ASN E 76 -42.44 -1.35 -17.51
CA ASN E 76 -43.65 -0.70 -18.06
C ASN E 76 -44.65 -0.31 -16.96
N GLN E 77 -44.13 0.26 -15.85
CA GLN E 77 -44.94 0.66 -14.70
C GLN E 77 -44.50 1.98 -14.05
N ILE E 78 -45.47 2.71 -13.48
CA ILE E 78 -45.25 3.98 -12.77
C ILE E 78 -45.43 3.71 -11.27
N SER E 79 -44.36 3.94 -10.48
CA SER E 79 -44.37 3.70 -9.04
C SER E 79 -44.63 4.96 -8.24
N LEU E 80 -45.60 4.89 -7.30
CA LEU E 80 -45.97 5.97 -6.40
C LEU E 80 -45.47 5.62 -5.00
N ARG E 81 -44.66 6.51 -4.39
CA ARG E 81 -44.09 6.28 -3.06
C ARG E 81 -44.42 7.44 -2.11
N LEU E 82 -45.41 7.22 -1.22
CA LEU E 82 -45.84 8.20 -0.22
C LEU E 82 -45.36 7.76 1.17
N SER E 83 -44.51 8.60 1.80
CA SER E 83 -43.94 8.34 3.14
C SER E 83 -44.70 9.08 4.25
N ALA E 84 -44.49 8.68 5.53
CA ALA E 84 -45.13 9.23 6.74
C ALA E 84 -46.66 9.35 6.58
N VAL E 85 -47.27 8.24 6.14
CA VAL E 85 -48.72 8.10 5.87
C VAL E 85 -49.56 8.24 7.14
N THR E 86 -50.56 9.14 7.11
CA THR E 86 -51.50 9.41 8.20
C THR E 86 -52.92 8.96 7.81
N ALA E 87 -53.90 9.11 8.72
CA ALA E 87 -55.31 8.75 8.52
C ALA E 87 -55.98 9.55 7.40
N ALA E 88 -55.47 10.77 7.11
CA ALA E 88 -55.99 11.66 6.06
C ALA E 88 -55.68 11.14 4.65
N ASP E 89 -54.66 10.27 4.51
CA ASP E 89 -54.23 9.69 3.23
C ASP E 89 -55.14 8.54 2.73
N THR E 90 -56.18 8.17 3.53
CA THR E 90 -57.15 7.13 3.21
C THR E 90 -58.01 7.60 2.02
N ALA E 91 -57.63 7.17 0.80
CA ALA E 91 -58.32 7.56 -0.44
C ALA E 91 -58.22 6.48 -1.53
N LEU E 92 -59.01 6.66 -2.61
CA LEU E 92 -59.03 5.79 -3.79
C LEU E 92 -58.04 6.39 -4.79
N TYR E 93 -56.89 5.73 -4.97
CA TYR E 93 -55.80 6.17 -5.83
C TYR E 93 -55.96 5.74 -7.29
N TYR E 94 -55.94 6.72 -8.21
CA TYR E 94 -56.07 6.55 -9.65
C TYR E 94 -54.78 6.96 -10.35
N CYS E 95 -54.44 6.28 -11.46
CA CYS E 95 -53.30 6.66 -12.31
C CYS E 95 -53.85 7.04 -13.68
N ALA E 96 -53.56 8.26 -14.13
CA ALA E 96 -54.09 8.80 -15.38
C ALA E 96 -53.05 9.42 -16.30
N ARG E 97 -53.34 9.39 -17.62
CA ARG E 97 -52.49 9.96 -18.67
C ARG E 97 -52.74 11.47 -18.79
N GLN E 98 -51.76 12.28 -18.36
CA GLN E 98 -51.85 13.74 -18.42
C GLN E 98 -51.51 14.19 -19.83
N GLY E 99 -52.46 14.86 -20.48
CA GLY E 99 -52.35 15.35 -21.85
C GLY E 99 -51.34 16.45 -22.04
N THR E 100 -50.86 16.63 -23.29
CA THR E 100 -49.86 17.63 -23.66
C THR E 100 -50.30 18.56 -24.80
N GLY E 101 -50.81 17.95 -25.87
CA GLY E 101 -51.23 18.63 -27.09
C GLY E 101 -51.03 17.74 -28.28
N THR E 102 -49.87 17.05 -28.31
CA THR E 102 -49.50 16.06 -29.34
C THR E 102 -49.94 14.68 -28.87
N THR E 103 -49.93 14.46 -27.53
CA THR E 103 -50.34 13.22 -26.88
C THR E 103 -51.62 13.45 -26.08
N GLY E 104 -52.51 12.47 -26.09
CA GLY E 104 -53.79 12.53 -25.41
C GLY E 104 -54.84 13.25 -26.22
N VAL E 105 -55.46 14.29 -25.63
CA VAL E 105 -56.49 15.11 -26.26
C VAL E 105 -56.14 16.60 -26.25
N SER E 106 -55.70 17.12 -25.08
CA SER E 106 -55.31 18.51 -24.86
C SER E 106 -54.37 18.62 -23.65
N GLU E 107 -53.67 19.77 -23.53
CA GLU E 107 -52.73 20.08 -22.44
C GLU E 107 -53.37 19.96 -21.05
N ASP E 108 -52.75 19.14 -20.19
CA ASP E 108 -53.15 18.85 -18.80
C ASP E 108 -54.62 18.44 -18.63
N SER E 109 -55.05 17.44 -19.42
CA SER E 109 -56.40 16.88 -19.39
C SER E 109 -56.31 15.36 -19.39
N PHE E 110 -56.76 14.73 -18.28
CA PHE E 110 -56.71 13.29 -18.08
C PHE E 110 -57.79 12.57 -18.90
N ASP E 111 -57.38 12.01 -20.05
CA ASP E 111 -58.27 11.28 -20.97
C ASP E 111 -58.37 9.80 -20.60
N LEU E 112 -57.23 9.13 -20.38
CA LEU E 112 -57.17 7.72 -20.00
C LEU E 112 -56.98 7.60 -18.50
N TRP E 113 -57.95 6.95 -17.84
CA TRP E 113 -57.94 6.74 -16.39
C TRP E 113 -57.81 5.25 -16.04
N GLY E 114 -57.25 4.98 -14.87
CA GLY E 114 -57.08 3.62 -14.35
C GLY E 114 -58.32 3.11 -13.66
N GLN E 115 -58.27 1.86 -13.17
CA GLN E 115 -59.39 1.23 -12.47
C GLN E 115 -59.61 1.84 -11.09
N GLY E 116 -58.51 2.10 -10.37
CA GLY E 116 -58.52 2.68 -9.04
C GLY E 116 -58.19 1.69 -7.96
N THR E 117 -57.35 2.10 -6.99
CA THR E 117 -56.93 1.27 -5.86
C THR E 117 -57.30 1.89 -4.51
N LYS E 118 -58.16 1.20 -3.74
CA LYS E 118 -58.63 1.65 -2.42
C LYS E 118 -57.53 1.42 -1.38
N VAL E 119 -57.08 2.50 -0.73
CA VAL E 119 -56.03 2.46 0.30
C VAL E 119 -56.63 2.88 1.64
N ILE E 120 -56.56 1.98 2.64
CA ILE E 120 -57.07 2.19 3.99
C ILE E 120 -55.90 2.31 4.97
N VAL E 121 -55.89 3.38 5.80
CA VAL E 121 -54.83 3.66 6.77
C VAL E 121 -55.33 3.48 8.20
N SER E 122 -54.92 2.37 8.86
CA SER E 122 -55.28 2.03 10.25
C SER E 122 -54.39 0.93 10.83
N LEU E 123 -54.26 0.90 12.16
CA LEU E 123 -53.49 -0.10 12.91
C LEU E 123 -54.37 -1.33 13.25
N ALA E 124 -55.68 -1.23 12.93
CA ALA E 124 -56.70 -2.26 13.18
C ALA E 124 -56.38 -3.61 12.54
N SER E 125 -56.60 -4.69 13.31
CA SER E 125 -56.35 -6.07 12.89
C SER E 125 -57.51 -6.61 12.05
N THR E 126 -57.23 -7.57 11.16
CA THR E 126 -58.24 -8.19 10.30
C THR E 126 -59.19 -9.06 11.13
N LYS E 127 -60.45 -8.61 11.26
CA LYS E 127 -61.49 -9.29 12.03
C LYS E 127 -62.67 -9.69 11.15
N GLY E 128 -63.19 -10.88 11.40
CA GLY E 128 -64.36 -11.42 10.69
C GLY E 128 -65.64 -10.74 11.11
N PRO E 129 -66.66 -10.67 10.23
CA PRO E 129 -67.90 -9.97 10.62
C PRO E 129 -68.83 -10.79 11.51
N SER E 130 -69.36 -10.14 12.56
CA SER E 130 -70.30 -10.74 13.50
C SER E 130 -71.71 -10.38 13.01
N VAL E 131 -72.36 -11.33 12.32
CA VAL E 131 -73.69 -11.15 11.73
C VAL E 131 -74.80 -11.41 12.78
N PHE E 132 -75.68 -10.42 12.96
CA PHE E 132 -76.80 -10.48 13.90
C PHE E 132 -78.12 -10.24 13.15
N PRO E 133 -79.20 -11.01 13.43
CA PRO E 133 -80.46 -10.79 12.69
C PRO E 133 -81.31 -9.63 13.20
N LEU E 134 -81.92 -8.89 12.27
CA LEU E 134 -82.81 -7.77 12.56
C LEU E 134 -84.25 -8.28 12.30
N ALA E 135 -84.80 -8.99 13.29
CA ALA E 135 -86.12 -9.64 13.27
C ALA E 135 -87.29 -8.69 12.99
N PRO E 136 -88.27 -9.10 12.14
CA PRO E 136 -89.41 -8.21 11.86
C PRO E 136 -90.45 -8.18 12.99
N SER E 137 -90.97 -6.98 13.28
CA SER E 137 -91.97 -6.76 14.32
C SER E 137 -93.38 -7.10 13.84
N SER E 138 -94.26 -7.50 14.78
CA SER E 138 -95.66 -7.87 14.50
C SER E 138 -96.50 -6.65 14.15
N GLY E 143 -97.46 -1.13 6.23
CA GLY E 143 -98.83 -1.63 6.13
C GLY E 143 -98.91 -3.13 5.91
N GLY E 144 -99.07 -3.52 4.65
CA GLY E 144 -99.16 -4.92 4.23
C GLY E 144 -97.82 -5.63 4.11
N THR E 145 -96.72 -4.87 4.07
CA THR E 145 -95.35 -5.39 3.94
C THR E 145 -94.52 -5.11 5.19
N ALA E 146 -93.70 -6.10 5.61
CA ALA E 146 -92.83 -6.01 6.78
C ALA E 146 -91.36 -6.05 6.39
N ALA E 147 -90.50 -5.37 7.16
CA ALA E 147 -89.06 -5.30 6.89
C ALA E 147 -88.22 -6.12 7.88
N LEU E 148 -87.16 -6.77 7.36
CA LEU E 148 -86.20 -7.58 8.11
C LEU E 148 -84.81 -7.46 7.49
N GLY E 149 -83.77 -7.53 8.33
CA GLY E 149 -82.39 -7.41 7.88
C GLY E 149 -81.34 -8.16 8.66
N CYS E 150 -80.07 -7.85 8.36
CA CYS E 150 -78.87 -8.42 8.98
C CYS E 150 -77.89 -7.32 9.36
N LEU E 151 -77.39 -7.37 10.60
CA LEU E 151 -76.42 -6.40 11.11
C LEU E 151 -75.00 -6.96 11.03
N VAL E 152 -74.25 -6.51 10.00
CA VAL E 152 -72.87 -6.91 9.75
C VAL E 152 -72.02 -5.96 10.62
N LYS E 153 -71.78 -6.35 11.88
CA LYS E 153 -71.05 -5.54 12.86
C LYS E 153 -69.62 -6.03 13.13
N ASP E 154 -68.71 -5.06 13.34
CA ASP E 154 -67.29 -5.22 13.66
C ASP E 154 -66.49 -6.11 12.70
N TYR E 155 -65.99 -5.50 11.60
CA TYR E 155 -65.16 -6.14 10.59
C TYR E 155 -64.19 -5.15 9.96
N PHE E 156 -62.97 -5.61 9.65
CA PHE E 156 -61.93 -4.78 9.06
C PHE E 156 -61.02 -5.62 8.15
N PRO E 157 -60.66 -5.17 6.92
CA PRO E 157 -61.05 -3.91 6.26
C PRO E 157 -62.25 -4.09 5.30
N GLU E 158 -62.48 -3.08 4.44
CA GLU E 158 -63.54 -3.09 3.43
C GLU E 158 -63.07 -3.88 2.18
N PRO E 159 -63.96 -4.49 1.36
CA PRO E 159 -65.43 -4.49 1.39
C PRO E 159 -66.06 -5.76 1.97
N VAL E 160 -67.40 -5.89 1.83
CA VAL E 160 -68.18 -7.05 2.27
C VAL E 160 -69.31 -7.35 1.26
N THR E 161 -69.56 -8.64 0.97
CA THR E 161 -70.58 -9.06 0.01
C THR E 161 -71.79 -9.66 0.73
N VAL E 162 -72.93 -8.95 0.71
CA VAL E 162 -74.17 -9.39 1.35
C VAL E 162 -75.26 -9.66 0.29
N SER E 163 -75.83 -10.87 0.31
CA SER E 163 -76.89 -11.32 -0.60
C SER E 163 -77.97 -12.07 0.17
N TRP E 164 -79.23 -12.04 -0.31
CA TRP E 164 -80.35 -12.71 0.35
C TRP E 164 -80.82 -13.97 -0.37
N ASN E 165 -81.00 -15.06 0.42
CA ASN E 165 -81.43 -16.40 -0.03
C ASN E 165 -80.56 -16.97 -1.16
N SER E 166 -79.22 -16.83 -1.00
CA SER E 166 -78.17 -17.28 -1.93
C SER E 166 -78.30 -16.70 -3.35
N GLY E 167 -78.65 -15.41 -3.42
CA GLY E 167 -78.80 -14.68 -4.68
C GLY E 167 -80.18 -14.69 -5.30
N ALA E 168 -81.11 -15.51 -4.76
CA ALA E 168 -82.48 -15.63 -5.26
C ALA E 168 -83.32 -14.38 -4.99
N LEU E 169 -83.23 -13.83 -3.75
CA LEU E 169 -83.95 -12.62 -3.34
C LEU E 169 -83.14 -11.37 -3.70
N THR E 170 -83.69 -10.52 -4.58
CA THR E 170 -83.05 -9.29 -5.06
C THR E 170 -83.97 -8.07 -4.90
N SER E 171 -85.28 -8.25 -5.15
CA SER E 171 -86.28 -7.18 -5.04
C SER E 171 -86.53 -6.80 -3.58
N GLY E 172 -86.36 -5.52 -3.28
CA GLY E 172 -86.54 -4.96 -1.94
C GLY E 172 -85.28 -4.89 -1.10
N VAL E 173 -84.18 -5.52 -1.58
CA VAL E 173 -82.88 -5.57 -0.90
C VAL E 173 -82.21 -4.18 -0.94
N HIS E 174 -81.78 -3.70 0.24
CA HIS E 174 -81.10 -2.41 0.40
C HIS E 174 -79.84 -2.57 1.26
N THR E 175 -78.68 -2.76 0.61
CA THR E 175 -77.40 -2.91 1.29
C THR E 175 -76.77 -1.52 1.49
N PHE E 176 -76.84 -1.01 2.72
CA PHE E 176 -76.34 0.31 3.12
C PHE E 176 -74.82 0.38 3.15
N PRO E 177 -74.20 1.52 2.74
CA PRO E 177 -72.72 1.62 2.81
C PRO E 177 -72.17 1.53 4.23
N ALA E 178 -70.98 0.95 4.38
CA ALA E 178 -70.31 0.75 5.66
C ALA E 178 -69.91 2.04 6.37
N VAL E 179 -70.01 2.04 7.71
CA VAL E 179 -69.65 3.17 8.57
C VAL E 179 -68.51 2.81 9.52
N LEU E 180 -67.45 3.62 9.53
CA LEU E 180 -66.28 3.41 10.37
C LEU E 180 -66.58 3.81 11.82
N GLN E 181 -66.62 2.81 12.72
CA GLN E 181 -66.89 2.99 14.16
C GLN E 181 -65.66 3.54 14.89
N SER E 182 -65.86 3.97 16.16
CA SER E 182 -64.81 4.52 17.02
C SER E 182 -63.70 3.50 17.33
N SER E 183 -64.04 2.20 17.33
CA SER E 183 -63.13 1.08 17.57
C SER E 183 -62.17 0.83 16.40
N GLY E 184 -62.48 1.40 15.24
CA GLY E 184 -61.69 1.26 14.02
C GLY E 184 -62.22 0.21 13.08
N LEU E 185 -63.32 -0.47 13.48
CA LEU E 185 -63.98 -1.52 12.71
C LEU E 185 -65.20 -0.95 11.96
N TYR E 186 -65.65 -1.65 10.91
CA TYR E 186 -66.79 -1.24 10.09
C TYR E 186 -68.11 -1.86 10.54
N SER E 187 -69.21 -1.12 10.32
CA SER E 187 -70.58 -1.55 10.64
C SER E 187 -71.44 -1.40 9.39
N LEU E 188 -72.16 -2.48 9.02
CA LEU E 188 -73.00 -2.52 7.82
C LEU E 188 -74.37 -3.15 8.13
N SER E 189 -75.39 -2.76 7.36
CA SER E 189 -76.76 -3.26 7.48
C SER E 189 -77.39 -3.45 6.10
N SER E 190 -78.07 -4.59 5.89
CA SER E 190 -78.75 -4.92 4.64
C SER E 190 -80.18 -5.33 4.98
N VAL E 191 -81.17 -4.49 4.61
CA VAL E 191 -82.58 -4.70 4.91
C VAL E 191 -83.40 -5.00 3.65
N VAL E 192 -84.38 -5.92 3.76
CA VAL E 192 -85.26 -6.34 2.66
C VAL E 192 -86.76 -6.16 3.01
N THR E 193 -87.55 -5.67 2.04
CA THR E 193 -88.99 -5.45 2.18
C THR E 193 -89.75 -6.62 1.55
N VAL E 194 -90.49 -7.39 2.38
CA VAL E 194 -91.27 -8.57 1.98
C VAL E 194 -92.71 -8.52 2.54
N PRO E 195 -93.73 -9.16 1.91
CA PRO E 195 -95.09 -9.11 2.47
C PRO E 195 -95.25 -9.82 3.81
N SER E 196 -96.25 -9.40 4.61
CA SER E 196 -96.56 -9.95 5.93
C SER E 196 -97.02 -11.42 5.87
N SER E 197 -97.70 -11.81 4.77
CA SER E 197 -98.19 -13.17 4.53
C SER E 197 -97.05 -14.15 4.28
N SER E 198 -95.93 -13.66 3.72
CA SER E 198 -94.72 -14.44 3.42
C SER E 198 -93.98 -14.89 4.68
N LEU E 199 -94.16 -14.15 5.80
CA LEU E 199 -93.54 -14.45 7.10
C LEU E 199 -94.09 -15.75 7.68
N GLY E 200 -93.20 -16.67 8.03
CA GLY E 200 -93.55 -17.97 8.56
C GLY E 200 -93.50 -19.05 7.51
N THR E 201 -94.03 -18.76 6.30
CA THR E 201 -94.05 -19.67 5.16
C THR E 201 -92.70 -19.69 4.42
N GLN E 202 -92.09 -18.50 4.24
CA GLN E 202 -90.80 -18.33 3.55
C GLN E 202 -89.67 -18.08 4.56
N THR E 203 -88.56 -18.82 4.41
CA THR E 203 -87.38 -18.71 5.27
C THR E 203 -86.39 -17.73 4.64
N TYR E 204 -85.90 -16.75 5.44
CA TYR E 204 -84.97 -15.73 4.98
C TYR E 204 -83.59 -15.86 5.64
N ILE E 205 -82.55 -16.06 4.81
CA ILE E 205 -81.15 -16.22 5.25
C ILE E 205 -80.27 -15.24 4.46
N CYS E 206 -79.44 -14.46 5.18
CA CYS E 206 -78.51 -13.52 4.54
C CYS E 206 -77.11 -14.14 4.38
N ASN E 207 -76.55 -14.05 3.18
CA ASN E 207 -75.24 -14.62 2.86
C ASN E 207 -74.17 -13.52 2.88
N VAL E 208 -73.44 -13.43 4.00
CA VAL E 208 -72.39 -12.42 4.21
C VAL E 208 -71.02 -13.03 3.91
N ASP E 209 -70.30 -12.45 2.94
CA ASP E 209 -68.98 -12.90 2.51
C ASP E 209 -67.93 -11.81 2.71
N HIS E 210 -66.88 -12.12 3.50
CA HIS E 210 -65.77 -11.22 3.78
C HIS E 210 -64.47 -11.91 3.40
N LYS E 211 -63.95 -11.58 2.19
CA LYS E 211 -62.72 -12.14 1.63
C LYS E 211 -61.41 -11.89 2.40
N PRO E 212 -61.13 -10.68 2.98
CA PRO E 212 -59.85 -10.50 3.70
C PRO E 212 -59.68 -11.39 4.94
N SER E 213 -60.79 -11.80 5.58
CA SER E 213 -60.77 -12.67 6.75
C SER E 213 -61.07 -14.14 6.38
N ASN E 214 -61.49 -14.37 5.10
CA ASN E 214 -61.85 -15.67 4.51
C ASN E 214 -63.02 -16.33 5.26
N THR E 215 -64.06 -15.54 5.57
CA THR E 215 -65.23 -15.99 6.30
C THR E 215 -66.53 -15.80 5.53
N LYS E 216 -67.39 -16.84 5.54
CA LYS E 216 -68.70 -16.86 4.91
C LYS E 216 -69.72 -17.19 6.00
N VAL E 217 -70.43 -16.16 6.49
CA VAL E 217 -71.42 -16.31 7.56
C VAL E 217 -72.84 -16.24 7.00
N ASP E 218 -73.63 -17.30 7.24
CA ASP E 218 -75.02 -17.41 6.81
C ASP E 218 -75.91 -17.40 8.05
N LYS E 219 -76.70 -16.33 8.23
CA LYS E 219 -77.59 -16.16 9.38
C LYS E 219 -79.05 -16.09 8.96
N LYS E 220 -79.90 -16.90 9.60
CA LYS E 220 -81.35 -16.96 9.34
C LYS E 220 -82.12 -15.94 10.18
N VAL E 221 -82.99 -15.15 9.53
CA VAL E 221 -83.80 -14.11 10.18
C VAL E 221 -85.22 -14.62 10.42
N GLU E 222 -85.67 -14.59 11.69
CA GLU E 222 -87.00 -15.03 12.12
C GLU E 222 -87.46 -14.26 13.38
N PRO E 223 -88.76 -13.93 13.53
CA PRO E 223 -89.20 -13.19 14.72
C PRO E 223 -89.16 -14.02 16.01
N LYS E 224 -88.73 -13.39 17.12
CA LYS E 224 -88.60 -14.02 18.44
C LYS E 224 -89.95 -14.36 19.06
N GLU F 2 -53.08 28.58 -3.26
CA GLU F 2 -53.58 29.94 -3.36
C GLU F 2 -54.89 30.00 -4.15
N LEU F 3 -54.90 29.48 -5.40
CA LEU F 3 -56.07 29.46 -6.26
C LEU F 3 -57.06 28.38 -5.80
N GLN F 4 -58.31 28.78 -5.53
CA GLN F 4 -59.37 27.89 -5.07
C GLN F 4 -60.49 27.74 -6.12
N MET F 5 -60.90 26.50 -6.38
CA MET F 5 -61.95 26.17 -7.35
C MET F 5 -63.24 25.82 -6.62
N THR F 6 -64.24 26.69 -6.71
CA THR F 6 -65.55 26.52 -6.07
C THR F 6 -66.68 26.38 -7.09
N GLN F 7 -67.32 25.20 -7.13
CA GLN F 7 -68.43 24.94 -8.05
C GLN F 7 -69.78 24.83 -7.35
N SER F 8 -70.79 25.55 -7.88
CA SER F 8 -72.15 25.59 -7.34
C SER F 8 -73.18 25.04 -8.34
N PRO F 9 -74.19 24.26 -7.91
CA PRO F 9 -74.47 23.81 -6.54
C PRO F 9 -73.75 22.52 -6.13
N SER F 10 -73.95 22.06 -4.89
CA SER F 10 -73.36 20.83 -4.37
C SER F 10 -74.11 19.62 -4.92
N SER F 11 -75.45 19.73 -5.02
CA SER F 11 -76.36 18.71 -5.55
C SER F 11 -77.49 19.37 -6.33
N LEU F 12 -77.96 18.72 -7.41
CA LEU F 12 -79.02 19.25 -8.26
C LEU F 12 -80.06 18.18 -8.62
N SER F 13 -81.35 18.54 -8.46
CA SER F 13 -82.50 17.68 -8.75
C SER F 13 -83.21 18.14 -10.02
N ALA F 14 -83.26 17.26 -11.05
CA ALA F 14 -83.90 17.54 -12.33
C ALA F 14 -84.45 16.29 -13.04
N SER F 15 -85.50 16.49 -13.86
CA SER F 15 -86.16 15.44 -14.63
C SER F 15 -85.52 15.22 -16.00
N VAL F 16 -85.87 14.11 -16.67
CA VAL F 16 -85.39 13.76 -18.02
C VAL F 16 -85.98 14.72 -19.08
N GLY F 17 -85.09 15.43 -19.77
CA GLY F 17 -85.46 16.40 -20.80
C GLY F 17 -85.21 17.85 -20.44
N ASP F 18 -85.01 18.12 -19.12
CA ASP F 18 -84.75 19.45 -18.57
C ASP F 18 -83.38 20.01 -18.95
N ARG F 19 -83.23 21.35 -18.91
CA ARG F 19 -81.98 22.03 -19.20
C ARG F 19 -81.27 22.36 -17.88
N VAL F 20 -80.10 21.74 -17.64
CA VAL F 20 -79.32 21.92 -16.41
C VAL F 20 -78.14 22.87 -16.60
N THR F 21 -77.82 23.65 -15.55
CA THR F 21 -76.73 24.63 -15.55
C THR F 21 -75.80 24.40 -14.36
N ILE F 22 -74.55 23.98 -14.64
CA ILE F 22 -73.51 23.73 -13.63
C ILE F 22 -72.49 24.87 -13.72
N THR F 23 -72.30 25.61 -12.60
CA THR F 23 -71.37 26.74 -12.57
C THR F 23 -70.11 26.46 -11.75
N CYS F 24 -68.94 26.75 -12.35
CA CYS F 24 -67.61 26.58 -11.75
C CYS F 24 -66.95 27.95 -11.64
N ARG F 25 -66.58 28.36 -10.41
CA ARG F 25 -65.96 29.66 -10.15
C ARG F 25 -64.51 29.52 -9.69
N ALA F 26 -63.63 30.41 -10.21
CA ALA F 26 -62.21 30.46 -9.88
C ALA F 26 -61.88 31.78 -9.18
N SER F 27 -60.99 31.72 -8.16
CA SER F 27 -60.57 32.89 -7.38
C SER F 27 -59.66 33.86 -8.16
N GLN F 28 -59.00 33.35 -9.22
CA GLN F 28 -58.10 34.11 -10.09
C GLN F 28 -58.43 33.85 -11.57
N ASP F 29 -57.90 34.69 -12.49
CA ASP F 29 -58.11 34.54 -13.93
C ASP F 29 -57.35 33.32 -14.44
N ILE F 30 -58.08 32.39 -15.08
CA ILE F 30 -57.52 31.17 -15.67
C ILE F 30 -57.80 31.08 -17.18
N SER F 31 -58.39 32.16 -17.75
CA SER F 31 -58.76 32.34 -19.17
C SER F 31 -59.64 31.20 -19.72
N ILE F 32 -59.29 30.61 -20.87
CA ILE F 32 -60.03 29.52 -21.50
C ILE F 32 -59.52 28.12 -21.04
N ARG F 33 -58.62 28.10 -20.03
CA ARG F 33 -58.02 26.87 -19.52
C ARG F 33 -58.83 26.20 -18.39
N LEU F 34 -59.78 25.32 -18.76
CA LEU F 34 -60.63 24.56 -17.85
C LEU F 34 -61.12 23.25 -18.49
N ASN F 35 -61.26 22.18 -17.67
CA ASN F 35 -61.74 20.87 -18.12
C ASN F 35 -62.93 20.38 -17.29
N TRP F 36 -63.93 19.77 -17.95
CA TRP F 36 -65.13 19.21 -17.33
C TRP F 36 -65.11 17.68 -17.34
N TYR F 37 -65.48 17.07 -16.20
CA TYR F 37 -65.49 15.62 -16.02
C TYR F 37 -66.82 15.06 -15.53
N GLN F 38 -67.14 13.80 -15.93
CA GLN F 38 -68.34 13.07 -15.54
C GLN F 38 -67.91 11.81 -14.77
N GLN F 39 -68.51 11.59 -13.58
CA GLN F 39 -68.17 10.41 -12.78
C GLN F 39 -69.38 9.70 -12.21
N LYS F 40 -69.56 8.42 -12.60
CA LYS F 40 -70.62 7.53 -12.13
C LYS F 40 -70.09 6.74 -10.91
N PRO F 41 -70.96 6.34 -9.93
CA PRO F 41 -70.44 5.59 -8.77
C PRO F 41 -69.78 4.26 -9.11
N GLY F 42 -68.54 4.10 -8.63
CA GLY F 42 -67.73 2.92 -8.85
C GLY F 42 -66.75 3.04 -10.00
N LYS F 43 -67.14 3.80 -11.05
CA LYS F 43 -66.34 4.03 -12.26
C LYS F 43 -65.46 5.30 -12.18
N ALA F 44 -64.34 5.28 -12.92
CA ALA F 44 -63.36 6.37 -13.00
C ALA F 44 -63.93 7.60 -13.75
N PRO F 45 -63.44 8.85 -13.49
CA PRO F 45 -63.97 10.02 -14.22
C PRO F 45 -63.76 9.98 -15.73
N LYS F 46 -64.66 10.64 -16.48
CA LYS F 46 -64.65 10.70 -17.94
C LYS F 46 -64.68 12.16 -18.41
N LEU F 47 -63.70 12.57 -19.23
CA LEU F 47 -63.59 13.92 -19.77
C LEU F 47 -64.65 14.18 -20.85
N LEU F 48 -65.40 15.29 -20.71
CA LEU F 48 -66.45 15.68 -21.65
C LEU F 48 -66.05 16.92 -22.44
N ILE F 49 -65.69 18.00 -21.73
CA ILE F 49 -65.32 19.29 -22.33
C ILE F 49 -63.92 19.72 -21.88
N TYR F 50 -63.03 19.95 -22.86
CA TYR F 50 -61.67 20.43 -22.64
C TYR F 50 -61.53 21.84 -23.23
N ASP F 51 -60.57 22.63 -22.71
CA ASP F 51 -60.32 24.03 -23.11
C ASP F 51 -61.59 24.91 -22.98
N ALA F 52 -62.31 24.75 -21.84
CA ALA F 52 -63.53 25.44 -21.43
C ALA F 52 -64.78 25.32 -22.33
N SER F 53 -64.62 25.01 -23.64
CA SER F 53 -65.75 24.91 -24.57
C SER F 53 -65.68 23.74 -25.57
N THR F 54 -64.46 23.31 -25.96
CA THR F 54 -64.25 22.23 -26.94
C THR F 54 -64.69 20.87 -26.41
N LEU F 55 -65.55 20.17 -27.17
CA LEU F 55 -66.09 18.85 -26.80
C LEU F 55 -65.18 17.70 -27.21
N GLU F 56 -65.11 16.67 -26.36
CA GLU F 56 -64.30 15.46 -26.60
C GLU F 56 -65.04 14.53 -27.57
N SER F 57 -64.28 13.69 -28.30
CA SER F 57 -64.81 12.75 -29.30
C SER F 57 -65.74 11.71 -28.65
N GLY F 58 -66.96 11.61 -29.17
CA GLY F 58 -67.98 10.68 -28.68
C GLY F 58 -69.01 11.30 -27.77
N VAL F 59 -68.69 12.47 -27.18
CA VAL F 59 -69.57 13.21 -26.25
C VAL F 59 -70.76 13.82 -27.04
N PRO F 60 -72.03 13.52 -26.64
CA PRO F 60 -73.18 14.06 -27.39
C PRO F 60 -73.29 15.58 -27.46
N SER F 61 -74.00 16.08 -28.50
CA SER F 61 -74.23 17.50 -28.81
C SER F 61 -74.93 18.28 -27.69
N ARG F 62 -75.70 17.59 -26.83
CA ARG F 62 -76.42 18.19 -25.68
C ARG F 62 -75.49 18.88 -24.68
N PHE F 63 -74.30 18.31 -24.45
CA PHE F 63 -73.28 18.86 -23.56
C PHE F 63 -72.62 20.08 -24.21
N SER F 64 -72.48 21.18 -23.46
CA SER F 64 -71.87 22.42 -23.96
C SER F 64 -71.06 23.15 -22.89
N GLY F 65 -69.92 23.70 -23.30
CA GLY F 65 -69.02 24.43 -22.42
C GLY F 65 -69.03 25.92 -22.65
N SER F 66 -69.07 26.70 -21.55
CA SER F 66 -69.08 28.16 -21.56
C SER F 66 -68.23 28.74 -20.42
N GLY F 67 -67.84 30.01 -20.57
CA GLY F 67 -67.06 30.73 -19.58
C GLY F 67 -65.62 31.01 -19.96
N SER F 68 -65.07 32.10 -19.39
CA SER F 68 -63.69 32.56 -19.59
C SER F 68 -63.27 33.45 -18.42
N GLY F 69 -62.07 33.20 -17.90
CA GLY F 69 -61.50 33.97 -16.80
C GLY F 69 -61.77 33.41 -15.41
N THR F 70 -62.93 33.75 -14.81
CA THR F 70 -63.30 33.31 -13.47
C THR F 70 -64.57 32.46 -13.41
N ASP F 71 -65.67 32.93 -14.04
CA ASP F 71 -66.96 32.23 -14.07
C ASP F 71 -67.07 31.29 -15.27
N PHE F 72 -67.42 30.02 -15.02
CA PHE F 72 -67.55 28.98 -16.06
C PHE F 72 -68.90 28.27 -15.99
N THR F 73 -69.37 27.71 -17.12
CA THR F 73 -70.67 27.05 -17.23
C THR F 73 -70.64 25.73 -18.03
N LEU F 74 -71.35 24.72 -17.50
CA LEU F 74 -71.55 23.40 -18.09
C LEU F 74 -73.07 23.27 -18.32
N THR F 75 -73.50 23.13 -19.59
CA THR F 75 -74.93 23.05 -19.91
C THR F 75 -75.30 21.82 -20.73
N ILE F 76 -76.34 21.10 -20.28
CA ILE F 76 -76.91 19.94 -20.95
C ILE F 76 -78.32 20.37 -21.38
N SER F 77 -78.49 20.69 -22.69
CA SER F 77 -79.73 21.16 -23.30
C SER F 77 -80.95 20.29 -22.98
N SER F 78 -80.81 18.96 -23.13
CA SER F 78 -81.85 17.99 -22.82
C SER F 78 -81.24 16.85 -22.00
N LEU F 79 -81.63 16.78 -20.71
CA LEU F 79 -81.13 15.77 -19.79
C LEU F 79 -81.63 14.38 -20.15
N GLN F 80 -80.75 13.37 -20.00
CA GLN F 80 -81.03 11.96 -20.33
C GLN F 80 -80.73 11.04 -19.13
N PRO F 81 -81.30 9.79 -19.06
CA PRO F 81 -80.99 8.91 -17.92
C PRO F 81 -79.51 8.53 -17.78
N GLU F 82 -78.74 8.60 -18.89
CA GLU F 82 -77.32 8.31 -18.96
C GLU F 82 -76.49 9.44 -18.32
N ASP F 83 -77.03 10.67 -18.32
CA ASP F 83 -76.40 11.88 -17.80
C ASP F 83 -76.40 12.04 -16.27
N PHE F 84 -77.19 11.22 -15.55
CA PHE F 84 -77.25 11.29 -14.09
C PHE F 84 -75.99 10.75 -13.41
N ALA F 85 -75.04 11.67 -13.13
CA ALA F 85 -73.74 11.39 -12.49
C ALA F 85 -73.17 12.65 -11.82
N THR F 86 -72.04 12.52 -11.11
CA THR F 86 -71.37 13.63 -10.43
C THR F 86 -70.46 14.35 -11.45
N TYR F 87 -70.55 15.69 -11.50
CA TYR F 87 -69.77 16.52 -12.42
C TYR F 87 -68.69 17.34 -11.72
N TYR F 88 -67.45 17.28 -12.23
CA TYR F 88 -66.29 17.99 -11.68
C TYR F 88 -65.64 18.94 -12.70
N CYS F 89 -65.05 20.03 -12.20
CA CYS F 89 -64.34 21.02 -13.02
C CYS F 89 -62.91 21.21 -12.53
N GLN F 90 -61.94 21.23 -13.45
CA GLN F 90 -60.52 21.41 -13.10
C GLN F 90 -59.82 22.48 -13.93
N GLN F 91 -58.83 23.16 -13.32
CA GLN F 91 -58.05 24.22 -13.95
C GLN F 91 -56.66 23.73 -14.35
N PHE F 92 -56.05 24.37 -15.37
CA PHE F 92 -54.71 24.03 -15.83
C PHE F 92 -53.84 25.22 -16.24
N ASN F 93 -54.23 26.42 -15.77
CA ASN F 93 -53.50 27.68 -16.01
C ASN F 93 -52.31 27.80 -15.05
N SER F 94 -52.51 27.41 -13.77
CA SER F 94 -51.47 27.46 -12.75
C SER F 94 -51.41 26.16 -11.95
N TYR F 95 -50.19 25.78 -11.52
CA TYR F 95 -49.94 24.56 -10.74
C TYR F 95 -50.00 24.82 -9.22
N PRO F 96 -50.49 23.87 -8.38
CA PRO F 96 -50.98 22.51 -8.70
C PRO F 96 -52.36 22.48 -9.35
N LEU F 97 -52.65 21.39 -10.09
CA LEU F 97 -53.93 21.18 -10.77
C LEU F 97 -55.00 20.89 -9.72
N THR F 98 -55.96 21.82 -9.56
CA THR F 98 -57.03 21.70 -8.57
C THR F 98 -58.39 21.40 -9.19
N PHE F 99 -59.17 20.54 -8.52
CA PHE F 99 -60.52 20.12 -8.92
C PHE F 99 -61.59 20.80 -8.05
N GLY F 100 -62.80 20.90 -8.60
CA GLY F 100 -63.94 21.50 -7.92
C GLY F 100 -64.56 20.59 -6.87
N GLY F 101 -65.56 21.12 -6.17
CA GLY F 101 -66.29 20.42 -5.12
C GLY F 101 -67.07 19.21 -5.59
N GLY F 102 -67.72 19.35 -6.74
CA GLY F 102 -68.54 18.31 -7.36
C GLY F 102 -70.02 18.61 -7.32
N THR F 103 -70.72 18.32 -8.43
CA THR F 103 -72.16 18.53 -8.56
C THR F 103 -72.86 17.23 -8.96
N LYS F 104 -73.60 16.63 -8.01
CA LYS F 104 -74.33 15.38 -8.23
C LYS F 104 -75.71 15.70 -8.84
N VAL F 105 -75.96 15.20 -10.05
CA VAL F 105 -77.22 15.40 -10.76
C VAL F 105 -78.12 14.18 -10.48
N GLU F 106 -79.17 14.41 -9.67
CA GLU F 106 -80.14 13.39 -9.26
C GLU F 106 -81.48 13.52 -9.99
N ILE F 107 -82.22 12.40 -10.10
CA ILE F 107 -83.52 12.32 -10.74
C ILE F 107 -84.59 12.98 -9.87
N LYS F 108 -85.38 13.92 -10.45
CA LYS F 108 -86.47 14.62 -9.78
C LYS F 108 -87.64 13.66 -9.63
N ARG F 109 -88.08 13.46 -8.38
CA ARG F 109 -89.15 12.54 -8.01
C ARG F 109 -90.22 13.26 -7.17
N THR F 110 -91.47 12.74 -7.17
CA THR F 110 -92.57 13.27 -6.38
C THR F 110 -92.31 12.98 -4.91
N VAL F 111 -92.54 13.98 -4.03
CA VAL F 111 -92.31 13.89 -2.58
C VAL F 111 -92.99 12.69 -1.91
N ALA F 112 -92.18 11.76 -1.36
CA ALA F 112 -92.63 10.54 -0.71
C ALA F 112 -92.12 10.43 0.73
N ALA F 113 -93.03 10.07 1.65
CA ALA F 113 -92.74 9.92 3.09
C ALA F 113 -92.00 8.59 3.38
N PRO F 114 -91.01 8.56 4.31
CA PRO F 114 -90.31 7.30 4.58
C PRO F 114 -91.09 6.32 5.43
N SER F 115 -90.95 5.01 5.12
CA SER F 115 -91.57 3.93 5.87
C SER F 115 -90.61 3.58 7.01
N VAL F 116 -90.87 4.11 8.20
CA VAL F 116 -90.01 3.96 9.38
C VAL F 116 -90.23 2.63 10.12
N PHE F 117 -89.12 1.93 10.41
CA PHE F 117 -89.10 0.65 11.12
C PHE F 117 -87.99 0.66 12.19
N ILE F 118 -88.31 0.18 13.40
CA ILE F 118 -87.35 0.08 14.51
C ILE F 118 -86.99 -1.39 14.78
N PHE F 119 -85.69 -1.67 14.94
CA PHE F 119 -85.20 -3.03 15.19
C PHE F 119 -84.51 -3.17 16.55
N PRO F 120 -85.02 -4.05 17.46
CA PRO F 120 -84.37 -4.21 18.76
C PRO F 120 -83.10 -5.07 18.69
N PRO F 121 -82.08 -4.87 19.56
CA PRO F 121 -80.87 -5.71 19.49
C PRO F 121 -81.14 -7.17 19.86
N SER F 122 -80.61 -8.10 19.03
CA SER F 122 -80.77 -9.55 19.20
C SER F 122 -80.07 -10.06 20.47
N ASP F 123 -80.56 -11.21 20.99
CA ASP F 123 -80.03 -11.88 22.19
C ASP F 123 -78.59 -12.36 22.00
N GLU F 124 -78.22 -12.66 20.74
CA GLU F 124 -76.88 -13.10 20.32
C GLU F 124 -75.86 -11.98 20.53
N GLN F 125 -76.26 -10.72 20.22
CA GLN F 125 -75.44 -9.53 20.38
C GLN F 125 -75.28 -9.16 21.86
N LEU F 126 -76.36 -9.31 22.64
CA LEU F 126 -76.42 -9.01 24.08
C LEU F 126 -75.47 -9.89 24.90
N LYS F 127 -75.17 -11.11 24.40
CA LYS F 127 -74.26 -12.08 25.02
C LYS F 127 -72.81 -11.57 24.94
N SER F 128 -72.47 -10.86 23.85
CA SER F 128 -71.13 -10.28 23.61
C SER F 128 -70.83 -9.10 24.53
N GLY F 129 -71.88 -8.35 24.90
CA GLY F 129 -71.77 -7.19 25.78
C GLY F 129 -72.14 -5.87 25.15
N THR F 130 -72.54 -5.89 23.86
CA THR F 130 -72.93 -4.71 23.10
C THR F 130 -74.36 -4.83 22.54
N ALA F 131 -75.08 -3.70 22.47
CA ALA F 131 -76.45 -3.63 21.95
C ALA F 131 -76.57 -2.54 20.88
N SER F 132 -77.04 -2.92 19.69
CA SER F 132 -77.20 -2.01 18.56
C SER F 132 -78.66 -1.91 18.14
N VAL F 133 -79.21 -0.68 18.12
CA VAL F 133 -80.59 -0.42 17.73
C VAL F 133 -80.60 0.21 16.34
N ALA F 134 -81.12 -0.52 15.34
CA ALA F 134 -81.18 -0.07 13.95
C ALA F 134 -82.55 0.52 13.61
N CYS F 135 -82.54 1.70 12.96
CA CYS F 135 -83.76 2.41 12.56
C CYS F 135 -83.77 2.59 11.03
N LEU F 136 -84.68 1.88 10.36
CA LEU F 136 -84.84 1.91 8.90
C LEU F 136 -85.78 3.03 8.45
N LEU F 137 -85.41 3.70 7.35
CA LEU F 137 -86.17 4.75 6.68
C LEU F 137 -86.26 4.34 5.21
N ASN F 138 -87.10 3.32 4.94
CA ASN F 138 -87.25 2.75 3.60
C ASN F 138 -88.04 3.61 2.61
N ASN F 139 -87.45 3.83 1.41
CA ASN F 139 -87.99 4.56 0.27
C ASN F 139 -88.57 5.96 0.54
N PHE F 140 -87.77 7.01 0.30
CA PHE F 140 -88.19 8.41 0.49
C PHE F 140 -87.52 9.39 -0.47
N TYR F 141 -88.17 10.55 -0.69
CA TYR F 141 -87.67 11.65 -1.52
C TYR F 141 -88.18 13.00 -0.96
N PRO F 142 -87.33 14.04 -0.80
CA PRO F 142 -85.88 14.10 -1.11
C PRO F 142 -84.98 13.45 -0.05
N ARG F 143 -83.65 13.44 -0.31
CA ARG F 143 -82.60 12.88 0.54
C ARG F 143 -82.57 13.49 1.96
N GLU F 144 -82.95 14.78 2.07
CA GLU F 144 -82.97 15.56 3.31
C GLU F 144 -83.92 14.95 4.37
N ALA F 145 -83.34 14.29 5.38
CA ALA F 145 -84.06 13.65 6.48
C ALA F 145 -83.27 13.73 7.80
N LYS F 146 -83.99 13.95 8.91
CA LYS F 146 -83.39 14.06 10.25
C LYS F 146 -83.83 12.91 11.15
N VAL F 147 -82.84 12.25 11.81
CA VAL F 147 -83.08 11.12 12.71
C VAL F 147 -82.56 11.48 14.12
N GLN F 148 -83.45 11.38 15.13
CA GLN F 148 -83.12 11.67 16.53
C GLN F 148 -83.40 10.45 17.41
N TRP F 149 -82.43 10.08 18.27
CA TRP F 149 -82.52 8.94 19.18
C TRP F 149 -82.92 9.34 20.59
N LYS F 150 -83.78 8.51 21.22
CA LYS F 150 -84.26 8.71 22.58
C LYS F 150 -84.11 7.44 23.43
N VAL F 151 -83.14 7.46 24.38
CA VAL F 151 -82.81 6.35 25.27
C VAL F 151 -83.94 6.03 26.27
N ASP F 152 -84.59 7.09 26.81
CA ASP F 152 -85.72 7.07 27.75
C ASP F 152 -86.26 8.50 27.81
N ASN F 153 -86.77 8.99 26.65
CA ASN F 153 -87.28 10.33 26.40
C ASN F 153 -86.18 11.43 26.35
N ALA F 154 -84.93 11.04 26.63
CA ALA F 154 -83.76 11.93 26.59
C ALA F 154 -83.04 11.81 25.25
N LEU F 155 -82.79 12.96 24.60
CA LEU F 155 -82.12 13.06 23.29
C LEU F 155 -80.68 12.55 23.34
N GLN F 156 -80.31 11.71 22.36
CA GLN F 156 -78.98 11.12 22.25
C GLN F 156 -78.16 11.81 21.16
N SER F 157 -76.99 12.34 21.55
CA SER F 157 -76.07 13.06 20.66
C SER F 157 -75.04 12.13 20.02
N GLY F 158 -74.32 11.38 20.85
CA GLY F 158 -73.30 10.44 20.41
C GLY F 158 -73.85 9.06 20.12
N ASN F 159 -72.96 8.09 19.84
CA ASN F 159 -73.25 6.67 19.54
C ASN F 159 -74.13 6.42 18.29
N SER F 160 -74.49 7.49 17.55
CA SER F 160 -75.32 7.42 16.34
C SER F 160 -74.49 7.49 15.07
N GLN F 161 -74.77 6.58 14.12
CA GLN F 161 -74.10 6.51 12.82
C GLN F 161 -75.12 6.33 11.71
N GLU F 162 -75.21 7.33 10.80
CA GLU F 162 -76.15 7.33 9.68
C GLU F 162 -75.50 6.88 8.38
N SER F 163 -76.26 6.13 7.56
CA SER F 163 -75.82 5.61 6.26
C SER F 163 -76.96 5.70 5.24
N VAL F 164 -76.70 6.38 4.11
CA VAL F 164 -77.69 6.59 3.05
C VAL F 164 -77.30 5.86 1.76
N THR F 165 -78.24 5.10 1.17
CA THR F 165 -78.05 4.39 -0.10
C THR F 165 -78.21 5.37 -1.26
N GLU F 166 -77.63 5.01 -2.43
CA GLU F 166 -77.72 5.82 -3.65
C GLU F 166 -79.15 5.73 -4.23
N GLN F 167 -79.55 6.74 -5.04
CA GLN F 167 -80.88 6.81 -5.66
C GLN F 167 -81.20 5.53 -6.45
N ASP F 168 -82.28 4.84 -6.04
CA ASP F 168 -82.75 3.58 -6.60
C ASP F 168 -83.08 3.67 -8.10
N SER F 169 -82.83 2.57 -8.83
CA SER F 169 -83.07 2.49 -10.28
C SER F 169 -84.55 2.38 -10.62
N LYS F 170 -85.36 1.70 -9.78
CA LYS F 170 -86.79 1.49 -9.99
C LYS F 170 -87.69 2.67 -9.62
N ASP F 171 -87.75 3.03 -8.32
CA ASP F 171 -88.62 4.10 -7.80
C ASP F 171 -87.96 5.48 -7.58
N ASN F 172 -86.62 5.58 -7.79
CA ASN F 172 -85.82 6.80 -7.63
C ASN F 172 -85.90 7.42 -6.21
N THR F 173 -85.91 6.55 -5.18
CA THR F 173 -85.99 6.95 -3.77
C THR F 173 -84.74 6.54 -2.99
N TYR F 174 -84.50 7.24 -1.87
CA TYR F 174 -83.36 6.99 -0.97
C TYR F 174 -83.79 6.20 0.26
N SER F 175 -82.82 5.61 0.98
CA SER F 175 -83.05 4.84 2.20
C SER F 175 -81.98 5.16 3.24
N LEU F 176 -82.38 5.32 4.51
CA LEU F 176 -81.49 5.65 5.62
C LEU F 176 -81.54 4.59 6.73
N SER F 177 -80.37 4.28 7.33
CA SER F 177 -80.25 3.32 8.42
C SER F 177 -79.34 3.87 9.53
N SER F 178 -79.96 4.33 10.64
CA SER F 178 -79.25 4.88 11.79
C SER F 178 -79.07 3.79 12.86
N THR F 179 -77.84 3.65 13.37
CA THR F 179 -77.51 2.64 14.38
C THR F 179 -77.02 3.29 15.68
N LEU F 180 -77.72 3.00 16.80
CA LEU F 180 -77.40 3.49 18.13
C LEU F 180 -76.70 2.36 18.89
N THR F 181 -75.38 2.51 19.10
CA THR F 181 -74.54 1.51 19.77
C THR F 181 -74.34 1.80 21.27
N LEU F 182 -74.94 0.95 22.12
CA LEU F 182 -74.86 1.05 23.58
C LEU F 182 -74.36 -0.25 24.19
N SER F 183 -73.71 -0.18 25.38
CA SER F 183 -73.21 -1.36 26.08
C SER F 183 -74.35 -2.14 26.74
N LYS F 184 -74.10 -3.39 27.16
CA LYS F 184 -75.08 -4.28 27.81
C LYS F 184 -75.63 -3.66 29.11
N ALA F 185 -74.75 -3.02 29.90
CA ALA F 185 -75.10 -2.36 31.16
C ALA F 185 -75.97 -1.12 30.93
N ASP F 186 -75.65 -0.33 29.88
CA ASP F 186 -76.39 0.88 29.51
C ASP F 186 -77.74 0.56 28.87
N TYR F 187 -77.84 -0.56 28.13
CA TYR F 187 -79.08 -0.99 27.49
C TYR F 187 -80.12 -1.48 28.50
N GLU F 188 -79.69 -2.33 29.46
CA GLU F 188 -80.54 -2.90 30.51
C GLU F 188 -80.96 -1.88 31.57
N LYS F 189 -80.32 -0.68 31.57
CA LYS F 189 -80.58 0.42 32.50
C LYS F 189 -81.83 1.24 32.09
N HIS F 190 -82.20 1.20 30.79
CA HIS F 190 -83.34 1.96 30.25
C HIS F 190 -84.45 1.06 29.69
N LYS F 191 -85.68 1.60 29.57
CA LYS F 191 -86.86 0.86 29.10
C LYS F 191 -87.30 1.17 27.66
N VAL F 192 -87.94 2.34 27.42
CA VAL F 192 -88.45 2.75 26.11
C VAL F 192 -87.42 3.39 25.17
N TYR F 193 -87.15 2.73 24.04
CA TYR F 193 -86.20 3.20 23.02
C TYR F 193 -86.97 3.71 21.81
N ALA F 194 -86.83 5.02 21.52
CA ALA F 194 -87.55 5.68 20.43
C ALA F 194 -86.63 6.21 19.32
N CYS F 195 -87.18 6.27 18.09
CA CYS F 195 -86.51 6.76 16.89
C CYS F 195 -87.41 7.81 16.21
N GLU F 196 -87.07 9.10 16.36
CA GLU F 196 -87.83 10.21 15.78
C GLU F 196 -87.31 10.54 14.38
N VAL F 197 -88.22 10.56 13.39
CA VAL F 197 -87.90 10.82 11.99
C VAL F 197 -88.59 12.11 11.50
N THR F 198 -87.79 13.07 11.01
CA THR F 198 -88.27 14.34 10.46
C THR F 198 -88.02 14.36 8.95
N HIS F 199 -89.09 14.49 8.15
CA HIS F 199 -89.03 14.51 6.68
C HIS F 199 -90.11 15.40 6.07
N GLN F 200 -89.85 15.90 4.84
CA GLN F 200 -90.74 16.78 4.06
C GLN F 200 -92.09 16.11 3.73
N GLY F 201 -92.06 14.81 3.43
CA GLY F 201 -93.24 14.02 3.09
C GLY F 201 -94.20 13.82 4.24
N LEU F 202 -93.67 13.75 5.46
CA LEU F 202 -94.45 13.58 6.70
C LEU F 202 -94.99 14.93 7.17
N SER F 203 -96.21 14.93 7.75
CA SER F 203 -96.83 16.15 8.28
C SER F 203 -96.09 16.62 9.53
N SER F 204 -96.02 15.77 10.57
CA SER F 204 -95.31 16.02 11.81
C SER F 204 -94.31 14.86 12.05
N PRO F 205 -93.21 15.06 12.84
CA PRO F 205 -92.23 13.97 13.02
C PRO F 205 -92.78 12.67 13.59
N VAL F 206 -92.70 11.58 12.80
CA VAL F 206 -93.16 10.25 13.18
C VAL F 206 -92.13 9.56 14.09
N THR F 207 -92.60 8.88 15.14
CA THR F 207 -91.72 8.21 16.11
C THR F 207 -92.10 6.73 16.28
N LYS F 208 -91.15 5.83 15.93
CA LYS F 208 -91.30 4.39 16.08
C LYS F 208 -90.53 3.96 17.32
N SER F 209 -91.23 3.35 18.29
CA SER F 209 -90.63 2.96 19.57
C SER F 209 -90.99 1.55 20.03
N PHE F 210 -90.19 1.02 20.98
CA PHE F 210 -90.36 -0.30 21.60
C PHE F 210 -89.91 -0.27 23.06
N ASN F 211 -90.47 -1.17 23.88
CA ASN F 211 -90.12 -1.30 25.30
C ASN F 211 -89.21 -2.53 25.49
N ARG F 212 -88.23 -2.43 26.41
CA ARG F 212 -87.27 -3.49 26.69
C ARG F 212 -87.93 -4.75 27.28
N GLY F 213 -87.81 -5.87 26.55
CA GLY F 213 -88.35 -7.16 26.93
C GLY F 213 -89.86 -7.24 26.91
N GLU F 214 -90.48 -6.97 25.74
CA GLU F 214 -91.93 -7.01 25.55
C GLU F 214 -92.35 -7.64 24.23
N CYS F 215 -93.61 -8.16 24.19
CA CYS F 215 -94.27 -8.84 23.06
C CYS F 215 -93.46 -9.87 22.24
C1 NAG G . 1.70 -20.85 -1.68
C2 NAG G . 0.74 -21.99 -1.21
C3 NAG G . 0.01 -21.57 0.10
C4 NAG G . 0.95 -20.95 1.17
C5 NAG G . 1.85 -19.87 0.52
C6 NAG G . 2.88 -19.27 1.50
C7 NAG G . -0.13 -23.49 -3.05
C8 NAG G . -1.25 -23.66 -4.03
N2 NAG G . -0.24 -22.36 -2.25
O3 NAG G . -0.70 -22.70 0.64
O4 NAG G . 0.16 -20.33 2.20
O5 NAG G . 2.56 -20.41 -0.61
O6 NAG G . 3.71 -20.30 2.06
O7 NAG G . 0.78 -24.31 -2.98
C1 NAG H . -0.90 20.22 8.61
C2 NAG H . -0.42 21.32 9.61
C3 NAG H . -0.24 20.74 11.05
C4 NAG H . -1.40 19.80 11.49
C5 NAG H . -1.71 18.78 10.36
C6 NAG H . -2.88 17.85 10.71
C7 NAG H . 0.95 23.18 8.55
C8 NAG H . 2.37 23.56 8.22
N2 NAG H . 0.84 21.97 9.18
O3 NAG H . -0.10 21.85 11.96
O4 NAG H . -0.99 19.10 12.68
O5 NAG H . -2.01 19.47 9.12
O6 NAG H . -4.06 18.60 10.98
O7 NAG H . -0.03 23.89 8.27
#